data_4MIS
# 
_entry.id   4MIS 
# 
_audit_conform.dict_name       mmcif_pdbx.dic 
_audit_conform.dict_version    5.399 
_audit_conform.dict_location   http://mmcif.pdb.org/dictionaries/ascii/mmcif_pdbx.dic 
# 
loop_
_database_2.database_id 
_database_2.database_code 
_database_2.pdbx_database_accession 
_database_2.pdbx_DOI 
PDB   4MIS         pdb_00004mis 10.2210/pdb4mis/pdb 
RCSB  RCSB081962   ?            ?                   
WWPDB D_1000081962 ?            ?                   
# 
loop_
_pdbx_audit_revision_history.ordinal 
_pdbx_audit_revision_history.data_content_type 
_pdbx_audit_revision_history.major_revision 
_pdbx_audit_revision_history.minor_revision 
_pdbx_audit_revision_history.revision_date 
1 'Structure model' 1 0 2014-07-16 
2 'Structure model' 1 1 2024-11-20 
# 
_pdbx_audit_revision_details.ordinal             1 
_pdbx_audit_revision_details.revision_ordinal    1 
_pdbx_audit_revision_details.data_content_type   'Structure model' 
_pdbx_audit_revision_details.provider            repository 
_pdbx_audit_revision_details.type                'Initial release' 
_pdbx_audit_revision_details.description         ? 
_pdbx_audit_revision_details.details             ? 
# 
loop_
_pdbx_audit_revision_group.ordinal 
_pdbx_audit_revision_group.revision_ordinal 
_pdbx_audit_revision_group.data_content_type 
_pdbx_audit_revision_group.group 
1 2 'Structure model' 'Data collection'     
2 2 'Structure model' 'Database references' 
3 2 'Structure model' 'Structure summary'   
# 
loop_
_pdbx_audit_revision_category.ordinal 
_pdbx_audit_revision_category.revision_ordinal 
_pdbx_audit_revision_category.data_content_type 
_pdbx_audit_revision_category.category 
1 2 'Structure model' chem_comp_atom            
2 2 'Structure model' chem_comp_bond            
3 2 'Structure model' database_2                
4 2 'Structure model' pdbx_entry_details        
5 2 'Structure model' pdbx_modification_feature 
6 2 'Structure model' struct_ref_seq_dif        
# 
loop_
_pdbx_audit_revision_item.ordinal 
_pdbx_audit_revision_item.revision_ordinal 
_pdbx_audit_revision_item.data_content_type 
_pdbx_audit_revision_item.item 
1 2 'Structure model' '_database_2.pdbx_DOI'                
2 2 'Structure model' '_database_2.pdbx_database_accession' 
3 2 'Structure model' '_struct_ref_seq_dif.details'         
# 
_pdbx_database_status.status_code                     REL 
_pdbx_database_status.entry_id                        4MIS 
_pdbx_database_status.recvd_initial_deposition_date   2013-09-02 
_pdbx_database_status.deposit_site                    RCSB 
_pdbx_database_status.process_site                    PDBJ 
_pdbx_database_status.methods_development_category    ? 
_pdbx_database_status.status_code_sf                  REL 
_pdbx_database_status.status_code_mr                  ? 
_pdbx_database_status.SG_entry                        ? 
_pdbx_database_status.status_code_cs                  ? 
_pdbx_database_status.pdb_format_compatible           Y 
_pdbx_database_status.status_code_nmr_data            ? 
# 
_pdbx_database_related.db_name        PDB 
_pdbx_database_related.db_id          4MIR 
_pdbx_database_related.details        . 
_pdbx_database_related.content_type   unspecified 
# 
loop_
_audit_author.name 
_audit_author.pdbx_ordinal 
'Ha, N.C.'  1 
'Um, S.H.'  2 
'Kim, J.S.' 3 
# 
_citation.id                        primary 
_citation.title                     'Structural basis for the inhibition of human lysozyme by PliC from Brucella abortus' 
_citation.journal_abbrev            Biochemistry 
_citation.journal_volume            52 
_citation.page_first                9385 
_citation.page_last                 9393 
_citation.year                      2013 
_citation.journal_id_ASTM           BICHAW 
_citation.country                   US 
_citation.journal_id_ISSN           0006-2960 
_citation.journal_id_CSD            0033 
_citation.book_publisher            ? 
_citation.pdbx_database_id_PubMed   24308818 
_citation.pdbx_database_id_DOI      10.1021/bi401241c 
# 
loop_
_citation_author.citation_id 
_citation_author.name 
_citation_author.ordinal 
_citation_author.identifier_ORCID 
primary 'Um, S.H.'  1 ? 
primary 'Kim, J.S.' 2 ? 
primary 'Kim, K.'   3 ? 
primary 'Kim, N.'   4 ? 
primary 'Cho, H.S.' 5 ? 
primary 'Ha, N.C.'  6 ? 
# 
loop_
_entity.id 
_entity.type 
_entity.src_method 
_entity.pdbx_description 
_entity.formula_weight 
_entity.pdbx_number_of_molecules 
_entity.pdbx_ec 
_entity.pdbx_mutation 
_entity.pdbx_fragment 
_entity.details 
1 polymer man 'Putative uncharacterized protein' 10646.972 2   ? ? 'UNP residues 27-121' ? 
2 water   nat water                              18.015    111 ? ? ?                     ? 
# 
_entity_poly.entity_id                      1 
_entity_poly.type                           'polypeptide(L)' 
_entity_poly.nstd_linkage                   no 
_entity_poly.nstd_monomer                   no 
_entity_poly.pdbx_seq_one_letter_code       
;GAMGEITIKLPDSVKVSTNSILYKCGAKDLSVTYYNAGDISLAKLELEDETVVASNVISGSGAKYAGSVYIWWTKGKTAS
LYNLIDNPEEDKPISCVEQ
;
_entity_poly.pdbx_seq_one_letter_code_can   
;GAMGEITIKLPDSVKVSTNSILYKCGAKDLSVTYYNAGDISLAKLELEDETVVASNVISGSGAKYAGSVYIWWTKGKTAS
LYNLIDNPEEDKPISCVEQ
;
_entity_poly.pdbx_strand_id                 A,B 
_entity_poly.pdbx_target_identifier         ? 
# 
_pdbx_entity_nonpoly.entity_id   2 
_pdbx_entity_nonpoly.name        water 
_pdbx_entity_nonpoly.comp_id     HOH 
# 
loop_
_entity_poly_seq.entity_id 
_entity_poly_seq.num 
_entity_poly_seq.mon_id 
_entity_poly_seq.hetero 
1 1  GLY n 
1 2  ALA n 
1 3  MET n 
1 4  GLY n 
1 5  GLU n 
1 6  ILE n 
1 7  THR n 
1 8  ILE n 
1 9  LYS n 
1 10 LEU n 
1 11 PRO n 
1 12 ASP n 
1 13 SER n 
1 14 VAL n 
1 15 LYS n 
1 16 VAL n 
1 17 SER n 
1 18 THR n 
1 19 ASN n 
1 20 SER n 
1 21 ILE n 
1 22 LEU n 
1 23 TYR n 
1 24 LYS n 
1 25 CYS n 
1 26 GLY n 
1 27 ALA n 
1 28 LYS n 
1 29 ASP n 
1 30 LEU n 
1 31 SER n 
1 32 VAL n 
1 33 THR n 
1 34 TYR n 
1 35 TYR n 
1 36 ASN n 
1 37 ALA n 
1 38 GLY n 
1 39 ASP n 
1 40 ILE n 
1 41 SER n 
1 42 LEU n 
1 43 ALA n 
1 44 LYS n 
1 45 LEU n 
1 46 GLU n 
1 47 LEU n 
1 48 GLU n 
1 49 ASP n 
1 50 GLU n 
1 51 THR n 
1 52 VAL n 
1 53 VAL n 
1 54 ALA n 
1 55 SER n 
1 56 ASN n 
1 57 VAL n 
1 58 ILE n 
1 59 SER n 
1 60 GLY n 
1 61 SER n 
1 62 GLY n 
1 63 ALA n 
1 64 LYS n 
1 65 TYR n 
1 66 ALA n 
1 67 GLY n 
1 68 SER n 
1 69 VAL n 
1 70 TYR n 
1 71 ILE n 
1 72 TRP n 
1 73 TRP n 
1 74 THR n 
1 75 LYS n 
1 76 GLY n 
1 77 LYS n 
1 78 THR n 
1 79 ALA n 
1 80 SER n 
1 81 LEU n 
1 82 TYR n 
1 83 ASN n 
1 84 LEU n 
1 85 ILE n 
1 86 ASP n 
1 87 ASN n 
1 88 PRO n 
1 89 GLU n 
1 90 GLU n 
1 91 ASP n 
1 92 LYS n 
1 93 PRO n 
1 94 ILE n 
1 95 SER n 
1 96 CYS n 
1 97 VAL n 
1 98 GLU n 
1 99 GLN n 
# 
_entity_src_gen.entity_id                          1 
_entity_src_gen.pdbx_src_id                        1 
_entity_src_gen.pdbx_alt_source_flag               sample 
_entity_src_gen.pdbx_seq_type                      ? 
_entity_src_gen.pdbx_beg_seq_num                   ? 
_entity_src_gen.pdbx_end_seq_num                   ? 
_entity_src_gen.gene_src_common_name               ? 
_entity_src_gen.gene_src_genus                     ? 
_entity_src_gen.pdbx_gene_src_gene                 BruAb1_0462 
_entity_src_gen.gene_src_species                   ? 
_entity_src_gen.gene_src_strain                    9-941 
_entity_src_gen.gene_src_tissue                    ? 
_entity_src_gen.gene_src_tissue_fraction           ? 
_entity_src_gen.gene_src_details                   ? 
_entity_src_gen.pdbx_gene_src_fragment             ? 
_entity_src_gen.pdbx_gene_src_scientific_name      'Brucella abortus bv. 1' 
_entity_src_gen.pdbx_gene_src_ncbi_taxonomy_id     262698 
_entity_src_gen.pdbx_gene_src_variant              ? 
_entity_src_gen.pdbx_gene_src_cell_line            ? 
_entity_src_gen.pdbx_gene_src_atcc                 ? 
_entity_src_gen.pdbx_gene_src_organ                ? 
_entity_src_gen.pdbx_gene_src_organelle            ? 
_entity_src_gen.pdbx_gene_src_cell                 ? 
_entity_src_gen.pdbx_gene_src_cellular_location    ? 
_entity_src_gen.host_org_common_name               ? 
_entity_src_gen.pdbx_host_org_scientific_name      'Escherichia coli' 
_entity_src_gen.pdbx_host_org_ncbi_taxonomy_id     562 
_entity_src_gen.host_org_genus                     ? 
_entity_src_gen.pdbx_host_org_gene                 ? 
_entity_src_gen.pdbx_host_org_organ                ? 
_entity_src_gen.host_org_species                   ? 
_entity_src_gen.pdbx_host_org_tissue               ? 
_entity_src_gen.pdbx_host_org_tissue_fraction      ? 
_entity_src_gen.pdbx_host_org_strain               ? 
_entity_src_gen.pdbx_host_org_variant              ? 
_entity_src_gen.pdbx_host_org_cell_line            ? 
_entity_src_gen.pdbx_host_org_atcc                 ? 
_entity_src_gen.pdbx_host_org_culture_collection   ? 
_entity_src_gen.pdbx_host_org_cell                 ? 
_entity_src_gen.pdbx_host_org_organelle            ? 
_entity_src_gen.pdbx_host_org_cellular_location    ? 
_entity_src_gen.pdbx_host_org_vector_type          ? 
_entity_src_gen.pdbx_host_org_vector               ? 
_entity_src_gen.host_org_details                   ? 
_entity_src_gen.expression_system_id               ? 
_entity_src_gen.plasmid_name                       ? 
_entity_src_gen.plasmid_details                    ? 
_entity_src_gen.pdbx_description                   ? 
# 
loop_
_chem_comp.id 
_chem_comp.type 
_chem_comp.mon_nstd_flag 
_chem_comp.name 
_chem_comp.pdbx_synonyms 
_chem_comp.formula 
_chem_comp.formula_weight 
ALA 'L-peptide linking' y ALANINE         ? 'C3 H7 N O2'     89.093  
ASN 'L-peptide linking' y ASPARAGINE      ? 'C4 H8 N2 O3'    132.118 
ASP 'L-peptide linking' y 'ASPARTIC ACID' ? 'C4 H7 N O4'     133.103 
CYS 'L-peptide linking' y CYSTEINE        ? 'C3 H7 N O2 S'   121.158 
GLN 'L-peptide linking' y GLUTAMINE       ? 'C5 H10 N2 O3'   146.144 
GLU 'L-peptide linking' y 'GLUTAMIC ACID' ? 'C5 H9 N O4'     147.129 
GLY 'peptide linking'   y GLYCINE         ? 'C2 H5 N O2'     75.067  
HOH non-polymer         . WATER           ? 'H2 O'           18.015  
ILE 'L-peptide linking' y ISOLEUCINE      ? 'C6 H13 N O2'    131.173 
LEU 'L-peptide linking' y LEUCINE         ? 'C6 H13 N O2'    131.173 
LYS 'L-peptide linking' y LYSINE          ? 'C6 H15 N2 O2 1' 147.195 
MET 'L-peptide linking' y METHIONINE      ? 'C5 H11 N O2 S'  149.211 
PRO 'L-peptide linking' y PROLINE         ? 'C5 H9 N O2'     115.130 
SER 'L-peptide linking' y SERINE          ? 'C3 H7 N O3'     105.093 
THR 'L-peptide linking' y THREONINE       ? 'C4 H9 N O3'     119.119 
TRP 'L-peptide linking' y TRYPTOPHAN      ? 'C11 H12 N2 O2'  204.225 
TYR 'L-peptide linking' y TYROSINE        ? 'C9 H11 N O3'    181.189 
VAL 'L-peptide linking' y VALINE          ? 'C5 H11 N O2'    117.146 
# 
loop_
_pdbx_poly_seq_scheme.asym_id 
_pdbx_poly_seq_scheme.entity_id 
_pdbx_poly_seq_scheme.seq_id 
_pdbx_poly_seq_scheme.mon_id 
_pdbx_poly_seq_scheme.ndb_seq_num 
_pdbx_poly_seq_scheme.pdb_seq_num 
_pdbx_poly_seq_scheme.auth_seq_num 
_pdbx_poly_seq_scheme.pdb_mon_id 
_pdbx_poly_seq_scheme.auth_mon_id 
_pdbx_poly_seq_scheme.pdb_strand_id 
_pdbx_poly_seq_scheme.pdb_ins_code 
_pdbx_poly_seq_scheme.hetero 
A 1 1  GLY 1  23  ?   ?   ?   A . n 
A 1 2  ALA 2  24  24  ALA ALA A . n 
A 1 3  MET 3  25  25  MET MET A . n 
A 1 4  GLY 4  26  26  GLY GLY A . n 
A 1 5  GLU 5  27  27  GLU GLU A . n 
A 1 6  ILE 6  28  28  ILE ILE A . n 
A 1 7  THR 7  29  29  THR THR A . n 
A 1 8  ILE 8  30  30  ILE ILE A . n 
A 1 9  LYS 9  31  31  LYS LYS A . n 
A 1 10 LEU 10 32  32  LEU LEU A . n 
A 1 11 PRO 11 33  33  PRO PRO A . n 
A 1 12 ASP 12 34  34  ASP ASP A . n 
A 1 13 SER 13 35  35  SER SER A . n 
A 1 14 VAL 14 36  36  VAL VAL A . n 
A 1 15 LYS 15 37  37  LYS LYS A . n 
A 1 16 VAL 16 38  38  VAL VAL A . n 
A 1 17 SER 17 39  39  SER SER A . n 
A 1 18 THR 18 40  40  THR THR A . n 
A 1 19 ASN 19 41  41  ASN ASN A . n 
A 1 20 SER 20 42  42  SER SER A . n 
A 1 21 ILE 21 43  43  ILE ILE A . n 
A 1 22 LEU 22 44  44  LEU LEU A . n 
A 1 23 TYR 23 45  45  TYR TYR A . n 
A 1 24 LYS 24 46  46  LYS LYS A . n 
A 1 25 CYS 25 47  47  CYS CYS A . n 
A 1 26 GLY 26 48  48  GLY GLY A . n 
A 1 27 ALA 27 49  49  ALA ALA A . n 
A 1 28 LYS 28 50  50  LYS LYS A . n 
A 1 29 ASP 29 51  51  ASP ASP A . n 
A 1 30 LEU 30 52  52  LEU LEU A . n 
A 1 31 SER 31 53  53  SER SER A . n 
A 1 32 VAL 32 54  54  VAL VAL A . n 
A 1 33 THR 33 55  55  THR THR A . n 
A 1 34 TYR 34 56  56  TYR TYR A . n 
A 1 35 TYR 35 57  57  TYR TYR A . n 
A 1 36 ASN 36 58  58  ASN ASN A . n 
A 1 37 ALA 37 59  59  ALA ALA A . n 
A 1 38 GLY 38 60  60  GLY GLY A . n 
A 1 39 ASP 39 61  61  ASP ASP A . n 
A 1 40 ILE 40 62  62  ILE ILE A . n 
A 1 41 SER 41 63  63  SER SER A . n 
A 1 42 LEU 42 64  64  LEU LEU A . n 
A 1 43 ALA 43 65  65  ALA ALA A . n 
A 1 44 LYS 44 66  66  LYS LYS A . n 
A 1 45 LEU 45 67  67  LEU LEU A . n 
A 1 46 GLU 46 68  68  GLU GLU A . n 
A 1 47 LEU 47 69  69  LEU LEU A . n 
A 1 48 GLU 48 70  70  GLU GLU A . n 
A 1 49 ASP 49 71  71  ASP ASP A . n 
A 1 50 GLU 50 72  72  GLU GLU A . n 
A 1 51 THR 51 73  73  THR THR A . n 
A 1 52 VAL 52 74  74  VAL VAL A . n 
A 1 53 VAL 53 75  75  VAL VAL A . n 
A 1 54 ALA 54 76  76  ALA ALA A . n 
A 1 55 SER 55 77  77  SER SER A . n 
A 1 56 ASN 56 78  78  ASN ASN A . n 
A 1 57 VAL 57 79  79  VAL VAL A . n 
A 1 58 ILE 58 80  80  ILE ILE A . n 
A 1 59 SER 59 81  81  SER SER A . n 
A 1 60 GLY 60 82  82  GLY GLY A . n 
A 1 61 SER 61 83  83  SER SER A . n 
A 1 62 GLY 62 84  84  GLY GLY A . n 
A 1 63 ALA 63 85  85  ALA ALA A . n 
A 1 64 LYS 64 86  86  LYS LYS A . n 
A 1 65 TYR 65 87  87  TYR TYR A . n 
A 1 66 ALA 66 88  88  ALA ALA A . n 
A 1 67 GLY 67 89  89  GLY GLY A . n 
A 1 68 SER 68 90  90  SER SER A . n 
A 1 69 VAL 69 91  91  VAL VAL A . n 
A 1 70 TYR 70 92  92  TYR TYR A . n 
A 1 71 ILE 71 93  93  ILE ILE A . n 
A 1 72 TRP 72 94  94  TRP TRP A . n 
A 1 73 TRP 73 95  95  TRP TRP A . n 
A 1 74 THR 74 96  96  THR THR A . n 
A 1 75 LYS 75 97  97  LYS LYS A . n 
A 1 76 GLY 76 98  98  GLY GLY A . n 
A 1 77 LYS 77 99  99  LYS LYS A . n 
A 1 78 THR 78 100 100 THR THR A . n 
A 1 79 ALA 79 101 101 ALA ALA A . n 
A 1 80 SER 80 102 102 SER SER A . n 
A 1 81 LEU 81 103 103 LEU LEU A . n 
A 1 82 TYR 82 104 104 TYR TYR A . n 
A 1 83 ASN 83 105 105 ASN ASN A . n 
A 1 84 LEU 84 106 106 LEU LEU A . n 
A 1 85 ILE 85 107 107 ILE ILE A . n 
A 1 86 ASP 86 108 108 ASP ASP A . n 
A 1 87 ASN 87 109 109 ASN ASN A . n 
A 1 88 PRO 88 110 110 PRO PRO A . n 
A 1 89 GLU 89 111 111 GLU GLU A . n 
A 1 90 GLU 90 112 112 GLU GLU A . n 
A 1 91 ASP 91 113 113 ASP ASP A . n 
A 1 92 LYS 92 114 114 LYS LYS A . n 
A 1 93 PRO 93 115 115 PRO PRO A . n 
A 1 94 ILE 94 116 116 ILE ILE A . n 
A 1 95 SER 95 117 117 SER SER A . n 
A 1 96 CYS 96 118 118 CYS CYS A . n 
A 1 97 VAL 97 119 119 VAL VAL A . n 
A 1 98 GLU 98 120 120 GLU GLU A . n 
A 1 99 GLN 99 121 121 GLN GLN A . n 
B 1 1  GLY 1  23  ?   ?   ?   B . n 
B 1 2  ALA 2  24  ?   ?   ?   B . n 
B 1 3  MET 3  25  25  MET MET B . n 
B 1 4  GLY 4  26  26  GLY GLY B . n 
B 1 5  GLU 5  27  27  GLU GLU B . n 
B 1 6  ILE 6  28  28  ILE ILE B . n 
B 1 7  THR 7  29  29  THR THR B . n 
B 1 8  ILE 8  30  30  ILE ILE B . n 
B 1 9  LYS 9  31  31  LYS LYS B . n 
B 1 10 LEU 10 32  32  LEU LEU B . n 
B 1 11 PRO 11 33  33  PRO PRO B . n 
B 1 12 ASP 12 34  34  ASP ASP B . n 
B 1 13 SER 13 35  35  SER SER B . n 
B 1 14 VAL 14 36  36  VAL VAL B . n 
B 1 15 LYS 15 37  37  LYS LYS B . n 
B 1 16 VAL 16 38  38  VAL VAL B . n 
B 1 17 SER 17 39  39  SER SER B . n 
B 1 18 THR 18 40  40  THR THR B . n 
B 1 19 ASN 19 41  41  ASN ASN B . n 
B 1 20 SER 20 42  42  SER SER B . n 
B 1 21 ILE 21 43  43  ILE ILE B . n 
B 1 22 LEU 22 44  44  LEU LEU B . n 
B 1 23 TYR 23 45  45  TYR TYR B . n 
B 1 24 LYS 24 46  46  LYS LYS B . n 
B 1 25 CYS 25 47  47  CYS CYS B . n 
B 1 26 GLY 26 48  48  GLY GLY B . n 
B 1 27 ALA 27 49  49  ALA ALA B . n 
B 1 28 LYS 28 50  50  LYS LYS B . n 
B 1 29 ASP 29 51  51  ASP ASP B . n 
B 1 30 LEU 30 52  52  LEU LEU B . n 
B 1 31 SER 31 53  53  SER SER B . n 
B 1 32 VAL 32 54  54  VAL VAL B . n 
B 1 33 THR 33 55  55  THR THR B . n 
B 1 34 TYR 34 56  56  TYR TYR B . n 
B 1 35 TYR 35 57  57  TYR TYR B . n 
B 1 36 ASN 36 58  58  ASN ASN B . n 
B 1 37 ALA 37 59  59  ALA ALA B . n 
B 1 38 GLY 38 60  60  GLY GLY B . n 
B 1 39 ASP 39 61  61  ASP ASP B . n 
B 1 40 ILE 40 62  62  ILE ILE B . n 
B 1 41 SER 41 63  63  SER SER B . n 
B 1 42 LEU 42 64  64  LEU LEU B . n 
B 1 43 ALA 43 65  65  ALA ALA B . n 
B 1 44 LYS 44 66  66  LYS LYS B . n 
B 1 45 LEU 45 67  67  LEU LEU B . n 
B 1 46 GLU 46 68  68  GLU GLU B . n 
B 1 47 LEU 47 69  69  LEU LEU B . n 
B 1 48 GLU 48 70  70  GLU GLU B . n 
B 1 49 ASP 49 71  71  ASP ASP B . n 
B 1 50 GLU 50 72  72  GLU GLU B . n 
B 1 51 THR 51 73  73  THR THR B . n 
B 1 52 VAL 52 74  74  VAL VAL B . n 
B 1 53 VAL 53 75  75  VAL VAL B . n 
B 1 54 ALA 54 76  76  ALA ALA B . n 
B 1 55 SER 55 77  77  SER SER B . n 
B 1 56 ASN 56 78  78  ASN ASN B . n 
B 1 57 VAL 57 79  79  VAL VAL B . n 
B 1 58 ILE 58 80  80  ILE ILE B . n 
B 1 59 SER 59 81  81  SER SER B . n 
B 1 60 GLY 60 82  82  GLY GLY B . n 
B 1 61 SER 61 83  83  SER SER B . n 
B 1 62 GLY 62 84  84  GLY GLY B . n 
B 1 63 ALA 63 85  85  ALA ALA B . n 
B 1 64 LYS 64 86  86  LYS LYS B . n 
B 1 65 TYR 65 87  87  TYR TYR B . n 
B 1 66 ALA 66 88  88  ALA ALA B . n 
B 1 67 GLY 67 89  89  GLY GLY B . n 
B 1 68 SER 68 90  90  SER SER B . n 
B 1 69 VAL 69 91  91  VAL VAL B . n 
B 1 70 TYR 70 92  92  TYR TYR B . n 
B 1 71 ILE 71 93  93  ILE ILE B . n 
B 1 72 TRP 72 94  94  TRP TRP B . n 
B 1 73 TRP 73 95  95  TRP TRP B . n 
B 1 74 THR 74 96  96  THR THR B . n 
B 1 75 LYS 75 97  97  LYS LYS B . n 
B 1 76 GLY 76 98  98  GLY GLY B . n 
B 1 77 LYS 77 99  99  LYS LYS B . n 
B 1 78 THR 78 100 100 THR THR B . n 
B 1 79 ALA 79 101 101 ALA ALA B . n 
B 1 80 SER 80 102 102 SER SER B . n 
B 1 81 LEU 81 103 103 LEU LEU B . n 
B 1 82 TYR 82 104 104 TYR TYR B . n 
B 1 83 ASN 83 105 105 ASN ASN B . n 
B 1 84 LEU 84 106 106 LEU LEU B . n 
B 1 85 ILE 85 107 107 ILE ILE B . n 
B 1 86 ASP 86 108 108 ASP ASP B . n 
B 1 87 ASN 87 109 109 ASN ASN B . n 
B 1 88 PRO 88 110 110 PRO PRO B . n 
B 1 89 GLU 89 111 111 GLU GLU B . n 
B 1 90 GLU 90 112 112 GLU GLU B . n 
B 1 91 ASP 91 113 113 ASP ASP B . n 
B 1 92 LYS 92 114 114 LYS LYS B . n 
B 1 93 PRO 93 115 115 PRO PRO B . n 
B 1 94 ILE 94 116 116 ILE ILE B . n 
B 1 95 SER 95 117 117 SER SER B . n 
B 1 96 CYS 96 118 118 CYS CYS B . n 
B 1 97 VAL 97 119 119 VAL VAL B . n 
B 1 98 GLU 98 120 120 GLU GLU B . n 
B 1 99 GLN 99 121 121 GLN GLN B . n 
# 
loop_
_pdbx_nonpoly_scheme.asym_id 
_pdbx_nonpoly_scheme.entity_id 
_pdbx_nonpoly_scheme.mon_id 
_pdbx_nonpoly_scheme.ndb_seq_num 
_pdbx_nonpoly_scheme.pdb_seq_num 
_pdbx_nonpoly_scheme.auth_seq_num 
_pdbx_nonpoly_scheme.pdb_mon_id 
_pdbx_nonpoly_scheme.auth_mon_id 
_pdbx_nonpoly_scheme.pdb_strand_id 
_pdbx_nonpoly_scheme.pdb_ins_code 
C 2 HOH 1  201 3   HOH HOH A . 
C 2 HOH 2  202 5   HOH HOH A . 
C 2 HOH 3  203 8   HOH HOH A . 
C 2 HOH 4  204 9   HOH HOH A . 
C 2 HOH 5  205 10  HOH HOH A . 
C 2 HOH 6  206 11  HOH HOH A . 
C 2 HOH 7  207 13  HOH HOH A . 
C 2 HOH 8  208 14  HOH HOH A . 
C 2 HOH 9  209 17  HOH HOH A . 
C 2 HOH 10 210 18  HOH HOH A . 
C 2 HOH 11 211 19  HOH HOH A . 
C 2 HOH 12 212 25  HOH HOH A . 
C 2 HOH 13 213 29  HOH HOH A . 
C 2 HOH 14 214 30  HOH HOH A . 
C 2 HOH 15 215 31  HOH HOH A . 
C 2 HOH 16 216 34  HOH HOH A . 
C 2 HOH 17 217 35  HOH HOH A . 
C 2 HOH 18 218 38  HOH HOH A . 
C 2 HOH 19 219 39  HOH HOH A . 
C 2 HOH 20 220 46  HOH HOH A . 
C 2 HOH 21 221 47  HOH HOH A . 
C 2 HOH 22 222 50  HOH HOH A . 
C 2 HOH 23 223 53  HOH HOH A . 
C 2 HOH 24 224 54  HOH HOH A . 
C 2 HOH 25 225 65  HOH HOH A . 
C 2 HOH 26 226 67  HOH HOH A . 
C 2 HOH 27 227 68  HOH HOH A . 
C 2 HOH 28 228 70  HOH HOH A . 
C 2 HOH 29 229 73  HOH HOH A . 
C 2 HOH 30 230 75  HOH HOH A . 
C 2 HOH 31 231 76  HOH HOH A . 
C 2 HOH 32 232 80  HOH HOH A . 
C 2 HOH 33 233 94  HOH HOH A . 
C 2 HOH 34 234 95  HOH HOH A . 
C 2 HOH 35 235 98  HOH HOH A . 
C 2 HOH 36 236 99  HOH HOH A . 
C 2 HOH 37 237 101 HOH HOH A . 
C 2 HOH 38 238 105 HOH HOH A . 
C 2 HOH 39 239 113 HOH HOH A . 
C 2 HOH 40 240 117 HOH HOH A . 
C 2 HOH 41 241 118 HOH HOH A . 
C 2 HOH 42 242 121 HOH HOH A . 
C 2 HOH 43 243 122 HOH HOH A . 
C 2 HOH 44 244 127 HOH HOH A . 
C 2 HOH 45 245 129 HOH HOH A . 
C 2 HOH 46 246 130 HOH HOH A . 
C 2 HOH 47 247 131 HOH HOH A . 
C 2 HOH 48 248 135 HOH HOH A . 
C 2 HOH 49 249 137 HOH HOH A . 
C 2 HOH 50 250 138 HOH HOH A . 
C 2 HOH 51 251 139 HOH HOH A . 
C 2 HOH 52 252 140 HOH HOH A . 
C 2 HOH 53 253 141 HOH HOH A . 
C 2 HOH 54 254 142 HOH HOH A . 
C 2 HOH 55 255 143 HOH HOH A . 
C 2 HOH 56 256 144 HOH HOH A . 
D 2 HOH 1  201 1   HOH HOH B . 
D 2 HOH 2  202 2   HOH HOH B . 
D 2 HOH 3  203 4   HOH HOH B . 
D 2 HOH 4  204 6   HOH HOH B . 
D 2 HOH 5  205 7   HOH HOH B . 
D 2 HOH 6  206 12  HOH HOH B . 
D 2 HOH 7  207 15  HOH HOH B . 
D 2 HOH 8  208 16  HOH HOH B . 
D 2 HOH 9  209 20  HOH HOH B . 
D 2 HOH 10 210 21  HOH HOH B . 
D 2 HOH 11 211 22  HOH HOH B . 
D 2 HOH 12 212 23  HOH HOH B . 
D 2 HOH 13 213 26  HOH HOH B . 
D 2 HOH 14 214 27  HOH HOH B . 
D 2 HOH 15 215 28  HOH HOH B . 
D 2 HOH 16 216 32  HOH HOH B . 
D 2 HOH 17 217 36  HOH HOH B . 
D 2 HOH 18 218 37  HOH HOH B . 
D 2 HOH 19 219 40  HOH HOH B . 
D 2 HOH 20 220 44  HOH HOH B . 
D 2 HOH 21 221 45  HOH HOH B . 
D 2 HOH 22 222 49  HOH HOH B . 
D 2 HOH 23 223 51  HOH HOH B . 
D 2 HOH 24 224 52  HOH HOH B . 
D 2 HOH 25 225 55  HOH HOH B . 
D 2 HOH 26 226 56  HOH HOH B . 
D 2 HOH 27 227 57  HOH HOH B . 
D 2 HOH 28 228 59  HOH HOH B . 
D 2 HOH 29 229 60  HOH HOH B . 
D 2 HOH 30 230 61  HOH HOH B . 
D 2 HOH 31 231 69  HOH HOH B . 
D 2 HOH 32 232 77  HOH HOH B . 
D 2 HOH 33 233 78  HOH HOH B . 
D 2 HOH 34 234 82  HOH HOH B . 
D 2 HOH 35 235 83  HOH HOH B . 
D 2 HOH 36 236 85  HOH HOH B . 
D 2 HOH 37 237 86  HOH HOH B . 
D 2 HOH 38 238 88  HOH HOH B . 
D 2 HOH 39 239 89  HOH HOH B . 
D 2 HOH 40 240 91  HOH HOH B . 
D 2 HOH 41 241 100 HOH HOH B . 
D 2 HOH 42 242 103 HOH HOH B . 
D 2 HOH 43 243 104 HOH HOH B . 
D 2 HOH 44 244 108 HOH HOH B . 
D 2 HOH 45 245 109 HOH HOH B . 
D 2 HOH 46 246 111 HOH HOH B . 
D 2 HOH 47 247 114 HOH HOH B . 
D 2 HOH 48 248 115 HOH HOH B . 
D 2 HOH 49 249 124 HOH HOH B . 
D 2 HOH 50 250 125 HOH HOH B . 
D 2 HOH 51 251 126 HOH HOH B . 
D 2 HOH 52 252 128 HOH HOH B . 
D 2 HOH 53 253 134 HOH HOH B . 
D 2 HOH 54 254 136 HOH HOH B . 
D 2 HOH 55 255 145 HOH HOH B . 
# 
loop_
_software.name 
_software.classification 
_software.version 
_software.citation_id 
_software.pdbx_ordinal 
HKL-2000 'data collection' .                             ? 1 
MOLREP   phasing           .                             ? 2 
PHENIX   refinement        '(phenix.refine: 1.8.2_1309)' ? 3 
DENZO    'data reduction'  .                             ? 4 
HKL-2000 'data scaling'    .                             ? 5 
# 
_cell.entry_id           4MIS 
_cell.length_a           91.283 
_cell.length_b           64.448 
_cell.length_c           47.568 
_cell.angle_alpha        90.00 
_cell.angle_beta         90.00 
_cell.angle_gamma        90.00 
_cell.Z_PDB              8 
_cell.pdbx_unique_axis   ? 
_cell.length_a_esd       ? 
_cell.length_b_esd       ? 
_cell.length_c_esd       ? 
_cell.angle_alpha_esd    ? 
_cell.angle_beta_esd     ? 
_cell.angle_gamma_esd    ? 
# 
_symmetry.entry_id                         4MIS 
_symmetry.space_group_name_H-M             'P 21 21 21' 
_symmetry.pdbx_full_space_group_name_H-M   ? 
_symmetry.cell_setting                     ? 
_symmetry.Int_Tables_number                19 
_symmetry.space_group_name_Hall            ? 
# 
_exptl.entry_id          4MIS 
_exptl.method            'X-RAY DIFFRACTION' 
_exptl.crystals_number   1 
# 
_exptl_crystal.id                    1 
_exptl_crystal.density_meas          ? 
_exptl_crystal.density_Matthews      3.29 
_exptl_crystal.density_percent_sol   62.56 
_exptl_crystal.description           ? 
_exptl_crystal.F_000                 ? 
_exptl_crystal.preparation           ? 
# 
_exptl_crystal_grow.crystal_id      1 
_exptl_crystal_grow.method          'VAPOR DIFFUSION, HANGING DROP' 
_exptl_crystal_grow.temp            287.15 
_exptl_crystal_grow.temp_details    ? 
_exptl_crystal_grow.pH              8.5 
_exptl_crystal_grow.pdbx_details    
'1.9M ammonium sulfate, 0.1M Tris-HCl, 10% glycerol, pH 8.5, VAPOR DIFFUSION, HANGING DROP, temperature 287.15K' 
_exptl_crystal_grow.pdbx_pH_range   . 
# 
_diffrn.id                     1 
_diffrn.ambient_temp           100 
_diffrn.ambient_temp_details   ? 
_diffrn.crystal_id             1 
# 
_diffrn_detector.diffrn_id              1 
_diffrn_detector.detector               CCD 
_diffrn_detector.type                   'ADSC QUANTUM 315' 
_diffrn_detector.pdbx_collection_date   2012-12-16 
_diffrn_detector.details                ? 
# 
_diffrn_radiation.diffrn_id                        1 
_diffrn_radiation.wavelength_id                    1 
_diffrn_radiation.pdbx_monochromatic_or_laue_m_l   M 
_diffrn_radiation.monochromator                    'double mirrors' 
_diffrn_radiation.pdbx_diffrn_protocol             'SINGLE WAVELENGTH' 
_diffrn_radiation.pdbx_scattering_type             x-ray 
# 
_diffrn_radiation_wavelength.id           1 
_diffrn_radiation_wavelength.wavelength   0.9795 
_diffrn_radiation_wavelength.wt           1.0 
# 
_diffrn_source.diffrn_id                   1 
_diffrn_source.source                      SYNCHROTRON 
_diffrn_source.type                        'PAL/PLS BEAMLINE 5C (4A)' 
_diffrn_source.pdbx_synchrotron_site       PAL/PLS 
_diffrn_source.pdbx_synchrotron_beamline   '5C (4A)' 
_diffrn_source.pdbx_wavelength             ? 
_diffrn_source.pdbx_wavelength_list        0.9795 
# 
_reflns.entry_id                     4MIS 
_reflns.observed_criterion_sigma_I   0 
_reflns.observed_criterion_sigma_F   0 
_reflns.d_resolution_low             50 
_reflns.d_resolution_high            2.0 
_reflns.number_obs                   18850 
_reflns.number_all                   19081 
_reflns.percent_possible_obs         96.1 
_reflns.pdbx_Rmerge_I_obs            ? 
_reflns.pdbx_Rsym_value              ? 
_reflns.pdbx_netI_over_sigmaI        ? 
_reflns.B_iso_Wilson_estimate        ? 
_reflns.pdbx_redundancy              ? 
_reflns.R_free_details               ? 
_reflns.limit_h_max                  ? 
_reflns.limit_h_min                  ? 
_reflns.limit_k_max                  ? 
_reflns.limit_k_min                  ? 
_reflns.limit_l_max                  ? 
_reflns.limit_l_min                  ? 
_reflns.observed_criterion_F_max     ? 
_reflns.observed_criterion_F_min     ? 
_reflns.pdbx_chi_squared             ? 
_reflns.pdbx_scaling_rejects         ? 
_reflns.pdbx_ordinal                 1 
_reflns.pdbx_diffrn_id               1 
# 
loop_
_reflns_shell.d_res_high 
_reflns_shell.d_res_low 
_reflns_shell.percent_possible_all 
_reflns_shell.Rmerge_I_obs 
_reflns_shell.pdbx_Rsym_value 
_reflns_shell.meanI_over_sigI_obs 
_reflns_shell.pdbx_redundancy 
_reflns_shell.percent_possible_obs 
_reflns_shell.number_unique_all 
_reflns_shell.number_measured_all 
_reflns_shell.number_measured_obs 
_reflns_shell.number_unique_obs 
_reflns_shell.pdbx_chi_squared 
_reflns_shell.pdbx_rejects 
_reflns_shell.pdbx_netI_over_sigmaI_obs 
_reflns_shell.number_possible 
_reflns_shell.Rmerge_F_all 
_reflns_shell.Rmerge_F_obs 
_reflns_shell.Rmerge_I_all 
_reflns_shell.meanI_over_sigI_all 
_reflns_shell.pdbx_Rrim_I_all 
_reflns_shell.pdbx_Rpim_I_all 
_reflns_shell.pdbx_ordinal 
_reflns_shell.pdbx_diffrn_id 
2.00 2.03 87.7 ? ? ? ? ? ? ? ? ? ? ? ? ? ? ? ? ? ? ? 1 1 
2.03 2.07 88.0 ? ? ? ? ? ? ? ? ? ? ? ? ? ? ? ? ? ? ? 2 1 
2.07 2.11 90.9 ? ? ? ? ? ? ? ? ? ? ? ? ? ? ? ? ? ? ? 3 1 
2.11 2.15 91.1 ? ? ? ? ? ? ? ? ? ? ? ? ? ? ? ? ? ? ? 4 1 
# 
_refine.entry_id                                 4MIS 
_refine.ls_number_reflns_obs                     18311 
_refine.ls_number_reflns_all                     19570 
_refine.pdbx_ls_sigma_I                          ? 
_refine.pdbx_ls_sigma_F                          1.57 
_refine.pdbx_data_cutoff_high_absF               ? 
_refine.pdbx_data_cutoff_low_absF                ? 
_refine.pdbx_data_cutoff_high_rms_absF           ? 
_refine.ls_d_res_low                             19.601 
_refine.ls_d_res_high                            2.000 
_refine.ls_percent_reflns_obs                    96.32 
_refine.ls_R_factor_obs                          0.2171 
_refine.ls_R_factor_all                          ? 
_refine.ls_R_factor_R_work                       0.2147 
_refine.ls_R_factor_R_free                       0.2645 
_refine.ls_R_factor_R_free_error                 ? 
_refine.ls_R_factor_R_free_error_details         ? 
_refine.ls_percent_reflns_R_free                 5.18 
_refine.ls_number_reflns_R_free                  976 
_refine.ls_number_parameters                     ? 
_refine.ls_number_restraints                     ? 
_refine.occupancy_min                            ? 
_refine.occupancy_max                            ? 
_refine.correlation_coeff_Fo_to_Fc               ? 
_refine.correlation_coeff_Fo_to_Fc_free          ? 
_refine.B_iso_mean                               ? 
_refine.aniso_B[1][1]                            ? 
_refine.aniso_B[2][2]                            ? 
_refine.aniso_B[3][3]                            ? 
_refine.aniso_B[1][2]                            ? 
_refine.aniso_B[1][3]                            ? 
_refine.aniso_B[2][3]                            ? 
_refine.solvent_model_details                    'FLAT BULK SOLVENT MODEL' 
_refine.solvent_model_param_ksol                 ? 
_refine.solvent_model_param_bsol                 ? 
_refine.pdbx_solvent_vdw_probe_radii             1.11 
_refine.pdbx_solvent_ion_probe_radii             ? 
_refine.pdbx_solvent_shrinkage_radii             0.90 
_refine.pdbx_ls_cross_valid_method               ? 
_refine.details                                  ? 
_refine.pdbx_starting_model                      ? 
_refine.pdbx_method_to_determine_struct          'MOLECULAR REPLACEMENT' 
_refine.pdbx_isotropic_thermal_model             ? 
_refine.pdbx_stereochemistry_target_values       ML 
_refine.pdbx_stereochem_target_val_spec_case     ? 
_refine.pdbx_R_Free_selection_details            RANDOM 
_refine.pdbx_overall_ESU_R                       ? 
_refine.pdbx_overall_ESU_R_Free                  ? 
_refine.overall_SU_ML                            0.26 
_refine.pdbx_overall_phase_error                 25.08 
_refine.overall_SU_B                             ? 
_refine.overall_SU_R_Cruickshank_DPI             ? 
_refine.ls_redundancy_reflns_obs                 ? 
_refine.B_iso_min                                ? 
_refine.B_iso_max                                ? 
_refine.overall_SU_R_free                        ? 
_refine.ls_wR_factor_R_free                      ? 
_refine.ls_wR_factor_R_work                      ? 
_refine.overall_FOM_free_R_set                   ? 
_refine.overall_FOM_work_R_set                   ? 
_refine.pdbx_diffrn_id                           1 
_refine.pdbx_refine_id                           'X-RAY DIFFRACTION' 
_refine.pdbx_TLS_residual_ADP_flag               ? 
_refine.pdbx_overall_SU_R_free_Cruickshank_DPI   ? 
_refine.pdbx_overall_SU_R_Blow_DPI               ? 
_refine.pdbx_overall_SU_R_free_Blow_DPI          ? 
# 
_refine_hist.pdbx_refine_id                   'X-RAY DIFFRACTION' 
_refine_hist.cycle_id                         LAST 
_refine_hist.pdbx_number_atoms_protein        1479 
_refine_hist.pdbx_number_atoms_nucleic_acid   0 
_refine_hist.pdbx_number_atoms_ligand         0 
_refine_hist.number_atoms_solvent             111 
_refine_hist.number_atoms_total               1590 
_refine_hist.d_res_high                       2.000 
_refine_hist.d_res_low                        19.601 
# 
loop_
_refine_ls_restr.type 
_refine_ls_restr.dev_ideal 
_refine_ls_restr.dev_ideal_target 
_refine_ls_restr.weight 
_refine_ls_restr.number 
_refine_ls_restr.pdbx_restraint_function 
_refine_ls_restr.pdbx_refine_id 
f_bond_d           0.008  ? ? 1514 ? 'X-RAY DIFFRACTION' 
f_angle_d          1.093  ? ? 2055 ? 'X-RAY DIFFRACTION' 
f_dihedral_angle_d 14.658 ? ? 547  ? 'X-RAY DIFFRACTION' 
f_chiral_restr     0.070  ? ? 243  ? 'X-RAY DIFFRACTION' 
f_plane_restr      0.004  ? ? 255  ? 'X-RAY DIFFRACTION' 
# 
loop_
_refine_ls_shell.pdbx_refine_id 
_refine_ls_shell.pdbx_total_number_of_bins_used 
_refine_ls_shell.d_res_high 
_refine_ls_shell.d_res_low 
_refine_ls_shell.number_reflns_R_work 
_refine_ls_shell.R_factor_R_work 
_refine_ls_shell.percent_reflns_obs 
_refine_ls_shell.R_factor_R_free 
_refine_ls_shell.R_factor_R_free_error 
_refine_ls_shell.percent_reflns_R_free 
_refine_ls_shell.number_reflns_R_free 
_refine_ls_shell.number_reflns_all 
_refine_ls_shell.R_factor_all 
_refine_ls_shell.number_reflns_obs 
_refine_ls_shell.redundancy_reflns_obs 
'X-RAY DIFFRACTION' 7 2.0000 2.1054  2320 0.2786 89.00 0.2922 . . 125 . . . . 
'X-RAY DIFFRACTION' 7 2.1054 2.2371  2451 0.2628 94.00 0.3321 . . 137 . . . . 
'X-RAY DIFFRACTION' 7 2.2371 2.4095  2519 0.2418 97.00 0.3192 . . 136 . . . . 
'X-RAY DIFFRACTION' 7 2.4095 2.6515  2548 0.2272 97.00 0.2839 . . 154 . . . . 
'X-RAY DIFFRACTION' 7 2.6515 3.0340  2572 0.2123 98.00 0.2602 . . 165 . . . . 
'X-RAY DIFFRACTION' 7 3.0340 3.8178  2677 0.1879 99.00 0.2445 . . 125 . . . . 
'X-RAY DIFFRACTION' 7 3.8178 19.6017 2787 0.1961 99.00 0.2275 . . 134 . . . . 
# 
_struct.entry_id                  4MIS 
_struct.title                     'The structure of Brucella abortus PliC in the orthorombic crystal form' 
_struct.pdbx_model_details        ? 
_struct.pdbx_CASP_flag            ? 
_struct.pdbx_model_type_details   ? 
# 
_struct_keywords.entry_id        4MIS 
_struct_keywords.pdbx_keywords   'HYDROLASE INHIBITOR' 
_struct_keywords.text            'lysozyme, HYDROLASE INHIBITOR' 
# 
loop_
_struct_asym.id 
_struct_asym.pdbx_blank_PDB_chainid_flag 
_struct_asym.pdbx_modified 
_struct_asym.entity_id 
_struct_asym.details 
A N N 1 ? 
B N N 1 ? 
C N N 2 ? 
D N N 2 ? 
# 
_struct_ref.id                         1 
_struct_ref.db_name                    UNP 
_struct_ref.db_code                    Q57ES7_BRUAB 
_struct_ref.pdbx_db_accession          Q57ES7 
_struct_ref.entity_id                  1 
_struct_ref.pdbx_seq_one_letter_code   
;EITIKLPDSVKVSTNSILYKCGAKDLSVTYYNAGDISLAKLELEDETVVASNVISGSGAKYAGSVYIWWTKGKTASLYNL
IDNPEEDKPISCVEQ
;
_struct_ref.pdbx_align_begin           27 
_struct_ref.pdbx_db_isoform            ? 
# 
loop_
_struct_ref_seq.align_id 
_struct_ref_seq.ref_id 
_struct_ref_seq.pdbx_PDB_id_code 
_struct_ref_seq.pdbx_strand_id 
_struct_ref_seq.seq_align_beg 
_struct_ref_seq.pdbx_seq_align_beg_ins_code 
_struct_ref_seq.seq_align_end 
_struct_ref_seq.pdbx_seq_align_end_ins_code 
_struct_ref_seq.pdbx_db_accession 
_struct_ref_seq.db_align_beg 
_struct_ref_seq.pdbx_db_align_beg_ins_code 
_struct_ref_seq.db_align_end 
_struct_ref_seq.pdbx_db_align_end_ins_code 
_struct_ref_seq.pdbx_auth_seq_align_beg 
_struct_ref_seq.pdbx_auth_seq_align_end 
1 1 4MIS A 5 ? 99 ? Q57ES7 27 ? 121 ? 27 121 
2 1 4MIS B 5 ? 99 ? Q57ES7 27 ? 121 ? 27 121 
# 
loop_
_struct_ref_seq_dif.align_id 
_struct_ref_seq_dif.pdbx_pdb_id_code 
_struct_ref_seq_dif.mon_id 
_struct_ref_seq_dif.pdbx_pdb_strand_id 
_struct_ref_seq_dif.seq_num 
_struct_ref_seq_dif.pdbx_pdb_ins_code 
_struct_ref_seq_dif.pdbx_seq_db_name 
_struct_ref_seq_dif.pdbx_seq_db_accession_code 
_struct_ref_seq_dif.db_mon_id 
_struct_ref_seq_dif.pdbx_seq_db_seq_num 
_struct_ref_seq_dif.details 
_struct_ref_seq_dif.pdbx_auth_seq_num 
_struct_ref_seq_dif.pdbx_ordinal 
1 4MIS GLY A 1 ? UNP Q57ES7 ? ? 'expression tag' 23 1 
1 4MIS ALA A 2 ? UNP Q57ES7 ? ? 'expression tag' 24 2 
1 4MIS MET A 3 ? UNP Q57ES7 ? ? 'expression tag' 25 3 
1 4MIS GLY A 4 ? UNP Q57ES7 ? ? 'expression tag' 26 4 
2 4MIS GLY B 1 ? UNP Q57ES7 ? ? 'expression tag' 23 5 
2 4MIS ALA B 2 ? UNP Q57ES7 ? ? 'expression tag' 24 6 
2 4MIS MET B 3 ? UNP Q57ES7 ? ? 'expression tag' 25 7 
2 4MIS GLY B 4 ? UNP Q57ES7 ? ? 'expression tag' 26 8 
# 
_pdbx_struct_assembly.id                   1 
_pdbx_struct_assembly.details              author_and_software_defined_assembly 
_pdbx_struct_assembly.method_details       PISA 
_pdbx_struct_assembly.oligomeric_details   dimeric 
_pdbx_struct_assembly.oligomeric_count     2 
# 
loop_
_pdbx_struct_assembly_prop.biol_id 
_pdbx_struct_assembly_prop.type 
_pdbx_struct_assembly_prop.value 
_pdbx_struct_assembly_prop.details 
1 'ABSA (A^2)' 2990  ? 
1 MORE         -23   ? 
1 'SSA (A^2)'  10300 ? 
# 
_pdbx_struct_assembly_gen.assembly_id       1 
_pdbx_struct_assembly_gen.oper_expression   1 
_pdbx_struct_assembly_gen.asym_id_list      A,B,C,D 
# 
_pdbx_struct_oper_list.id                   1 
_pdbx_struct_oper_list.type                 'identity operation' 
_pdbx_struct_oper_list.name                 1_555 
_pdbx_struct_oper_list.symmetry_operation   x,y,z 
_pdbx_struct_oper_list.matrix[1][1]         1.0000000000 
_pdbx_struct_oper_list.matrix[1][2]         0.0000000000 
_pdbx_struct_oper_list.matrix[1][3]         0.0000000000 
_pdbx_struct_oper_list.vector[1]            0.0000000000 
_pdbx_struct_oper_list.matrix[2][1]         0.0000000000 
_pdbx_struct_oper_list.matrix[2][2]         1.0000000000 
_pdbx_struct_oper_list.matrix[2][3]         0.0000000000 
_pdbx_struct_oper_list.vector[2]            0.0000000000 
_pdbx_struct_oper_list.matrix[3][1]         0.0000000000 
_pdbx_struct_oper_list.matrix[3][2]         0.0000000000 
_pdbx_struct_oper_list.matrix[3][3]         1.0000000000 
_pdbx_struct_oper_list.vector[3]            0.0000000000 
# 
_struct_biol.id        1 
_struct_biol.details   ? 
# 
loop_
_struct_conn.id 
_struct_conn.conn_type_id 
_struct_conn.pdbx_leaving_atom_flag 
_struct_conn.pdbx_PDB_id 
_struct_conn.ptnr1_label_asym_id 
_struct_conn.ptnr1_label_comp_id 
_struct_conn.ptnr1_label_seq_id 
_struct_conn.ptnr1_label_atom_id 
_struct_conn.pdbx_ptnr1_label_alt_id 
_struct_conn.pdbx_ptnr1_PDB_ins_code 
_struct_conn.pdbx_ptnr1_standard_comp_id 
_struct_conn.ptnr1_symmetry 
_struct_conn.ptnr2_label_asym_id 
_struct_conn.ptnr2_label_comp_id 
_struct_conn.ptnr2_label_seq_id 
_struct_conn.ptnr2_label_atom_id 
_struct_conn.pdbx_ptnr2_label_alt_id 
_struct_conn.pdbx_ptnr2_PDB_ins_code 
_struct_conn.ptnr1_auth_asym_id 
_struct_conn.ptnr1_auth_comp_id 
_struct_conn.ptnr1_auth_seq_id 
_struct_conn.ptnr2_auth_asym_id 
_struct_conn.ptnr2_auth_comp_id 
_struct_conn.ptnr2_auth_seq_id 
_struct_conn.ptnr2_symmetry 
_struct_conn.pdbx_ptnr3_label_atom_id 
_struct_conn.pdbx_ptnr3_label_seq_id 
_struct_conn.pdbx_ptnr3_label_comp_id 
_struct_conn.pdbx_ptnr3_label_asym_id 
_struct_conn.pdbx_ptnr3_label_alt_id 
_struct_conn.pdbx_ptnr3_PDB_ins_code 
_struct_conn.details 
_struct_conn.pdbx_dist_value 
_struct_conn.pdbx_value_order 
_struct_conn.pdbx_role 
disulf1 disulf ? ? A CYS 25 SG ? ? ? 1_555 A CYS 96 SG ? ? A CYS 47 A CYS 118 1_555 ? ? ? ? ? ? ? 2.070 ? ? 
disulf2 disulf ? ? B CYS 25 SG ? ? ? 1_555 B CYS 96 SG ? ? B CYS 47 B CYS 118 1_555 ? ? ? ? ? ? ? 2.051 ? ? 
# 
_struct_conn_type.id          disulf 
_struct_conn_type.criteria    ? 
_struct_conn_type.reference   ? 
# 
loop_
_pdbx_modification_feature.ordinal 
_pdbx_modification_feature.label_comp_id 
_pdbx_modification_feature.label_asym_id 
_pdbx_modification_feature.label_seq_id 
_pdbx_modification_feature.label_alt_id 
_pdbx_modification_feature.modified_residue_label_comp_id 
_pdbx_modification_feature.modified_residue_label_asym_id 
_pdbx_modification_feature.modified_residue_label_seq_id 
_pdbx_modification_feature.modified_residue_label_alt_id 
_pdbx_modification_feature.auth_comp_id 
_pdbx_modification_feature.auth_asym_id 
_pdbx_modification_feature.auth_seq_id 
_pdbx_modification_feature.PDB_ins_code 
_pdbx_modification_feature.symmetry 
_pdbx_modification_feature.modified_residue_auth_comp_id 
_pdbx_modification_feature.modified_residue_auth_asym_id 
_pdbx_modification_feature.modified_residue_auth_seq_id 
_pdbx_modification_feature.modified_residue_PDB_ins_code 
_pdbx_modification_feature.modified_residue_symmetry 
_pdbx_modification_feature.comp_id_linking_atom 
_pdbx_modification_feature.modified_residue_id_linking_atom 
_pdbx_modification_feature.modified_residue_id 
_pdbx_modification_feature.ref_pcm_id 
_pdbx_modification_feature.ref_comp_id 
_pdbx_modification_feature.type 
_pdbx_modification_feature.category 
1 CYS A 25 ? CYS A 96 ? CYS A 47 ? 1_555 CYS A 118 ? 1_555 SG SG . . . None 'Disulfide bridge' 
2 CYS B 25 ? CYS B 96 ? CYS B 47 ? 1_555 CYS B 118 ? 1_555 SG SG . . . None 'Disulfide bridge' 
# 
loop_
_struct_sheet.id 
_struct_sheet.type 
_struct_sheet.number_strands 
_struct_sheet.details 
A ? 2 ? 
B ? 9 ? 
C ? 9 ? 
# 
loop_
_struct_sheet_order.sheet_id 
_struct_sheet_order.range_id_1 
_struct_sheet_order.range_id_2 
_struct_sheet_order.offset 
_struct_sheet_order.sense 
A 1 2 ? anti-parallel 
B 1 2 ? anti-parallel 
B 2 3 ? anti-parallel 
B 3 4 ? anti-parallel 
B 4 5 ? anti-parallel 
B 5 6 ? anti-parallel 
B 6 7 ? anti-parallel 
B 7 8 ? anti-parallel 
B 8 9 ? anti-parallel 
C 1 2 ? anti-parallel 
C 2 3 ? anti-parallel 
C 3 4 ? anti-parallel 
C 4 5 ? anti-parallel 
C 5 6 ? anti-parallel 
C 6 7 ? anti-parallel 
C 7 8 ? anti-parallel 
C 8 9 ? anti-parallel 
# 
loop_
_struct_sheet_range.sheet_id 
_struct_sheet_range.id 
_struct_sheet_range.beg_label_comp_id 
_struct_sheet_range.beg_label_asym_id 
_struct_sheet_range.beg_label_seq_id 
_struct_sheet_range.pdbx_beg_PDB_ins_code 
_struct_sheet_range.end_label_comp_id 
_struct_sheet_range.end_label_asym_id 
_struct_sheet_range.end_label_seq_id 
_struct_sheet_range.pdbx_end_PDB_ins_code 
_struct_sheet_range.beg_auth_comp_id 
_struct_sheet_range.beg_auth_asym_id 
_struct_sheet_range.beg_auth_seq_id 
_struct_sheet_range.end_auth_comp_id 
_struct_sheet_range.end_auth_asym_id 
_struct_sheet_range.end_auth_seq_id 
A 1 GLU A 5  ? LYS A 9  ? GLU A 27  LYS A 31  
A 2 GLU B 5  ? LYS B 9  ? GLU B 27  LYS B 31  
B 1 VAL A 16 ? CYS A 25 ? VAL A 38  CYS A 47  
B 2 LYS A 28 ? ALA A 37 ? LYS A 50  ALA A 59  
B 3 ILE A 40 ? GLU A 46 ? ILE A 62  GLU A 68  
B 4 THR A 51 ? VAL A 57 ? THR A 73  VAL A 79  
B 5 ALA A 63 ? GLY A 67 ? ALA A 85  GLY A 89  
B 6 TYR A 70 ? LYS A 75 ? TYR A 92  LYS A 97  
B 7 THR A 78 ? ASN A 83 ? THR A 100 ASN A 105 
B 8 ILE A 94 ? GLU A 98 ? ILE A 116 GLU A 120 
B 9 VAL A 16 ? CYS A 25 ? VAL A 38  CYS A 47  
C 1 SER B 17 ? CYS B 25 ? SER B 39  CYS B 47  
C 2 LYS B 28 ? ALA B 37 ? LYS B 50  ALA B 59  
C 3 ILE B 40 ? LEU B 47 ? ILE B 62  LEU B 69  
C 4 GLU B 50 ? VAL B 57 ? GLU B 72  VAL B 79  
C 5 ALA B 63 ? GLY B 67 ? ALA B 85  GLY B 89  
C 6 TYR B 70 ? LYS B 75 ? TYR B 92  LYS B 97  
C 7 THR B 78 ? ASN B 83 ? THR B 100 ASN B 105 
C 8 ILE B 94 ? GLU B 98 ? ILE B 116 GLU B 120 
C 9 SER B 17 ? CYS B 25 ? SER B 39  CYS B 47  
# 
loop_
_pdbx_struct_sheet_hbond.sheet_id 
_pdbx_struct_sheet_hbond.range_id_1 
_pdbx_struct_sheet_hbond.range_id_2 
_pdbx_struct_sheet_hbond.range_1_label_atom_id 
_pdbx_struct_sheet_hbond.range_1_label_comp_id 
_pdbx_struct_sheet_hbond.range_1_label_asym_id 
_pdbx_struct_sheet_hbond.range_1_label_seq_id 
_pdbx_struct_sheet_hbond.range_1_PDB_ins_code 
_pdbx_struct_sheet_hbond.range_1_auth_atom_id 
_pdbx_struct_sheet_hbond.range_1_auth_comp_id 
_pdbx_struct_sheet_hbond.range_1_auth_asym_id 
_pdbx_struct_sheet_hbond.range_1_auth_seq_id 
_pdbx_struct_sheet_hbond.range_2_label_atom_id 
_pdbx_struct_sheet_hbond.range_2_label_comp_id 
_pdbx_struct_sheet_hbond.range_2_label_asym_id 
_pdbx_struct_sheet_hbond.range_2_label_seq_id 
_pdbx_struct_sheet_hbond.range_2_PDB_ins_code 
_pdbx_struct_sheet_hbond.range_2_auth_atom_id 
_pdbx_struct_sheet_hbond.range_2_auth_comp_id 
_pdbx_struct_sheet_hbond.range_2_auth_asym_id 
_pdbx_struct_sheet_hbond.range_2_auth_seq_id 
A 1 2 N ILE A 8  ? N ILE A 30  O ILE B 6  ? O ILE B 28  
B 1 2 N CYS A 25 ? N CYS A 47  O LYS A 28 ? O LYS A 50  
B 2 3 N THR A 33 ? N THR A 55  O LYS A 44 ? O LYS A 66  
B 3 4 N SER A 41 ? N SER A 63  O ASN A 56 ? O ASN A 78  
B 4 5 N SER A 55 ? N SER A 77  O ALA A 66 ? O ALA A 88  
B 5 6 N TYR A 65 ? N TYR A 87  O TRP A 72 ? O TRP A 94  
B 6 7 N ILE A 71 ? N ILE A 93  O TYR A 82 ? O TYR A 104 
B 7 8 N LEU A 81 ? N LEU A 103 O ILE A 94 ? O ILE A 116 
B 8 9 O VAL A 97 ? O VAL A 119 N LYS A 24 ? N LYS A 46  
C 1 2 N TYR B 23 ? N TYR B 45  O LEU B 30 ? O LEU B 52  
C 2 3 N THR B 33 ? N THR B 55  O LYS B 44 ? O LYS B 66  
C 3 4 N SER B 41 ? N SER B 63  O ASN B 56 ? O ASN B 78  
C 4 5 N VAL B 57 ? N VAL B 79  O LYS B 64 ? O LYS B 86  
C 5 6 N TYR B 65 ? N TYR B 87  O TRP B 72 ? O TRP B 94  
C 6 7 N ILE B 71 ? N ILE B 93  O TYR B 82 ? O TYR B 104 
C 7 8 N ALA B 79 ? N ALA B 101 O CYS B 96 ? O CYS B 118 
C 8 9 O VAL B 97 ? O VAL B 119 N LYS B 24 ? N LYS B 46  
# 
_pdbx_entry_details.entry_id                   4MIS 
_pdbx_entry_details.compound_details           ? 
_pdbx_entry_details.source_details             ? 
_pdbx_entry_details.nonpolymer_details         ? 
_pdbx_entry_details.sequence_details           ? 
_pdbx_entry_details.has_ligand_of_interest     ? 
_pdbx_entry_details.has_protein_modification   Y 
# 
loop_
_pdbx_validate_close_contact.id 
_pdbx_validate_close_contact.PDB_model_num 
_pdbx_validate_close_contact.auth_atom_id_1 
_pdbx_validate_close_contact.auth_asym_id_1 
_pdbx_validate_close_contact.auth_comp_id_1 
_pdbx_validate_close_contact.auth_seq_id_1 
_pdbx_validate_close_contact.PDB_ins_code_1 
_pdbx_validate_close_contact.label_alt_id_1 
_pdbx_validate_close_contact.auth_atom_id_2 
_pdbx_validate_close_contact.auth_asym_id_2 
_pdbx_validate_close_contact.auth_comp_id_2 
_pdbx_validate_close_contact.auth_seq_id_2 
_pdbx_validate_close_contact.PDB_ins_code_2 
_pdbx_validate_close_contact.label_alt_id_2 
_pdbx_validate_close_contact.dist 
1 1 O A LYS 31  ? ? O A HOH 244 ? ? 2.01 
2 1 O A HOH 224 ? ? O A HOH 253 ? ? 2.05 
3 1 O A HOH 223 ? ? O A HOH 227 ? ? 2.06 
4 1 O A HOH 207 ? ? O B HOH 225 ? ? 2.07 
5 1 O B HOH 225 ? ? O B HOH 255 ? ? 2.08 
6 1 O A HOH 245 ? ? O A HOH 247 ? ? 2.15 
7 1 O A HOH 227 ? ? O A HOH 252 ? ? 2.17 
8 1 O A HOH 229 ? ? O B HOH 232 ? ? 2.19 
# 
loop_
_pdbx_validate_torsion.id 
_pdbx_validate_torsion.PDB_model_num 
_pdbx_validate_torsion.auth_comp_id 
_pdbx_validate_torsion.auth_asym_id 
_pdbx_validate_torsion.auth_seq_id 
_pdbx_validate_torsion.PDB_ins_code 
_pdbx_validate_torsion.label_alt_id 
_pdbx_validate_torsion.phi 
_pdbx_validate_torsion.psi 
1 1 SER A 90  ? ? 51.23   -129.44 
2 1 LYS A 114 ? ? -119.31 65.98   
3 1 SER B 90  ? ? 61.21   -131.75 
# 
loop_
_pdbx_unobs_or_zero_occ_residues.id 
_pdbx_unobs_or_zero_occ_residues.PDB_model_num 
_pdbx_unobs_or_zero_occ_residues.polymer_flag 
_pdbx_unobs_or_zero_occ_residues.occupancy_flag 
_pdbx_unobs_or_zero_occ_residues.auth_asym_id 
_pdbx_unobs_or_zero_occ_residues.auth_comp_id 
_pdbx_unobs_or_zero_occ_residues.auth_seq_id 
_pdbx_unobs_or_zero_occ_residues.PDB_ins_code 
_pdbx_unobs_or_zero_occ_residues.label_asym_id 
_pdbx_unobs_or_zero_occ_residues.label_comp_id 
_pdbx_unobs_or_zero_occ_residues.label_seq_id 
1 1 Y 1 A GLY 23 ? A GLY 1 
2 1 Y 1 B GLY 23 ? B GLY 1 
3 1 Y 1 B ALA 24 ? B ALA 2 
# 
loop_
_chem_comp_atom.comp_id 
_chem_comp_atom.atom_id 
_chem_comp_atom.type_symbol 
_chem_comp_atom.pdbx_aromatic_flag 
_chem_comp_atom.pdbx_stereo_config 
_chem_comp_atom.pdbx_ordinal 
ALA N    N N N 1   
ALA CA   C N S 2   
ALA C    C N N 3   
ALA O    O N N 4   
ALA CB   C N N 5   
ALA OXT  O N N 6   
ALA H    H N N 7   
ALA H2   H N N 8   
ALA HA   H N N 9   
ALA HB1  H N N 10  
ALA HB2  H N N 11  
ALA HB3  H N N 12  
ALA HXT  H N N 13  
ASN N    N N N 14  
ASN CA   C N S 15  
ASN C    C N N 16  
ASN O    O N N 17  
ASN CB   C N N 18  
ASN CG   C N N 19  
ASN OD1  O N N 20  
ASN ND2  N N N 21  
ASN OXT  O N N 22  
ASN H    H N N 23  
ASN H2   H N N 24  
ASN HA   H N N 25  
ASN HB2  H N N 26  
ASN HB3  H N N 27  
ASN HD21 H N N 28  
ASN HD22 H N N 29  
ASN HXT  H N N 30  
ASP N    N N N 31  
ASP CA   C N S 32  
ASP C    C N N 33  
ASP O    O N N 34  
ASP CB   C N N 35  
ASP CG   C N N 36  
ASP OD1  O N N 37  
ASP OD2  O N N 38  
ASP OXT  O N N 39  
ASP H    H N N 40  
ASP H2   H N N 41  
ASP HA   H N N 42  
ASP HB2  H N N 43  
ASP HB3  H N N 44  
ASP HD2  H N N 45  
ASP HXT  H N N 46  
CYS N    N N N 47  
CYS CA   C N R 48  
CYS C    C N N 49  
CYS O    O N N 50  
CYS CB   C N N 51  
CYS SG   S N N 52  
CYS OXT  O N N 53  
CYS H    H N N 54  
CYS H2   H N N 55  
CYS HA   H N N 56  
CYS HB2  H N N 57  
CYS HB3  H N N 58  
CYS HG   H N N 59  
CYS HXT  H N N 60  
GLN N    N N N 61  
GLN CA   C N S 62  
GLN C    C N N 63  
GLN O    O N N 64  
GLN CB   C N N 65  
GLN CG   C N N 66  
GLN CD   C N N 67  
GLN OE1  O N N 68  
GLN NE2  N N N 69  
GLN OXT  O N N 70  
GLN H    H N N 71  
GLN H2   H N N 72  
GLN HA   H N N 73  
GLN HB2  H N N 74  
GLN HB3  H N N 75  
GLN HG2  H N N 76  
GLN HG3  H N N 77  
GLN HE21 H N N 78  
GLN HE22 H N N 79  
GLN HXT  H N N 80  
GLU N    N N N 81  
GLU CA   C N S 82  
GLU C    C N N 83  
GLU O    O N N 84  
GLU CB   C N N 85  
GLU CG   C N N 86  
GLU CD   C N N 87  
GLU OE1  O N N 88  
GLU OE2  O N N 89  
GLU OXT  O N N 90  
GLU H    H N N 91  
GLU H2   H N N 92  
GLU HA   H N N 93  
GLU HB2  H N N 94  
GLU HB3  H N N 95  
GLU HG2  H N N 96  
GLU HG3  H N N 97  
GLU HE2  H N N 98  
GLU HXT  H N N 99  
GLY N    N N N 100 
GLY CA   C N N 101 
GLY C    C N N 102 
GLY O    O N N 103 
GLY OXT  O N N 104 
GLY H    H N N 105 
GLY H2   H N N 106 
GLY HA2  H N N 107 
GLY HA3  H N N 108 
GLY HXT  H N N 109 
HOH O    O N N 110 
HOH H1   H N N 111 
HOH H2   H N N 112 
ILE N    N N N 113 
ILE CA   C N S 114 
ILE C    C N N 115 
ILE O    O N N 116 
ILE CB   C N S 117 
ILE CG1  C N N 118 
ILE CG2  C N N 119 
ILE CD1  C N N 120 
ILE OXT  O N N 121 
ILE H    H N N 122 
ILE H2   H N N 123 
ILE HA   H N N 124 
ILE HB   H N N 125 
ILE HG12 H N N 126 
ILE HG13 H N N 127 
ILE HG21 H N N 128 
ILE HG22 H N N 129 
ILE HG23 H N N 130 
ILE HD11 H N N 131 
ILE HD12 H N N 132 
ILE HD13 H N N 133 
ILE HXT  H N N 134 
LEU N    N N N 135 
LEU CA   C N S 136 
LEU C    C N N 137 
LEU O    O N N 138 
LEU CB   C N N 139 
LEU CG   C N N 140 
LEU CD1  C N N 141 
LEU CD2  C N N 142 
LEU OXT  O N N 143 
LEU H    H N N 144 
LEU H2   H N N 145 
LEU HA   H N N 146 
LEU HB2  H N N 147 
LEU HB3  H N N 148 
LEU HG   H N N 149 
LEU HD11 H N N 150 
LEU HD12 H N N 151 
LEU HD13 H N N 152 
LEU HD21 H N N 153 
LEU HD22 H N N 154 
LEU HD23 H N N 155 
LEU HXT  H N N 156 
LYS N    N N N 157 
LYS CA   C N S 158 
LYS C    C N N 159 
LYS O    O N N 160 
LYS CB   C N N 161 
LYS CG   C N N 162 
LYS CD   C N N 163 
LYS CE   C N N 164 
LYS NZ   N N N 165 
LYS OXT  O N N 166 
LYS H    H N N 167 
LYS H2   H N N 168 
LYS HA   H N N 169 
LYS HB2  H N N 170 
LYS HB3  H N N 171 
LYS HG2  H N N 172 
LYS HG3  H N N 173 
LYS HD2  H N N 174 
LYS HD3  H N N 175 
LYS HE2  H N N 176 
LYS HE3  H N N 177 
LYS HZ1  H N N 178 
LYS HZ2  H N N 179 
LYS HZ3  H N N 180 
LYS HXT  H N N 181 
MET N    N N N 182 
MET CA   C N S 183 
MET C    C N N 184 
MET O    O N N 185 
MET CB   C N N 186 
MET CG   C N N 187 
MET SD   S N N 188 
MET CE   C N N 189 
MET OXT  O N N 190 
MET H    H N N 191 
MET H2   H N N 192 
MET HA   H N N 193 
MET HB2  H N N 194 
MET HB3  H N N 195 
MET HG2  H N N 196 
MET HG3  H N N 197 
MET HE1  H N N 198 
MET HE2  H N N 199 
MET HE3  H N N 200 
MET HXT  H N N 201 
PRO N    N N N 202 
PRO CA   C N S 203 
PRO C    C N N 204 
PRO O    O N N 205 
PRO CB   C N N 206 
PRO CG   C N N 207 
PRO CD   C N N 208 
PRO OXT  O N N 209 
PRO H    H N N 210 
PRO HA   H N N 211 
PRO HB2  H N N 212 
PRO HB3  H N N 213 
PRO HG2  H N N 214 
PRO HG3  H N N 215 
PRO HD2  H N N 216 
PRO HD3  H N N 217 
PRO HXT  H N N 218 
SER N    N N N 219 
SER CA   C N S 220 
SER C    C N N 221 
SER O    O N N 222 
SER CB   C N N 223 
SER OG   O N N 224 
SER OXT  O N N 225 
SER H    H N N 226 
SER H2   H N N 227 
SER HA   H N N 228 
SER HB2  H N N 229 
SER HB3  H N N 230 
SER HG   H N N 231 
SER HXT  H N N 232 
THR N    N N N 233 
THR CA   C N S 234 
THR C    C N N 235 
THR O    O N N 236 
THR CB   C N R 237 
THR OG1  O N N 238 
THR CG2  C N N 239 
THR OXT  O N N 240 
THR H    H N N 241 
THR H2   H N N 242 
THR HA   H N N 243 
THR HB   H N N 244 
THR HG1  H N N 245 
THR HG21 H N N 246 
THR HG22 H N N 247 
THR HG23 H N N 248 
THR HXT  H N N 249 
TRP N    N N N 250 
TRP CA   C N S 251 
TRP C    C N N 252 
TRP O    O N N 253 
TRP CB   C N N 254 
TRP CG   C Y N 255 
TRP CD1  C Y N 256 
TRP CD2  C Y N 257 
TRP NE1  N Y N 258 
TRP CE2  C Y N 259 
TRP CE3  C Y N 260 
TRP CZ2  C Y N 261 
TRP CZ3  C Y N 262 
TRP CH2  C Y N 263 
TRP OXT  O N N 264 
TRP H    H N N 265 
TRP H2   H N N 266 
TRP HA   H N N 267 
TRP HB2  H N N 268 
TRP HB3  H N N 269 
TRP HD1  H N N 270 
TRP HE1  H N N 271 
TRP HE3  H N N 272 
TRP HZ2  H N N 273 
TRP HZ3  H N N 274 
TRP HH2  H N N 275 
TRP HXT  H N N 276 
TYR N    N N N 277 
TYR CA   C N S 278 
TYR C    C N N 279 
TYR O    O N N 280 
TYR CB   C N N 281 
TYR CG   C Y N 282 
TYR CD1  C Y N 283 
TYR CD2  C Y N 284 
TYR CE1  C Y N 285 
TYR CE2  C Y N 286 
TYR CZ   C Y N 287 
TYR OH   O N N 288 
TYR OXT  O N N 289 
TYR H    H N N 290 
TYR H2   H N N 291 
TYR HA   H N N 292 
TYR HB2  H N N 293 
TYR HB3  H N N 294 
TYR HD1  H N N 295 
TYR HD2  H N N 296 
TYR HE1  H N N 297 
TYR HE2  H N N 298 
TYR HH   H N N 299 
TYR HXT  H N N 300 
VAL N    N N N 301 
VAL CA   C N S 302 
VAL C    C N N 303 
VAL O    O N N 304 
VAL CB   C N N 305 
VAL CG1  C N N 306 
VAL CG2  C N N 307 
VAL OXT  O N N 308 
VAL H    H N N 309 
VAL H2   H N N 310 
VAL HA   H N N 311 
VAL HB   H N N 312 
VAL HG11 H N N 313 
VAL HG12 H N N 314 
VAL HG13 H N N 315 
VAL HG21 H N N 316 
VAL HG22 H N N 317 
VAL HG23 H N N 318 
VAL HXT  H N N 319 
# 
loop_
_chem_comp_bond.comp_id 
_chem_comp_bond.atom_id_1 
_chem_comp_bond.atom_id_2 
_chem_comp_bond.value_order 
_chem_comp_bond.pdbx_aromatic_flag 
_chem_comp_bond.pdbx_stereo_config 
_chem_comp_bond.pdbx_ordinal 
ALA N   CA   sing N N 1   
ALA N   H    sing N N 2   
ALA N   H2   sing N N 3   
ALA CA  C    sing N N 4   
ALA CA  CB   sing N N 5   
ALA CA  HA   sing N N 6   
ALA C   O    doub N N 7   
ALA C   OXT  sing N N 8   
ALA CB  HB1  sing N N 9   
ALA CB  HB2  sing N N 10  
ALA CB  HB3  sing N N 11  
ALA OXT HXT  sing N N 12  
ASN N   CA   sing N N 13  
ASN N   H    sing N N 14  
ASN N   H2   sing N N 15  
ASN CA  C    sing N N 16  
ASN CA  CB   sing N N 17  
ASN CA  HA   sing N N 18  
ASN C   O    doub N N 19  
ASN C   OXT  sing N N 20  
ASN CB  CG   sing N N 21  
ASN CB  HB2  sing N N 22  
ASN CB  HB3  sing N N 23  
ASN CG  OD1  doub N N 24  
ASN CG  ND2  sing N N 25  
ASN ND2 HD21 sing N N 26  
ASN ND2 HD22 sing N N 27  
ASN OXT HXT  sing N N 28  
ASP N   CA   sing N N 29  
ASP N   H    sing N N 30  
ASP N   H2   sing N N 31  
ASP CA  C    sing N N 32  
ASP CA  CB   sing N N 33  
ASP CA  HA   sing N N 34  
ASP C   O    doub N N 35  
ASP C   OXT  sing N N 36  
ASP CB  CG   sing N N 37  
ASP CB  HB2  sing N N 38  
ASP CB  HB3  sing N N 39  
ASP CG  OD1  doub N N 40  
ASP CG  OD2  sing N N 41  
ASP OD2 HD2  sing N N 42  
ASP OXT HXT  sing N N 43  
CYS N   CA   sing N N 44  
CYS N   H    sing N N 45  
CYS N   H2   sing N N 46  
CYS CA  C    sing N N 47  
CYS CA  CB   sing N N 48  
CYS CA  HA   sing N N 49  
CYS C   O    doub N N 50  
CYS C   OXT  sing N N 51  
CYS CB  SG   sing N N 52  
CYS CB  HB2  sing N N 53  
CYS CB  HB3  sing N N 54  
CYS SG  HG   sing N N 55  
CYS OXT HXT  sing N N 56  
GLN N   CA   sing N N 57  
GLN N   H    sing N N 58  
GLN N   H2   sing N N 59  
GLN CA  C    sing N N 60  
GLN CA  CB   sing N N 61  
GLN CA  HA   sing N N 62  
GLN C   O    doub N N 63  
GLN C   OXT  sing N N 64  
GLN CB  CG   sing N N 65  
GLN CB  HB2  sing N N 66  
GLN CB  HB3  sing N N 67  
GLN CG  CD   sing N N 68  
GLN CG  HG2  sing N N 69  
GLN CG  HG3  sing N N 70  
GLN CD  OE1  doub N N 71  
GLN CD  NE2  sing N N 72  
GLN NE2 HE21 sing N N 73  
GLN NE2 HE22 sing N N 74  
GLN OXT HXT  sing N N 75  
GLU N   CA   sing N N 76  
GLU N   H    sing N N 77  
GLU N   H2   sing N N 78  
GLU CA  C    sing N N 79  
GLU CA  CB   sing N N 80  
GLU CA  HA   sing N N 81  
GLU C   O    doub N N 82  
GLU C   OXT  sing N N 83  
GLU CB  CG   sing N N 84  
GLU CB  HB2  sing N N 85  
GLU CB  HB3  sing N N 86  
GLU CG  CD   sing N N 87  
GLU CG  HG2  sing N N 88  
GLU CG  HG3  sing N N 89  
GLU CD  OE1  doub N N 90  
GLU CD  OE2  sing N N 91  
GLU OE2 HE2  sing N N 92  
GLU OXT HXT  sing N N 93  
GLY N   CA   sing N N 94  
GLY N   H    sing N N 95  
GLY N   H2   sing N N 96  
GLY CA  C    sing N N 97  
GLY CA  HA2  sing N N 98  
GLY CA  HA3  sing N N 99  
GLY C   O    doub N N 100 
GLY C   OXT  sing N N 101 
GLY OXT HXT  sing N N 102 
HOH O   H1   sing N N 103 
HOH O   H2   sing N N 104 
ILE N   CA   sing N N 105 
ILE N   H    sing N N 106 
ILE N   H2   sing N N 107 
ILE CA  C    sing N N 108 
ILE CA  CB   sing N N 109 
ILE CA  HA   sing N N 110 
ILE C   O    doub N N 111 
ILE C   OXT  sing N N 112 
ILE CB  CG1  sing N N 113 
ILE CB  CG2  sing N N 114 
ILE CB  HB   sing N N 115 
ILE CG1 CD1  sing N N 116 
ILE CG1 HG12 sing N N 117 
ILE CG1 HG13 sing N N 118 
ILE CG2 HG21 sing N N 119 
ILE CG2 HG22 sing N N 120 
ILE CG2 HG23 sing N N 121 
ILE CD1 HD11 sing N N 122 
ILE CD1 HD12 sing N N 123 
ILE CD1 HD13 sing N N 124 
ILE OXT HXT  sing N N 125 
LEU N   CA   sing N N 126 
LEU N   H    sing N N 127 
LEU N   H2   sing N N 128 
LEU CA  C    sing N N 129 
LEU CA  CB   sing N N 130 
LEU CA  HA   sing N N 131 
LEU C   O    doub N N 132 
LEU C   OXT  sing N N 133 
LEU CB  CG   sing N N 134 
LEU CB  HB2  sing N N 135 
LEU CB  HB3  sing N N 136 
LEU CG  CD1  sing N N 137 
LEU CG  CD2  sing N N 138 
LEU CG  HG   sing N N 139 
LEU CD1 HD11 sing N N 140 
LEU CD1 HD12 sing N N 141 
LEU CD1 HD13 sing N N 142 
LEU CD2 HD21 sing N N 143 
LEU CD2 HD22 sing N N 144 
LEU CD2 HD23 sing N N 145 
LEU OXT HXT  sing N N 146 
LYS N   CA   sing N N 147 
LYS N   H    sing N N 148 
LYS N   H2   sing N N 149 
LYS CA  C    sing N N 150 
LYS CA  CB   sing N N 151 
LYS CA  HA   sing N N 152 
LYS C   O    doub N N 153 
LYS C   OXT  sing N N 154 
LYS CB  CG   sing N N 155 
LYS CB  HB2  sing N N 156 
LYS CB  HB3  sing N N 157 
LYS CG  CD   sing N N 158 
LYS CG  HG2  sing N N 159 
LYS CG  HG3  sing N N 160 
LYS CD  CE   sing N N 161 
LYS CD  HD2  sing N N 162 
LYS CD  HD3  sing N N 163 
LYS CE  NZ   sing N N 164 
LYS CE  HE2  sing N N 165 
LYS CE  HE3  sing N N 166 
LYS NZ  HZ1  sing N N 167 
LYS NZ  HZ2  sing N N 168 
LYS NZ  HZ3  sing N N 169 
LYS OXT HXT  sing N N 170 
MET N   CA   sing N N 171 
MET N   H    sing N N 172 
MET N   H2   sing N N 173 
MET CA  C    sing N N 174 
MET CA  CB   sing N N 175 
MET CA  HA   sing N N 176 
MET C   O    doub N N 177 
MET C   OXT  sing N N 178 
MET CB  CG   sing N N 179 
MET CB  HB2  sing N N 180 
MET CB  HB3  sing N N 181 
MET CG  SD   sing N N 182 
MET CG  HG2  sing N N 183 
MET CG  HG3  sing N N 184 
MET SD  CE   sing N N 185 
MET CE  HE1  sing N N 186 
MET CE  HE2  sing N N 187 
MET CE  HE3  sing N N 188 
MET OXT HXT  sing N N 189 
PRO N   CA   sing N N 190 
PRO N   CD   sing N N 191 
PRO N   H    sing N N 192 
PRO CA  C    sing N N 193 
PRO CA  CB   sing N N 194 
PRO CA  HA   sing N N 195 
PRO C   O    doub N N 196 
PRO C   OXT  sing N N 197 
PRO CB  CG   sing N N 198 
PRO CB  HB2  sing N N 199 
PRO CB  HB3  sing N N 200 
PRO CG  CD   sing N N 201 
PRO CG  HG2  sing N N 202 
PRO CG  HG3  sing N N 203 
PRO CD  HD2  sing N N 204 
PRO CD  HD3  sing N N 205 
PRO OXT HXT  sing N N 206 
SER N   CA   sing N N 207 
SER N   H    sing N N 208 
SER N   H2   sing N N 209 
SER CA  C    sing N N 210 
SER CA  CB   sing N N 211 
SER CA  HA   sing N N 212 
SER C   O    doub N N 213 
SER C   OXT  sing N N 214 
SER CB  OG   sing N N 215 
SER CB  HB2  sing N N 216 
SER CB  HB3  sing N N 217 
SER OG  HG   sing N N 218 
SER OXT HXT  sing N N 219 
THR N   CA   sing N N 220 
THR N   H    sing N N 221 
THR N   H2   sing N N 222 
THR CA  C    sing N N 223 
THR CA  CB   sing N N 224 
THR CA  HA   sing N N 225 
THR C   O    doub N N 226 
THR C   OXT  sing N N 227 
THR CB  OG1  sing N N 228 
THR CB  CG2  sing N N 229 
THR CB  HB   sing N N 230 
THR OG1 HG1  sing N N 231 
THR CG2 HG21 sing N N 232 
THR CG2 HG22 sing N N 233 
THR CG2 HG23 sing N N 234 
THR OXT HXT  sing N N 235 
TRP N   CA   sing N N 236 
TRP N   H    sing N N 237 
TRP N   H2   sing N N 238 
TRP CA  C    sing N N 239 
TRP CA  CB   sing N N 240 
TRP CA  HA   sing N N 241 
TRP C   O    doub N N 242 
TRP C   OXT  sing N N 243 
TRP CB  CG   sing N N 244 
TRP CB  HB2  sing N N 245 
TRP CB  HB3  sing N N 246 
TRP CG  CD1  doub Y N 247 
TRP CG  CD2  sing Y N 248 
TRP CD1 NE1  sing Y N 249 
TRP CD1 HD1  sing N N 250 
TRP CD2 CE2  doub Y N 251 
TRP CD2 CE3  sing Y N 252 
TRP NE1 CE2  sing Y N 253 
TRP NE1 HE1  sing N N 254 
TRP CE2 CZ2  sing Y N 255 
TRP CE3 CZ3  doub Y N 256 
TRP CE3 HE3  sing N N 257 
TRP CZ2 CH2  doub Y N 258 
TRP CZ2 HZ2  sing N N 259 
TRP CZ3 CH2  sing Y N 260 
TRP CZ3 HZ3  sing N N 261 
TRP CH2 HH2  sing N N 262 
TRP OXT HXT  sing N N 263 
TYR N   CA   sing N N 264 
TYR N   H    sing N N 265 
TYR N   H2   sing N N 266 
TYR CA  C    sing N N 267 
TYR CA  CB   sing N N 268 
TYR CA  HA   sing N N 269 
TYR C   O    doub N N 270 
TYR C   OXT  sing N N 271 
TYR CB  CG   sing N N 272 
TYR CB  HB2  sing N N 273 
TYR CB  HB3  sing N N 274 
TYR CG  CD1  doub Y N 275 
TYR CG  CD2  sing Y N 276 
TYR CD1 CE1  sing Y N 277 
TYR CD1 HD1  sing N N 278 
TYR CD2 CE2  doub Y N 279 
TYR CD2 HD2  sing N N 280 
TYR CE1 CZ   doub Y N 281 
TYR CE1 HE1  sing N N 282 
TYR CE2 CZ   sing Y N 283 
TYR CE2 HE2  sing N N 284 
TYR CZ  OH   sing N N 285 
TYR OH  HH   sing N N 286 
TYR OXT HXT  sing N N 287 
VAL N   CA   sing N N 288 
VAL N   H    sing N N 289 
VAL N   H2   sing N N 290 
VAL CA  C    sing N N 291 
VAL CA  CB   sing N N 292 
VAL CA  HA   sing N N 293 
VAL C   O    doub N N 294 
VAL C   OXT  sing N N 295 
VAL CB  CG1  sing N N 296 
VAL CB  CG2  sing N N 297 
VAL CB  HB   sing N N 298 
VAL CG1 HG11 sing N N 299 
VAL CG1 HG12 sing N N 300 
VAL CG1 HG13 sing N N 301 
VAL CG2 HG21 sing N N 302 
VAL CG2 HG22 sing N N 303 
VAL CG2 HG23 sing N N 304 
VAL OXT HXT  sing N N 305 
# 
_atom_sites.entry_id                    4MIS 
_atom_sites.fract_transf_matrix[1][1]   -0.00281810 
_atom_sites.fract_transf_matrix[1][2]   0.00320290 
_atom_sites.fract_transf_matrix[1][3]   0.01009018 
_atom_sites.fract_transf_matrix[2][1]   0.00239256 
_atom_sites.fract_transf_matrix[2][2]   -0.01440663 
_atom_sites.fract_transf_matrix[2][3]   0.00524128 
_atom_sites.fract_transf_matrix[3][1]   0.02005520 
_atom_sites.fract_transf_matrix[3][2]   0.00481264 
_atom_sites.fract_transf_matrix[3][3]   0.00407358 
_atom_sites.fract_transf_vector[1]      -0.006978 
_atom_sites.fract_transf_vector[2]      -0.276855 
_atom_sites.fract_transf_vector[3]      0.128933 
# 
loop_
_atom_type.symbol 
C 
N 
O 
S 
# 
loop_
_atom_site.group_PDB 
_atom_site.id 
_atom_site.type_symbol 
_atom_site.label_atom_id 
_atom_site.label_alt_id 
_atom_site.label_comp_id 
_atom_site.label_asym_id 
_atom_site.label_entity_id 
_atom_site.label_seq_id 
_atom_site.pdbx_PDB_ins_code 
_atom_site.Cartn_x 
_atom_site.Cartn_y 
_atom_site.Cartn_z 
_atom_site.occupancy 
_atom_site.B_iso_or_equiv 
_atom_site.pdbx_formal_charge 
_atom_site.auth_seq_id 
_atom_site.auth_comp_id 
_atom_site.auth_asym_id 
_atom_site.auth_atom_id 
_atom_site.pdbx_PDB_model_num 
ATOM   1    N N   . ALA A 1 2  ? 8.282   19.521  -2.319  1.00 17.35 ? 24  ALA A N   1 
ATOM   2    C CA  . ALA A 1 2  ? 9.215   20.061  -1.343  1.00 2.83  ? 24  ALA A CA  1 
ATOM   3    C C   . ALA A 1 2  ? 10.439  19.254  -1.270  1.00 14.01 ? 24  ALA A C   1 
ATOM   4    O O   . ALA A 1 2  ? 11.483  19.768  -0.890  1.00 17.77 ? 24  ALA A O   1 
ATOM   5    C CB  . ALA A 1 2  ? 8.597   20.168  -0.009  1.00 29.83 ? 24  ALA A CB  1 
ATOM   6    N N   . MET A 1 3  ? 10.305  17.987  -1.681  1.00 25.05 ? 25  MET A N   1 
ATOM   7    C CA  . MET A 1 3  ? 11.291  16.943  -1.445  1.00 18.14 ? 25  MET A CA  1 
ATOM   8    C C   . MET A 1 3  ? 11.060  15.696  -2.328  1.00 13.17 ? 25  MET A C   1 
ATOM   9    O O   . MET A 1 3  ? 9.944   15.290  -2.635  1.00 14.87 ? 25  MET A O   1 
ATOM   10   C CB  . MET A 1 3  ? 11.346  16.569  0.042   1.00 13.41 ? 25  MET A CB  1 
ATOM   11   C CG  . MET A 1 3  ? 10.006  16.355  0.712   1.00 14.16 ? 25  MET A CG  1 
ATOM   12   S SD  . MET A 1 3  ? 10.233  16.290  2.513   1.00 41.99 ? 25  MET A SD  1 
ATOM   13   C CE  . MET A 1 3  ? 11.278  14.835  2.652   1.00 20.38 ? 25  MET A CE  1 
ATOM   14   N N   . GLY A 1 4  ? 12.125  15.085  -2.767  1.00 9.13  ? 26  GLY A N   1 
ATOM   15   C CA  . GLY A 1 4  ? 11.953  14.187  -3.904  1.00 21.26 ? 26  GLY A CA  1 
ATOM   16   C C   . GLY A 1 4  ? 11.583  12.739  -3.614  1.00 11.85 ? 26  GLY A C   1 
ATOM   17   O O   . GLY A 1 4  ? 11.573  11.915  -4.530  1.00 11.12 ? 26  GLY A O   1 
ATOM   18   N N   . GLU A 1 5  ? 11.216  12.457  -2.366  1.00 9.20  ? 27  GLU A N   1 
ATOM   19   C CA  . GLU A 1 5  ? 11.378  11.122  -1.792  1.00 13.16 ? 27  GLU A CA  1 
ATOM   20   C C   . GLU A 1 5  ? 10.357  10.785  -0.706  1.00 11.86 ? 27  GLU A C   1 
ATOM   21   O O   . GLU A 1 5  ? 10.041  11.622  0.122   1.00 10.63 ? 27  GLU A O   1 
ATOM   22   C CB  . GLU A 1 5  ? 12.746  11.077  -1.115  1.00 18.47 ? 27  GLU A CB  1 
ATOM   23   C CG  . GLU A 1 5  ? 13.837  10.355  -1.871  1.00 28.44 ? 27  GLU A CG  1 
ATOM   24   C CD  . GLU A 1 5  ? 15.120  10.274  -1.060  1.00 34.67 ? 27  GLU A CD  1 
ATOM   25   O OE1 . GLU A 1 5  ? 15.145  10.835  0.054   1.00 35.31 ? 27  GLU A OE1 1 
ATOM   26   O OE2 . GLU A 1 5  ? 16.099  9.655   -1.535  1.00 44.20 ? 27  GLU A OE2 1 
ATOM   27   N N   . ILE A 1 6  ? 9.876   9.548   -0.683  1.00 13.50 ? 28  ILE A N   1 
ATOM   28   C CA  . ILE A 1 6  ? 9.226   9.036   0.516   1.00 12.32 ? 28  ILE A CA  1 
ATOM   29   C C   . ILE A 1 6  ? 10.239  8.158   1.221   1.00 13.14 ? 28  ILE A C   1 
ATOM   30   O O   . ILE A 1 6  ? 10.754  7.214   0.627   1.00 13.36 ? 28  ILE A O   1 
ATOM   31   C CB  . ILE A 1 6  ? 8.002   8.181   0.199   1.00 10.61 ? 28  ILE A CB  1 
ATOM   32   C CG1 . ILE A 1 6  ? 6.944   8.998   -0.533  1.00 11.33 ? 28  ILE A CG1 1 
ATOM   33   C CG2 . ILE A 1 6  ? 7.415   7.598   1.484   1.00 11.19 ? 28  ILE A CG2 1 
ATOM   34   C CD1 . ILE A 1 6  ? 5.744   8.163   -0.952  1.00 12.41 ? 28  ILE A CD1 1 
ATOM   35   N N   . THR A 1 7  ? 10.543  8.467   2.477   1.00 10.60 ? 29  THR A N   1 
ATOM   36   C CA  . THR A 1 7  ? 11.418  7.595   3.261   1.00 13.22 ? 29  THR A CA  1 
ATOM   37   C C   . THR A 1 7  ? 10.656  6.909   4.381   1.00 14.05 ? 29  THR A C   1 
ATOM   38   O O   . THR A 1 7  ? 9.974   7.553   5.176   1.00 13.41 ? 29  THR A O   1 
ATOM   39   C CB  . THR A 1 7  ? 12.623  8.340   3.851   1.00 18.52 ? 29  THR A CB  1 
ATOM   40   O OG1 . THR A 1 7  ? 13.414  8.883   2.785   1.00 18.05 ? 29  THR A OG1 1 
ATOM   41   C CG2 . THR A 1 7  ? 13.487  7.384   4.683   1.00 17.09 ? 29  THR A CG2 1 
ATOM   42   N N   . ILE A 1 8  ? 10.766  5.591   4.430   1.00 11.62 ? 30  ILE A N   1 
ATOM   43   C CA  . ILE A 1 8  ? 10.112  4.803   5.464   1.00 16.32 ? 30  ILE A CA  1 
ATOM   44   C C   . ILE A 1 8  ? 11.173  4.042   6.260   1.00 14.99 ? 30  ILE A C   1 
ATOM   45   O O   . ILE A 1 8  ? 11.809  3.128   5.730   1.00 16.18 ? 30  ILE A O   1 
ATOM   46   C CB  . ILE A 1 8  ? 9.101   3.824   4.844   1.00 15.77 ? 30  ILE A CB  1 
ATOM   47   C CG1 . ILE A 1 8  ? 8.077   4.580   3.998   1.00 11.75 ? 30  ILE A CG1 1 
ATOM   48   C CG2 . ILE A 1 8  ? 8.393   3.014   5.916   1.00 13.91 ? 30  ILE A CG2 1 
ATOM   49   C CD1 . ILE A 1 8  ? 7.094   3.671   3.300   1.00 11.86 ? 30  ILE A CD1 1 
ATOM   50   N N   . LYS A 1 9  ? 11.379  4.436   7.519   1.00 16.51 ? 31  LYS A N   1 
ATOM   51   C CA  . LYS A 1 9  ? 12.447  3.864   8.341   1.00 17.81 ? 31  LYS A CA  1 
ATOM   52   C C   . LYS A 1 9  ? 11.980  2.612   9.067   1.00 20.59 ? 31  LYS A C   1 
ATOM   53   O O   . LYS A 1 9  ? 10.959  2.639   9.742   1.00 22.74 ? 31  LYS A O   1 
ATOM   54   C CB  . LYS A 1 9  ? 12.920  4.866   9.391   1.00 20.76 ? 31  LYS A CB  1 
ATOM   55   C CG  . LYS A 1 9  ? 12.802  6.315   8.983   1.00 28.90 ? 31  LYS A CG  1 
ATOM   56   C CD  . LYS A 1 9  ? 14.041  6.820   8.261   1.00 34.63 ? 31  LYS A CD  1 
ATOM   57   C CE  . LYS A 1 9  ? 14.008  8.347   8.137   1.00 38.91 ? 31  LYS A CE  1 
ATOM   58   N NZ  . LYS A 1 9  ? 15.084  8.879   7.246   1.00 45.58 ? 31  LYS A NZ  1 
ATOM   59   N N   . LEU A 1 10 ? 12.734  1.525   8.940   1.00 24.15 ? 32  LEU A N   1 
ATOM   60   C CA  . LEU A 1 10 ? 12.388  0.250   9.557   1.00 27.85 ? 32  LEU A CA  1 
ATOM   61   C C   . LEU A 1 10 ? 13.486  -0.121  10.551  1.00 31.33 ? 32  LEU A C   1 
ATOM   62   O O   . LEU A 1 10 ? 14.485  0.596   10.646  1.00 32.21 ? 32  LEU A O   1 
ATOM   63   C CB  . LEU A 1 10 ? 12.283  -0.808  8.460   1.00 23.79 ? 32  LEU A CB  1 
ATOM   64   C CG  . LEU A 1 10 ? 11.202  -0.561  7.412   1.00 21.61 ? 32  LEU A CG  1 
ATOM   65   C CD1 . LEU A 1 10 ? 11.432  -1.422  6.185   1.00 13.27 ? 32  LEU A CD1 1 
ATOM   66   C CD2 . LEU A 1 10 ? 9.846   -0.864  8.013   1.00 17.04 ? 32  LEU A CD2 1 
ATOM   67   N N   . PRO A 1 11 ? 13.305  -1.225  11.309  1.00 36.25 ? 33  PRO A N   1 
ATOM   68   C CA  . PRO A 1 11 ? 14.419  -1.789  12.081  1.00 37.50 ? 33  PRO A CA  1 
ATOM   69   C C   . PRO A 1 11 ? 15.672  -1.935  11.224  1.00 41.19 ? 33  PRO A C   1 
ATOM   70   O O   . PRO A 1 11 ? 15.595  -2.464  10.115  1.00 37.77 ? 33  PRO A O   1 
ATOM   71   C CB  . PRO A 1 11 ? 13.890  -3.165  12.467  1.00 38.13 ? 33  PRO A CB  1 
ATOM   72   C CG  . PRO A 1 11 ? 12.439  -2.940  12.657  1.00 34.88 ? 33  PRO A CG  1 
ATOM   73   C CD  . PRO A 1 11 ? 12.036  -1.911  11.626  1.00 38.42 ? 33  PRO A CD  1 
ATOM   74   N N   . ASP A 1 12 ? 16.806  -1.472  11.743  1.00 44.26 ? 34  ASP A N   1 
ATOM   75   C CA  . ASP A 1 12 ? 18.035  -1.350  10.958  1.00 44.19 ? 34  ASP A CA  1 
ATOM   76   C C   . ASP A 1 12 ? 18.566  -2.683  10.445  1.00 47.51 ? 34  ASP A C   1 
ATOM   77   O O   . ASP A 1 12 ? 19.466  -2.711  9.603   1.00 46.16 ? 34  ASP A O   1 
ATOM   78   C CB  . ASP A 1 12 ? 19.120  -0.647  11.777  1.00 54.56 ? 34  ASP A CB  1 
ATOM   79   C CG  . ASP A 1 12 ? 18.545  0.287   12.830  1.00 60.71 ? 34  ASP A CG  1 
ATOM   80   O OD1 . ASP A 1 12 ? 17.504  0.922   12.560  1.00 63.08 ? 34  ASP A OD1 1 
ATOM   81   O OD2 . ASP A 1 12 ? 19.131  0.378   13.931  1.00 62.93 ? 34  ASP A OD2 1 
ATOM   82   N N   . SER A 1 13 ? 18.005  -3.779  10.950  1.00 40.07 ? 35  SER A N   1 
ATOM   83   C CA  . SER A 1 13 ? 18.438  -5.115  10.561  1.00 41.14 ? 35  SER A CA  1 
ATOM   84   C C   . SER A 1 13 ? 17.740  -5.622  9.300   1.00 41.43 ? 35  SER A C   1 
ATOM   85   O O   . SER A 1 13 ? 18.104  -6.669  8.764   1.00 39.48 ? 35  SER A O   1 
ATOM   86   C CB  . SER A 1 13 ? 18.181  -6.103  11.699  1.00 47.02 ? 35  SER A CB  1 
ATOM   87   O OG  . SER A 1 13 ? 16.791  -6.240  11.936  1.00 51.49 ? 35  SER A OG  1 
ATOM   88   N N   . VAL A 1 14 ? 16.733  -4.893  8.834   1.00 33.67 ? 36  VAL A N   1 
ATOM   89   C CA  . VAL A 1 14 ? 15.922  -5.358  7.713   1.00 31.58 ? 36  VAL A CA  1 
ATOM   90   C C   . VAL A 1 14 ? 16.533  -4.970  6.372   1.00 32.04 ? 36  VAL A C   1 
ATOM   91   O O   . VAL A 1 14 ? 16.750  -3.791  6.086   1.00 30.79 ? 36  VAL A O   1 
ATOM   92   C CB  . VAL A 1 14 ? 14.474  -4.842  7.816   1.00 33.10 ? 36  VAL A CB  1 
ATOM   93   C CG1 . VAL A 1 14 ? 13.647  -5.327  6.636   1.00 23.47 ? 36  VAL A CG1 1 
ATOM   94   C CG2 . VAL A 1 14 ? 13.852  -5.298  9.130   1.00 33.77 ? 36  VAL A CG2 1 
ATOM   95   N N   . LYS A 1 15 ? 16.827  -5.976  5.559   1.00 25.52 ? 37  LYS A N   1 
ATOM   96   C CA  . LYS A 1 15 ? 17.401  -5.748  4.242   1.00 28.94 ? 37  LYS A CA  1 
ATOM   97   C C   . LYS A 1 15 ? 16.307  -5.265  3.310   1.00 24.00 ? 37  LYS A C   1 
ATOM   98   O O   . LYS A 1 15 ? 15.200  -5.804  3.311   1.00 18.14 ? 37  LYS A O   1 
ATOM   99   C CB  . LYS A 1 15 ? 18.021  -7.039  3.701   1.00 36.30 ? 37  LYS A CB  1 
ATOM   100  C CG  . LYS A 1 15 ? 19.435  -6.870  3.157   1.00 49.17 ? 37  LYS A CG  1 
ATOM   101  C CD  . LYS A 1 15 ? 19.457  -6.726  1.637   1.00 49.92 ? 37  LYS A CD  1 
ATOM   102  C CE  . LYS A 1 15 ? 20.751  -6.067  1.172   1.00 58.67 ? 37  LYS A CE  1 
ATOM   103  N NZ  . LYS A 1 15 ? 21.946  -6.619  1.879   1.00 66.58 ? 37  LYS A NZ  1 
ATOM   104  N N   . VAL A 1 16 ? 16.609  -4.241  2.521   1.00 22.52 ? 38  VAL A N   1 
ATOM   105  C CA  . VAL A 1 16 ? 15.621  -3.682  1.611   1.00 18.21 ? 38  VAL A CA  1 
ATOM   106  C C   . VAL A 1 16 ? 16.111  -3.804  0.179   1.00 17.28 ? 38  VAL A C   1 
ATOM   107  O O   . VAL A 1 16 ? 17.229  -3.401  -0.142  1.00 19.92 ? 38  VAL A O   1 
ATOM   108  C CB  . VAL A 1 16 ? 15.314  -2.196  1.936   1.00 19.13 ? 38  VAL A CB  1 
ATOM   109  C CG1 . VAL A 1 16 ? 14.198  -1.675  1.043   1.00 15.89 ? 38  VAL A CG1 1 
ATOM   110  C CG2 . VAL A 1 16 ? 14.930  -2.040  3.389   1.00 18.19 ? 38  VAL A CG2 1 
ATOM   111  N N   . SER A 1 17 ? 15.278  -4.371  -0.683  1.00 15.06 ? 39  SER A N   1 
ATOM   112  C CA  . SER A 1 17 ? 15.619  -4.459  -2.094  1.00 15.89 ? 39  SER A CA  1 
ATOM   113  C C   . SER A 1 17 ? 14.656  -3.638  -2.939  1.00 15.47 ? 39  SER A C   1 
ATOM   114  O O   . SER A 1 17 ? 13.472  -3.502  -2.613  1.00 15.60 ? 39  SER A O   1 
ATOM   115  C CB  . SER A 1 17 ? 15.671  -5.916  -2.574  1.00 18.81 ? 39  SER A CB  1 
ATOM   116  O OG  . SER A 1 17 ? 14.371  -6.448  -2.748  1.00 25.67 ? 39  SER A OG  1 
ATOM   117  N N   . THR A 1 18 ? 15.194  -3.077  -4.013  1.00 15.55 ? 40  THR A N   1 
ATOM   118  C CA  . THR A 1 18 ? 14.456  -2.209  -4.917  1.00 14.55 ? 40  THR A CA  1 
ATOM   119  C C   . THR A 1 18 ? 14.766  -2.671  -6.324  1.00 22.45 ? 40  THR A C   1 
ATOM   120  O O   . THR A 1 18 ? 15.932  -2.731  -6.708  1.00 23.26 ? 40  THR A O   1 
ATOM   121  C CB  . THR A 1 18 ? 14.942  -0.756  -4.806  1.00 12.12 ? 40  THR A CB  1 
ATOM   122  O OG1 . THR A 1 18 ? 14.721  -0.264  -3.478  1.00 19.94 ? 40  THR A OG1 1 
ATOM   123  C CG2 . THR A 1 18 ? 14.204  0.136   -5.801  1.00 20.34 ? 40  THR A CG2 1 
ATOM   124  N N   . ASN A 1 19 ? 13.746  -3.008  -7.103  1.00 16.74 ? 41  ASN A N   1 
ATOM   125  C CA  . ASN A 1 19 ? 14.003  -3.321  -8.506  1.00 18.36 ? 41  ASN A CA  1 
ATOM   126  C C   . ASN A 1 19 ? 12.923  -2.845  -9.468  1.00 15.54 ? 41  ASN A C   1 
ATOM   127  O O   . ASN A 1 19 ? 11.731  -3.071  -9.256  1.00 12.43 ? 41  ASN A O   1 
ATOM   128  C CB  . ASN A 1 19 ? 14.366  -4.806  -8.712  1.00 25.86 ? 41  ASN A CB  1 
ATOM   129  C CG  . ASN A 1 19 ? 13.228  -5.744  -8.386  1.00 30.99 ? 41  ASN A CG  1 
ATOM   130  O OD1 . ASN A 1 19 ? 12.830  -5.888  -7.226  1.00 35.62 ? 41  ASN A OD1 1 
ATOM   131  N ND2 . ASN A 1 19 ? 12.718  -6.424  -9.408  1.00 33.47 ? 41  ASN A ND2 1 
ATOM   132  N N   . SER A 1 20 ? 13.371  -2.156  -10.512 1.00 14.95 ? 42  SER A N   1 
ATOM   133  C CA  . SER A 1 20 ? 12.500  -1.608  -11.544 1.00 14.53 ? 42  SER A CA  1 
ATOM   134  C C   . SER A 1 20 ? 12.300  -2.597  -12.683 1.00 17.87 ? 42  SER A C   1 
ATOM   135  O O   . SER A 1 20 ? 13.256  -3.178  -13.186 1.00 13.49 ? 42  SER A O   1 
ATOM   136  C CB  . SER A 1 20 ? 13.101  -0.320  -12.102 1.00 13.51 ? 42  SER A CB  1 
ATOM   137  O OG  . SER A 1 20 ? 13.229  0.650   -11.079 1.00 22.73 ? 42  SER A OG  1 
ATOM   138  N N   . ILE A 1 21 ? 11.048  -2.778  -13.084 1.00 12.82 ? 43  ILE A N   1 
ATOM   139  C CA  . ILE A 1 21 ? 10.710  -3.702  -14.143 1.00 14.01 ? 43  ILE A CA  1 
ATOM   140  C C   . ILE A 1 21 ? 9.817   -3.010  -15.161 1.00 14.16 ? 43  ILE A C   1 
ATOM   141  O O   . ILE A 1 21 ? 8.860   -2.335  -14.794 1.00 12.29 ? 43  ILE A O   1 
ATOM   142  C CB  . ILE A 1 21 ? 10.010  -4.960  -13.590 1.00 18.08 ? 43  ILE A CB  1 
ATOM   143  C CG1 . ILE A 1 21 ? 10.963  -5.749  -12.685 1.00 22.01 ? 43  ILE A CG1 1 
ATOM   144  C CG2 . ILE A 1 21 ? 9.541   -5.853  -14.722 1.00 15.27 ? 43  ILE A CG2 1 
ATOM   145  C CD1 . ILE A 1 21 ? 10.365  -7.017  -12.124 1.00 14.84 ? 43  ILE A CD1 1 
ATOM   146  N N   . LEU A 1 22 ? 10.145  -3.159  -16.440 1.00 13.50 ? 44  LEU A N   1 
ATOM   147  C CA  . LEU A 1 22 ? 9.350   -2.573  -17.509 1.00 9.47  ? 44  LEU A CA  1 
ATOM   148  C C   . LEU A 1 22 ? 8.280   -3.569  -17.928 1.00 12.16 ? 44  LEU A C   1 
ATOM   149  O O   . LEU A 1 22 ? 8.576   -4.727  -18.155 1.00 12.40 ? 44  LEU A O   1 
ATOM   150  C CB  . LEU A 1 22 ? 10.245  -2.260  -18.703 1.00 14.41 ? 44  LEU A CB  1 
ATOM   151  C CG  . LEU A 1 22 ? 10.010  -1.037  -19.587 1.00 17.81 ? 44  LEU A CG  1 
ATOM   152  C CD1 . LEU A 1 22 ? 10.406  -1.379  -21.022 1.00 18.90 ? 44  LEU A CD1 1 
ATOM   153  C CD2 . LEU A 1 22 ? 8.577   -0.486  -19.510 1.00 18.04 ? 44  LEU A CD2 1 
ATOM   154  N N   . TYR A 1 23 ? 7.037   -3.120  -18.022 1.00 10.64 ? 45  TYR A N   1 
ATOM   155  C CA  . TYR A 1 23 ? 5.967   -3.954  -18.536 1.00 12.84 ? 45  TYR A CA  1 
ATOM   156  C C   . TYR A 1 23 ? 5.457   -3.346  -19.826 1.00 17.99 ? 45  TYR A C   1 
ATOM   157  O O   . TYR A 1 23 ? 5.466   -2.128  -19.999 1.00 16.03 ? 45  TYR A O   1 
ATOM   158  C CB  . TYR A 1 23 ? 4.807   -4.055  -17.541 1.00 14.49 ? 45  TYR A CB  1 
ATOM   159  C CG  . TYR A 1 23 ? 5.122   -4.851  -16.302 1.00 12.48 ? 45  TYR A CG  1 
ATOM   160  C CD1 . TYR A 1 23 ? 5.839   -4.287  -15.253 1.00 13.05 ? 45  TYR A CD1 1 
ATOM   161  C CD2 . TYR A 1 23 ? 4.704   -6.169  -16.181 1.00 12.99 ? 45  TYR A CD2 1 
ATOM   162  C CE1 . TYR A 1 23 ? 6.134   -5.017  -14.123 1.00 15.07 ? 45  TYR A CE1 1 
ATOM   163  C CE2 . TYR A 1 23 ? 4.992   -6.911  -15.051 1.00 12.65 ? 45  TYR A CE2 1 
ATOM   164  C CZ  . TYR A 1 23 ? 5.706   -6.336  -14.026 1.00 14.36 ? 45  TYR A CZ  1 
ATOM   165  O OH  . TYR A 1 23 ? 5.986   -7.080  -12.901 1.00 15.23 ? 45  TYR A OH  1 
ATOM   166  N N   . LYS A 1 24 ? 5.008   -4.197  -20.737 1.00 15.24 ? 46  LYS A N   1 
ATOM   167  C CA  . LYS A 1 24 ? 4.348   -3.707  -21.925 1.00 17.96 ? 46  LYS A CA  1 
ATOM   168  C C   . LYS A 1 24 ? 2.873   -4.078  -21.839 1.00 16.11 ? 46  LYS A C   1 
ATOM   169  O O   . LYS A 1 24 ? 2.529   -5.241  -21.664 1.00 14.72 ? 46  LYS A O   1 
ATOM   170  C CB  . LYS A 1 24 ? 5.013   -4.240  -23.205 1.00 13.06 ? 46  LYS A CB  1 
ATOM   171  C CG  . LYS A 1 24 ? 4.888   -3.259  -24.368 1.00 26.46 ? 46  LYS A CG  1 
ATOM   172  C CD  . LYS A 1 24 ? 6.140   -3.192  -25.239 1.00 27.47 ? 46  LYS A CD  1 
ATOM   173  C CE  . LYS A 1 24 ? 6.206   -1.851  -25.964 1.00 27.95 ? 46  LYS A CE  1 
ATOM   174  N NZ  . LYS A 1 24 ? 7.200   -1.831  -27.084 1.00 37.58 ? 46  LYS A NZ  1 
ATOM   175  N N   . CYS A 1 25 ? 2.015   -3.070  -21.921 1.00 15.20 ? 47  CYS A N   1 
ATOM   176  C CA  . CYS A 1 25 ? 0.576   -3.262  -21.854 1.00 12.79 ? 47  CYS A CA  1 
ATOM   177  C C   . CYS A 1 25 ? 0.027   -3.003  -23.249 1.00 16.75 ? 47  CYS A C   1 
ATOM   178  O O   . CYS A 1 25 ? -0.230  -1.855  -23.614 1.00 11.23 ? 47  CYS A O   1 
ATOM   179  C CB  . CYS A 1 25 ? -0.030  -2.274  -20.851 1.00 13.05 ? 47  CYS A CB  1 
ATOM   180  S SG  . CYS A 1 25 ? 0.741   -2.355  -19.229 1.00 23.34 ? 47  CYS A SG  1 
ATOM   181  N N   . GLY A 1 26 ? -0.135  -4.063  -24.041 1.00 13.73 ? 48  GLY A N   1 
ATOM   182  C CA  . GLY A 1 26 ? -0.470  -3.888  -25.442 1.00 13.55 ? 48  GLY A CA  1 
ATOM   183  C C   . GLY A 1 26 ? 0.650   -3.110  -26.109 1.00 14.47 ? 48  GLY A C   1 
ATOM   184  O O   . GLY A 1 26 ? 1.781   -3.578  -26.164 1.00 16.23 ? 48  GLY A O   1 
ATOM   185  N N   . ALA A 1 27 ? 0.349   -1.909  -26.590 1.00 16.24 ? 49  ALA A N   1 
ATOM   186  C CA  . ALA A 1 27 ? 1.368   -1.075  -27.233 1.00 19.42 ? 49  ALA A CA  1 
ATOM   187  C C   . ALA A 1 27 ? 2.088   -0.152  -26.246 1.00 23.09 ? 49  ALA A C   1 
ATOM   188  O O   . ALA A 1 27 ? 3.070   0.505   -26.609 1.00 19.11 ? 49  ALA A O   1 
ATOM   189  C CB  . ALA A 1 27 ? 0.753   -0.254  -28.357 1.00 12.28 ? 49  ALA A CB  1 
ATOM   190  N N   . LYS A 1 28 ? 1.605   -0.100  -25.006 1.00 19.90 ? 50  LYS A N   1 
ATOM   191  C CA  . LYS A 1 28 ? 2.085   0.912   -24.064 1.00 20.35 ? 50  LYS A CA  1 
ATOM   192  C C   . LYS A 1 28 ? 3.064   0.379   -23.026 1.00 19.35 ? 50  LYS A C   1 
ATOM   193  O O   . LYS A 1 28 ? 2.956   -0.759  -22.579 1.00 21.70 ? 50  LYS A O   1 
ATOM   194  C CB  . LYS A 1 28 ? 0.917   1.596   -23.367 1.00 17.70 ? 50  LYS A CB  1 
ATOM   195  C CG  . LYS A 1 28 ? -0.169  2.080   -24.303 1.00 22.59 ? 50  LYS A CG  1 
ATOM   196  C CD  . LYS A 1 28 ? -1.299  2.714   -23.512 1.00 32.77 ? 50  LYS A CD  1 
ATOM   197  C CE  . LYS A 1 28 ? -2.440  3.160   -24.413 1.00 37.67 ? 50  LYS A CE  1 
ATOM   198  N NZ  . LYS A 1 28 ? -3.601  3.643   -23.606 1.00 36.17 ? 50  LYS A NZ  1 
ATOM   199  N N   . ASP A 1 29 ? 4.015   1.226   -22.651 1.00 18.76 ? 51  ASP A N   1 
ATOM   200  C CA  . ASP A 1 29 ? 4.997   0.905   -21.631 1.00 20.71 ? 51  ASP A CA  1 
ATOM   201  C C   . ASP A 1 29 ? 4.471   1.281   -20.253 1.00 15.82 ? 51  ASP A C   1 
ATOM   202  O O   . ASP A 1 29 ? 3.868   2.347   -20.082 1.00 15.84 ? 51  ASP A O   1 
ATOM   203  C CB  . ASP A 1 29 ? 6.279   1.706   -21.854 1.00 15.67 ? 51  ASP A CB  1 
ATOM   204  C CG  . ASP A 1 29 ? 7.083   1.220   -23.033 1.00 27.57 ? 51  ASP A CG  1 
ATOM   205  O OD1 . ASP A 1 29 ? 6.894   0.063   -23.469 1.00 27.49 ? 51  ASP A OD1 1 
ATOM   206  O OD2 . ASP A 1 29 ? 7.923   2.010   -23.516 1.00 30.30 ? 51  ASP A OD2 1 
ATOM   207  N N   . LEU A 1 30 ? 4.740   0.426   -19.270 1.00 16.63 ? 52  LEU A N   1 
ATOM   208  C CA  . LEU A 1 30 ? 4.466   0.767   -17.870 1.00 13.79 ? 52  LEU A CA  1 
ATOM   209  C C   . LEU A 1 30 ? 5.684   0.437   -17.015 1.00 15.23 ? 52  LEU A C   1 
ATOM   210  O O   . LEU A 1 30 ? 6.121   -0.709  -16.975 1.00 10.34 ? 52  LEU A O   1 
ATOM   211  C CB  . LEU A 1 30 ? 3.239   0.019   -17.352 1.00 15.99 ? 52  LEU A CB  1 
ATOM   212  C CG  . LEU A 1 30 ? 2.933   0.192   -15.855 1.00 13.10 ? 52  LEU A CG  1 
ATOM   213  C CD1 . LEU A 1 30 ? 2.770   1.657   -15.507 1.00 11.96 ? 52  LEU A CD1 1 
ATOM   214  C CD2 . LEU A 1 30 ? 1.687   -0.577  -15.478 1.00 11.92 ? 52  LEU A CD2 1 
ATOM   215  N N   . SER A 1 31 ? 6.252   1.446   -16.361 1.00 12.14 ? 53  SER A N   1 
ATOM   216  C CA  . SER A 1 31 ? 7.361   1.213   -15.435 1.00 14.03 ? 53  SER A CA  1 
ATOM   217  C C   . SER A 1 31 ? 6.852   0.973   -14.010 1.00 11.06 ? 53  SER A C   1 
ATOM   218  O O   . SER A 1 31 ? 6.119   1.787   -13.461 1.00 9.33  ? 53  SER A O   1 
ATOM   219  C CB  . SER A 1 31 ? 8.334   2.392   -15.436 1.00 12.91 ? 53  SER A CB  1 
ATOM   220  O OG  . SER A 1 31 ? 8.714   2.740   -16.754 1.00 24.53 ? 53  SER A OG  1 
ATOM   221  N N   . VAL A 1 32 ? 7.243   -0.154  -13.427 1.00 9.74  ? 54  VAL A N   1 
ATOM   222  C CA  . VAL A 1 32 ? 6.877   -0.495  -12.062 1.00 9.97  ? 54  VAL A CA  1 
ATOM   223  C C   . VAL A 1 32 ? 8.137   -0.736  -11.249 1.00 12.64 ? 54  VAL A C   1 
ATOM   224  O O   . VAL A 1 32 ? 9.035   -1.458  -11.695 1.00 10.70 ? 54  VAL A O   1 
ATOM   225  C CB  . VAL A 1 32 ? 6.021   -1.765  -12.018 1.00 8.08  ? 54  VAL A CB  1 
ATOM   226  C CG1 . VAL A 1 32 ? 5.647   -2.128  -10.563 1.00 7.25  ? 54  VAL A CG1 1 
ATOM   227  C CG2 . VAL A 1 32 ? 4.788   -1.584  -12.887 1.00 12.27 ? 54  VAL A CG2 1 
ATOM   228  N N   . THR A 1 33 ? 8.198   -0.132  -10.060 1.00 10.73 ? 55  THR A N   1 
ATOM   229  C CA  . THR A 1 33 ? 9.312   -0.346  -9.133  1.00 8.85  ? 55  THR A CA  1 
ATOM   230  C C   . THR A 1 33 ? 8.826   -1.060  -7.873  1.00 10.37 ? 55  THR A C   1 
ATOM   231  O O   . THR A 1 33 ? 7.841   -0.632  -7.255  1.00 9.48  ? 55  THR A O   1 
ATOM   232  C CB  . THR A 1 33 ? 9.987   0.974   -8.734  1.00 11.21 ? 55  THR A CB  1 
ATOM   233  O OG1 . THR A 1 33 ? 10.329  1.724   -9.910  1.00 13.73 ? 55  THR A OG1 1 
ATOM   234  C CG2 . THR A 1 33 ? 11.237  0.708   -7.929  1.00 10.17 ? 55  THR A CG2 1 
ATOM   235  N N   . TYR A 1 34 ? 9.520   -2.139  -7.497  1.00 8.44  ? 56  TYR A N   1 
ATOM   236  C CA  . TYR A 1 34 ? 9.166   -2.945  -6.325  1.00 8.58  ? 56  TYR A CA  1 
ATOM   237  C C   . TYR A 1 34 ? 10.127  -2.715  -5.172  1.00 9.11  ? 56  TYR A C   1 
ATOM   238  O O   . TYR A 1 34 ? 11.346  -2.767  -5.348  1.00 7.79  ? 56  TYR A O   1 
ATOM   239  C CB  . TYR A 1 34 ? 9.153   -4.436  -6.666  1.00 9.54  ? 56  TYR A CB  1 
ATOM   240  C CG  . TYR A 1 34 ? 8.120   -4.806  -7.692  1.00 8.80  ? 56  TYR A CG  1 
ATOM   241  C CD1 . TYR A 1 34 ? 6.778   -4.924  -7.349  1.00 7.09  ? 56  TYR A CD1 1 
ATOM   242  C CD2 . TYR A 1 34 ? 8.486   -5.032  -9.018  1.00 8.55  ? 56  TYR A CD2 1 
ATOM   243  C CE1 . TYR A 1 34 ? 5.831   -5.246  -8.296  1.00 6.27  ? 56  TYR A CE1 1 
ATOM   244  C CE2 . TYR A 1 34 ? 7.554   -5.362  -9.966  1.00 7.08  ? 56  TYR A CE2 1 
ATOM   245  C CZ  . TYR A 1 34 ? 6.230   -5.472  -9.616  1.00 7.64  ? 56  TYR A CZ  1 
ATOM   246  O OH  . TYR A 1 34 ? 5.306   -5.804  -10.588 1.00 7.25  ? 56  TYR A OH  1 
ATOM   247  N N   . TYR A 1 35 ? 9.570   -2.450  -3.991  1.00 6.21  ? 57  TYR A N   1 
ATOM   248  C CA  . TYR A 1 35 ? 10.379  -2.249  -2.807  1.00 8.91  ? 57  TYR A CA  1 
ATOM   249  C C   . TYR A 1 35 ? 10.016  -3.355  -1.840  1.00 8.83  ? 57  TYR A C   1 
ATOM   250  O O   . TYR A 1 35 ? 8.860   -3.483  -1.429  1.00 9.30  ? 57  TYR A O   1 
ATOM   251  C CB  . TYR A 1 35 ? 10.113  -0.875  -2.185  1.00 7.42  ? 57  TYR A CB  1 
ATOM   252  C CG  . TYR A 1 35 ? 10.183  0.245   -3.186  1.00 6.70  ? 57  TYR A CG  1 
ATOM   253  C CD1 . TYR A 1 35 ? 9.076   0.582   -3.947  1.00 6.47  ? 57  TYR A CD1 1 
ATOM   254  C CD2 . TYR A 1 35 ? 11.362  0.954   -3.387  1.00 5.86  ? 57  TYR A CD2 1 
ATOM   255  C CE1 . TYR A 1 35 ? 9.128   1.607   -4.874  1.00 8.91  ? 57  TYR A CE1 1 
ATOM   256  C CE2 . TYR A 1 35 ? 11.426  1.984   -4.307  1.00 8.45  ? 57  TYR A CE2 1 
ATOM   257  C CZ  . TYR A 1 35 ? 10.300  2.304   -5.053  1.00 7.67  ? 57  TYR A CZ  1 
ATOM   258  O OH  . TYR A 1 35 ? 10.336  3.322   -5.980  1.00 10.50 ? 57  TYR A OH  1 
ATOM   259  N N   . ASN A 1 36 ? 11.003  -4.175  -1.510  1.00 11.34 ? 58  ASN A N   1 
ATOM   260  C CA  . ASN A 1 36 ? 10.768  -5.345  -0.679  1.00 10.52 ? 58  ASN A CA  1 
ATOM   261  C C   . ASN A 1 36 ? 11.602  -5.311  0.584   1.00 9.37  ? 58  ASN A C   1 
ATOM   262  O O   . ASN A 1 36 ? 12.815  -5.085  0.537   1.00 9.49  ? 58  ASN A O   1 
ATOM   263  C CB  . ASN A 1 36 ? 11.033  -6.627  -1.477  1.00 9.27  ? 58  ASN A CB  1 
ATOM   264  C CG  . ASN A 1 36 ? 10.028  -6.824  -2.581  1.00 12.38 ? 58  ASN A CG  1 
ATOM   265  O OD1 . ASN A 1 36 ? 8.850   -7.040  -2.317  1.00 17.38 ? 58  ASN A OD1 1 
ATOM   266  N ND2 . ASN A 1 36 ? 10.477  -6.737  -3.823  1.00 17.51 ? 58  ASN A ND2 1 
ATOM   267  N N   . ALA A 1 37 ? 10.937  -5.523  1.714   1.00 7.50  ? 59  ALA A N   1 
ATOM   268  C CA  . ALA A 1 37 ? 11.591  -5.493  3.011   1.00 9.57  ? 59  ALA A CA  1 
ATOM   269  C C   . ALA A 1 37 ? 10.905  -6.517  3.900   1.00 11.17 ? 59  ALA A C   1 
ATOM   270  O O   . ALA A 1 37 ? 9.816   -6.262  4.425   1.00 7.11  ? 59  ALA A O   1 
ATOM   271  C CB  . ALA A 1 37 ? 11.502  -4.092  3.628   1.00 10.69 ? 59  ALA A CB  1 
ATOM   272  N N   . GLY A 1 38 ? 11.523  -7.689  4.044   1.00 12.98 ? 60  GLY A N   1 
ATOM   273  C CA  . GLY A 1 38 ? 10.919  -8.747  4.838   1.00 5.89  ? 60  GLY A CA  1 
ATOM   274  C C   . GLY A 1 38 ? 9.654   -9.177  4.144   1.00 6.59  ? 60  GLY A C   1 
ATOM   275  O O   . GLY A 1 38 ? 9.676   -9.500  2.979   1.00 11.00 ? 60  GLY A O   1 
ATOM   276  N N   . ASP A 1 39 ? 8.540   -9.170  4.847   1.00 6.52  ? 61  ASP A N   1 
ATOM   277  C CA  . ASP A 1 39 ? 7.266   -9.487  4.211   1.00 5.70  ? 61  ASP A CA  1 
ATOM   278  C C   . ASP A 1 39 ? 6.623   -8.258  3.541   1.00 9.02  ? 61  ASP A C   1 
ATOM   279  O O   . ASP A 1 39 ? 5.647   -8.395  2.805   1.00 8.15  ? 61  ASP A O   1 
ATOM   280  C CB  . ASP A 1 39 ? 6.311   -10.066 5.254   1.00 9.78  ? 61  ASP A CB  1 
ATOM   281  C CG  . ASP A 1 39 ? 6.874   -11.315 5.943   1.00 16.75 ? 61  ASP A CG  1 
ATOM   282  O OD1 . ASP A 1 39 ? 7.036   -12.334 5.247   1.00 14.71 ? 61  ASP A OD1 1 
ATOM   283  O OD2 . ASP A 1 39 ? 7.139   -11.282 7.172   1.00 17.65 ? 61  ASP A OD2 1 
ATOM   284  N N   . ILE A 1 40 ? 7.142   -7.062  3.813   1.00 5.93  ? 62  ILE A N   1 
ATOM   285  C CA  . ILE A 1 40 ? 6.581   -5.844  3.207   1.00 6.37  ? 62  ILE A CA  1 
ATOM   286  C C   . ILE A 1 40 ? 6.952   -5.762  1.726   1.00 9.23  ? 62  ILE A C   1 
ATOM   287  O O   . ILE A 1 40 ? 8.128   -5.891  1.372   1.00 5.62  ? 62  ILE A O   1 
ATOM   288  C CB  . ILE A 1 40 ? 7.104   -4.564  3.891   1.00 8.69  ? 62  ILE A CB  1 
ATOM   289  C CG1 . ILE A 1 40 ? 6.695   -4.512  5.365   1.00 8.16  ? 62  ILE A CG1 1 
ATOM   290  C CG2 . ILE A 1 40 ? 6.629   -3.295  3.140   1.00 5.59  ? 62  ILE A CG2 1 
ATOM   291  C CD1 . ILE A 1 40 ? 7.652   -3.686  6.209   1.00 6.81  ? 62  ILE A CD1 1 
ATOM   292  N N   . SER A 1 41 ? 5.954   -5.544  0.869   1.00 7.76  ? 63  SER A N   1 
ATOM   293  C CA  . SER A 1 41 ? 6.206   -5.336  -0.561  1.00 9.90  ? 63  SER A CA  1 
ATOM   294  C C   . SER A 1 41 ? 5.354   -4.195  -1.134  1.00 6.33  ? 63  SER A C   1 
ATOM   295  O O   . SER A 1 41 ? 4.119   -4.212  -1.057  1.00 4.52  ? 63  SER A O   1 
ATOM   296  C CB  . SER A 1 41 ? 5.980   -6.639  -1.343  1.00 8.58  ? 63  SER A CB  1 
ATOM   297  O OG  . SER A 1 41 ? 6.337   -6.483  -2.700  1.00 16.79 ? 63  SER A OG  1 
ATOM   298  N N   . LEU A 1 42 ? 6.021   -3.187  -1.678  1.00 4.93  ? 64  LEU A N   1 
ATOM   299  C CA  . LEU A 1 42 ? 5.324   -2.053  -2.295  1.00 6.32  ? 64  LEU A CA  1 
ATOM   300  C C   . LEU A 1 42 ? 5.675   -1.975  -3.777  1.00 8.24  ? 64  LEU A C   1 
ATOM   301  O O   . LEU A 1 42 ? 6.779   -2.358  -4.175  1.00 7.49  ? 64  LEU A O   1 
ATOM   302  C CB  . LEU A 1 42 ? 5.710   -0.739  -1.622  1.00 6.09  ? 64  LEU A CB  1 
ATOM   303  C CG  . LEU A 1 42 ? 5.613   -0.699  -0.095  1.00 5.78  ? 64  LEU A CG  1 
ATOM   304  C CD1 . LEU A 1 42 ? 6.199   0.592   0.488   1.00 7.86  ? 64  LEU A CD1 1 
ATOM   305  C CD2 . LEU A 1 42 ? 4.172   -0.878  0.342   1.00 6.23  ? 64  LEU A CD2 1 
ATOM   306  N N   . ALA A 1 43 ? 4.733   -1.487  -4.577  1.00 5.76  ? 65  ALA A N   1 
ATOM   307  C CA  . ALA A 1 43 ? 4.949   -1.269  -5.996  1.00 6.75  ? 65  ALA A CA  1 
ATOM   308  C C   . ALA A 1 43 ? 4.612   0.179   -6.383  1.00 9.11  ? 65  ALA A C   1 
ATOM   309  O O   . ALA A 1 43 ? 3.485   0.638   -6.182  1.00 6.23  ? 65  ALA A O   1 
ATOM   310  C CB  . ALA A 1 43 ? 4.106   -2.236  -6.805  1.00 6.25  ? 65  ALA A CB  1 
ATOM   311  N N   . LYS A 1 44 ? 5.593   0.899   -6.922  1.00 7.70  ? 66  LYS A N   1 
ATOM   312  C CA  . LYS A 1 44 ? 5.325   2.208   -7.504  1.00 6.67  ? 66  LYS A CA  1 
ATOM   313  C C   . LYS A 1 44 ? 4.967   2.061   -8.976  1.00 8.27  ? 66  LYS A C   1 
ATOM   314  O O   . LYS A 1 44 ? 5.797   1.638   -9.781  1.00 8.19  ? 66  LYS A O   1 
ATOM   315  C CB  . LYS A 1 44 ? 6.523   3.141   -7.364  1.00 8.38  ? 66  LYS A CB  1 
ATOM   316  C CG  . LYS A 1 44 ? 6.301   4.466   -8.096  1.00 8.05  ? 66  LYS A CG  1 
ATOM   317  C CD  . LYS A 1 44 ? 7.402   5.465   -7.834  1.00 8.00  ? 66  LYS A CD  1 
ATOM   318  C CE  . LYS A 1 44 ? 8.729   4.948   -8.319  1.00 9.78  ? 66  LYS A CE  1 
ATOM   319  N NZ  . LYS A 1 44 ? 9.632   6.061   -8.686  1.00 6.86  ? 66  LYS A NZ  1 
ATOM   320  N N   . LEU A 1 45 ? 3.726   2.398   -9.316  1.00 7.45  ? 67  LEU A N   1 
ATOM   321  C CA  . LEU A 1 45 ? 3.238   2.327   -10.691 1.00 9.44  ? 67  LEU A CA  1 
ATOM   322  C C   . LEU A 1 45 ? 3.301   3.705   -11.324 1.00 10.65 ? 67  LEU A C   1 
ATOM   323  O O   . LEU A 1 45 ? 2.637   4.642   -10.855 1.00 9.99  ? 67  LEU A O   1 
ATOM   324  C CB  . LEU A 1 45 ? 1.787   1.846   -10.704 1.00 9.94  ? 67  LEU A CB  1 
ATOM   325  C CG  . LEU A 1 45 ? 1.539   0.572   -9.889  1.00 14.86 ? 67  LEU A CG  1 
ATOM   326  C CD1 . LEU A 1 45 ? 0.090   0.511   -9.416  1.00 16.67 ? 67  LEU A CD1 1 
ATOM   327  C CD2 . LEU A 1 45 ? 1.869   -0.639  -10.717 1.00 9.86  ? 67  LEU A CD2 1 
ATOM   328  N N   . GLU A 1 46 ? 4.103   3.854   -12.372 1.00 10.30 ? 68  GLU A N   1 
ATOM   329  C CA  . GLU A 1 46 ? 4.170   5.145   -13.057 1.00 11.88 ? 68  GLU A CA  1 
ATOM   330  C C   . GLU A 1 46 ? 3.149   5.158   -14.181 1.00 12.44 ? 68  GLU A C   1 
ATOM   331  O O   . GLU A 1 46 ? 3.480   4.920   -15.340 1.00 13.82 ? 68  GLU A O   1 
ATOM   332  C CB  . GLU A 1 46 ? 5.587   5.438   -13.562 1.00 13.84 ? 68  GLU A CB  1 
ATOM   333  C CG  . GLU A 1 46 ? 6.631   5.552   -12.437 1.00 16.41 ? 68  GLU A CG  1 
ATOM   334  C CD  . GLU A 1 46 ? 8.066   5.671   -12.947 1.00 22.67 ? 68  GLU A CD  1 
ATOM   335  O OE1 . GLU A 1 46 ? 8.988   5.067   -12.348 1.00 22.12 ? 68  GLU A OE1 1 
ATOM   336  O OE2 . GLU A 1 46 ? 8.278   6.375   -13.946 1.00 30.70 ? 68  GLU A OE2 1 
ATOM   337  N N   . LEU A 1 47 ? 1.897   5.413   -13.816 1.00 11.71 ? 69  LEU A N   1 
ATOM   338  C CA  . LEU A 1 47 ? 0.785   5.434   -14.764 1.00 17.60 ? 69  LEU A CA  1 
ATOM   339  C C   . LEU A 1 47 ? 0.739   6.742   -15.567 1.00 20.83 ? 69  LEU A C   1 
ATOM   340  O O   . LEU A 1 47 ? 1.475   7.688   -15.280 1.00 16.64 ? 69  LEU A O   1 
ATOM   341  C CB  . LEU A 1 47 ? -0.545  5.233   -14.033 1.00 16.14 ? 69  LEU A CB  1 
ATOM   342  C CG  . LEU A 1 47 ? -0.686  3.973   -13.177 1.00 18.19 ? 69  LEU A CG  1 
ATOM   343  C CD1 . LEU A 1 47 ? -2.020  3.972   -12.435 1.00 18.06 ? 69  LEU A CD1 1 
ATOM   344  C CD2 . LEU A 1 47 ? -0.537  2.715   -14.032 1.00 17.83 ? 69  LEU A CD2 1 
ATOM   345  N N   . GLU A 1 48 ? -0.143  6.786   -16.562 1.00 21.90 ? 70  GLU A N   1 
ATOM   346  C CA  . GLU A 1 48 ? -0.164  7.883   -17.537 1.00 29.84 ? 70  GLU A CA  1 
ATOM   347  C C   . GLU A 1 48 ? -0.301  9.274   -16.906 1.00 29.39 ? 70  GLU A C   1 
ATOM   348  O O   . GLU A 1 48 ? 0.465   10.185  -17.212 1.00 30.02 ? 70  GLU A O   1 
ATOM   349  C CB  . GLU A 1 48 ? -1.278  7.664   -18.572 1.00 30.21 ? 70  GLU A CB  1 
ATOM   350  C CG  . GLU A 1 48 ? -1.006  6.571   -19.597 1.00 36.73 ? 70  GLU A CG  1 
ATOM   351  C CD  . GLU A 1 48 ? -0.202  7.070   -20.787 1.00 55.43 ? 70  GLU A CD  1 
ATOM   352  O OE1 . GLU A 1 48 ? 0.407   8.158   -20.672 1.00 52.99 ? 70  GLU A OE1 1 
ATOM   353  O OE2 . GLU A 1 48 ? -0.182  6.381   -21.839 1.00 56.41 ? 70  GLU A OE2 1 
ATOM   354  N N   . ASP A 1 49 ? -1.270  9.430   -16.017 1.00 23.51 ? 71  ASP A N   1 
ATOM   355  C CA  . ASP A 1 49 ? -1.544  10.739  -15.429 1.00 29.39 ? 71  ASP A CA  1 
ATOM   356  C C   . ASP A 1 49 ? -1.131  10.874  -13.958 1.00 27.73 ? 71  ASP A C   1 
ATOM   357  O O   . ASP A 1 49 ? -1.172  11.970  -13.400 1.00 22.76 ? 71  ASP A O   1 
ATOM   358  C CB  . ASP A 1 49 ? -3.024  11.076  -15.589 1.00 36.13 ? 71  ASP A CB  1 
ATOM   359  C CG  . ASP A 1 49 ? -3.509  10.885  -17.019 1.00 49.72 ? 71  ASP A CG  1 
ATOM   360  O OD1 . ASP A 1 49 ? -2.790  11.301  -17.965 1.00 39.37 ? 71  ASP A OD1 1 
ATOM   361  O OD2 . ASP A 1 49 ? -4.604  10.305  -17.195 1.00 55.00 ? 71  ASP A OD2 1 
ATOM   362  N N   . GLU A 1 50 ? -0.728  9.771   -13.332 0.98 21.24 ? 72  GLU A N   1 
ATOM   363  C CA  . GLU A 1 50 ? -0.378  9.799   -11.915 0.98 19.82 ? 72  GLU A CA  1 
ATOM   364  C C   . GLU A 1 50 ? 0.554   8.665   -11.515 0.98 19.26 ? 72  GLU A C   1 
ATOM   365  O O   . GLU A 1 50 ? 0.668   7.651   -12.208 0.98 17.43 ? 72  GLU A O   1 
ATOM   366  C CB  . GLU A 1 50 ? -1.640  9.688   -11.075 0.98 24.03 ? 72  GLU A CB  1 
ATOM   367  C CG  . GLU A 1 50 ? -2.280  8.329   -11.196 0.98 21.35 ? 72  GLU A CG  1 
ATOM   368  C CD  . GLU A 1 50 ? -3.589  8.242   -10.470 0.98 27.72 ? 72  GLU A CD  1 
ATOM   369  O OE1 . GLU A 1 50 ? -3.613  8.524   -9.250  0.98 32.15 ? 72  GLU A OE1 1 
ATOM   370  O OE2 . GLU A 1 50 ? -4.596  7.897   -11.125 0.98 34.47 ? 72  GLU A OE2 1 
ATOM   371  N N   . THR A 1 51 ? 1.216   8.848   -10.379 1.00 14.01 ? 73  THR A N   1 
ATOM   372  C CA  . THR A 1 51 ? 2.057   7.816   -9.818  1.00 16.67 ? 73  THR A CA  1 
ATOM   373  C C   . THR A 1 51 ? 1.327   7.267   -8.611  1.00 14.10 ? 73  THR A C   1 
ATOM   374  O O   . THR A 1 51 ? 0.832   8.019   -7.779  1.00 16.24 ? 73  THR A O   1 
ATOM   375  C CB  . THR A 1 51 ? 3.419   8.373   -9.402  1.00 15.63 ? 73  THR A CB  1 
ATOM   376  O OG1 . THR A 1 51 ? 4.111   8.837   -10.562 1.00 18.63 ? 73  THR A OG1 1 
ATOM   377  C CG2 . THR A 1 51 ? 4.249   7.301   -8.754  1.00 13.53 ? 73  THR A CG2 1 
ATOM   378  N N   . VAL A 1 52 ? 1.224   5.950   -8.553  1.00 11.78 ? 74  VAL A N   1 
ATOM   379  C CA  . VAL A 1 52 ? 0.522   5.266   -7.480  1.00 11.00 ? 74  VAL A CA  1 
ATOM   380  C C   . VAL A 1 52 ? 1.519   4.406   -6.733  1.00 9.69  ? 74  VAL A C   1 
ATOM   381  O O   . VAL A 1 52 ? 2.411   3.821   -7.345  1.00 8.43  ? 74  VAL A O   1 
ATOM   382  C CB  . VAL A 1 52 ? -0.599  4.382   -8.058  1.00 9.63  ? 74  VAL A CB  1 
ATOM   383  C CG1 . VAL A 1 52 ? -1.099  3.390   -7.033  1.00 11.84 ? 74  VAL A CG1 1 
ATOM   384  C CG2 . VAL A 1 52 ? -1.745  5.276   -8.574  1.00 11.92 ? 74  VAL A CG2 1 
ATOM   385  N N   . VAL A 1 53 ? 1.403   4.354   -5.410  1.00 8.99  ? 75  VAL A N   1 
ATOM   386  C CA  . VAL A 1 53 ? 2.197   3.419   -4.627  1.00 5.80  ? 75  VAL A CA  1 
ATOM   387  C C   . VAL A 1 53 ? 1.273   2.448   -3.917  1.00 8.54  ? 75  VAL A C   1 
ATOM   388  O O   . VAL A 1 53 ? 0.543   2.835   -2.996  1.00 6.85  ? 75  VAL A O   1 
ATOM   389  C CB  . VAL A 1 53 ? 3.048   4.121   -3.574  1.00 8.63  ? 75  VAL A CB  1 
ATOM   390  C CG1 . VAL A 1 53 ? 3.787   3.066   -2.723  1.00 7.85  ? 75  VAL A CG1 1 
ATOM   391  C CG2 . VAL A 1 53 ? 4.012   5.108   -4.234  1.00 4.47  ? 75  VAL A CG2 1 
ATOM   392  N N   . ALA A 1 54 ? 1.320   1.186   -4.342  1.00 4.70  ? 76  ALA A N   1 
ATOM   393  C CA  . ALA A 1 54 ? 0.383   0.185   -3.871  1.00 6.68  ? 76  ALA A CA  1 
ATOM   394  C C   . ALA A 1 54 ? 1.077   -0.808  -2.952  1.00 6.91  ? 76  ALA A C   1 
ATOM   395  O O   . ALA A 1 54 ? 2.281   -1.047  -3.079  1.00 9.69  ? 76  ALA A O   1 
ATOM   396  C CB  . ALA A 1 54 ? -0.248  -0.535  -5.055  1.00 4.60  ? 76  ALA A CB  1 
ATOM   397  N N   . SER A 1 55 ? 0.321   -1.403  -2.038  1.00 5.48  ? 77  SER A N   1 
ATOM   398  C CA  . SER A 1 55 ? 0.906   -2.385  -1.129  1.00 5.24  ? 77  SER A CA  1 
ATOM   399  C C   . SER A 1 55 ? 0.443   -3.787  -1.448  1.00 5.98  ? 77  SER A C   1 
ATOM   400  O O   . SER A 1 55 ? -0.719  -4.010  -1.805  1.00 5.70  ? 77  SER A O   1 
ATOM   401  C CB  . SER A 1 55 ? 0.581   -2.054  0.330   1.00 7.07  ? 77  SER A CB  1 
ATOM   402  O OG  . SER A 1 55 ? 1.146   -3.033  1.185   1.00 5.21  ? 77  SER A OG  1 
ATOM   403  N N   . ASN A 1 56 ? 1.363   -4.736  -1.330  1.00 3.49  ? 78  ASN A N   1 
ATOM   404  C CA  . ASN A 1 56 ? 1.018   -6.141  -1.507  1.00 7.01  ? 78  ASN A CA  1 
ATOM   405  C C   . ASN A 1 56 ? 0.020   -6.595  -0.432  1.00 5.75  ? 78  ASN A C   1 
ATOM   406  O O   . ASN A 1 56 ? 0.231   -6.376  0.762   1.00 5.42  ? 78  ASN A O   1 
ATOM   407  C CB  . ASN A 1 56 ? 2.299   -6.980  -1.535  1.00 5.47  ? 78  ASN A CB  1 
ATOM   408  C CG  . ASN A 1 56 ? 2.045   -8.476  -1.545  1.00 10.33 ? 78  ASN A CG  1 
ATOM   409  O OD1 . ASN A 1 56 ? 2.591   -9.182  -0.723  1.00 11.11 ? 78  ASN A OD1 1 
ATOM   410  N ND2 . ASN A 1 56 ? 1.245   -8.962  -2.484  1.00 13.07 ? 78  ASN A ND2 1 
ATOM   411  N N   . VAL A 1 57 ? -1.085  -7.180  -0.882  1.00 6.15  ? 79  VAL A N   1 
ATOM   412  C CA  . VAL A 1 57 ? -2.166  -7.628  -0.011  1.00 6.02  ? 79  VAL A CA  1 
ATOM   413  C C   . VAL A 1 57 ? -2.444  -9.115  -0.278  1.00 12.50 ? 79  VAL A C   1 
ATOM   414  O O   . VAL A 1 57 ? -1.995  -9.673  -1.286  1.00 11.07 ? 79  VAL A O   1 
ATOM   415  C CB  . VAL A 1 57 ? -3.457  -6.820  -0.259  1.00 8.92  ? 79  VAL A CB  1 
ATOM   416  C CG1 . VAL A 1 57 ? -3.269  -5.357  0.154   1.00 6.06  ? 79  VAL A CG1 1 
ATOM   417  C CG2 . VAL A 1 57 ? -3.877  -6.910  -1.731  1.00 6.99  ? 79  VAL A CG2 1 
ATOM   418  N N   . ILE A 1 58 ? -3.187  -9.758  0.614   1.00 14.17 ? 80  ILE A N   1 
ATOM   419  C CA  . ILE A 1 58 ? -3.443  -11.188 0.474   1.00 8.93  ? 80  ILE A CA  1 
ATOM   420  C C   . ILE A 1 58 ? -4.222  -11.545 -0.778  1.00 13.52 ? 80  ILE A C   1 
ATOM   421  O O   . ILE A 1 58 ? -5.130  -10.819 -1.180  1.00 17.34 ? 80  ILE A O   1 
ATOM   422  C CB  . ILE A 1 58 ? -4.184  -11.800 1.696   1.00 9.13  ? 80  ILE A CB  1 
ATOM   423  C CG1 . ILE A 1 58 ? -5.024  -10.764 2.413   1.00 11.13 ? 80  ILE A CG1 1 
ATOM   424  C CG2 . ILE A 1 58 ? -3.209  -12.464 2.629   1.00 18.64 ? 80  ILE A CG2 1 
ATOM   425  C CD1 . ILE A 1 58 ? -6.294  -10.427 1.700   1.00 20.01 ? 80  ILE A CD1 1 
ATOM   426  N N   . SER A 1 59 ? -3.859  -12.674 -1.385  1.00 11.15 ? 81  SER A N   1 
ATOM   427  C CA  . SER A 1 59 ? -4.610  -13.231 -2.506  1.00 20.49 ? 81  SER A CA  1 
ATOM   428  C C   . SER A 1 59 ? -4.396  -14.738 -2.563  1.00 21.80 ? 81  SER A C   1 
ATOM   429  O O   . SER A 1 59 ? -3.458  -15.255 -1.959  1.00 23.54 ? 81  SER A O   1 
ATOM   430  C CB  . SER A 1 59 ? -4.146  -12.610 -3.825  1.00 16.56 ? 81  SER A CB  1 
ATOM   431  O OG  . SER A 1 59 ? -2.812  -12.997 -4.111  1.00 11.76 ? 81  SER A OG  1 
ATOM   432  N N   . GLY A 1 60 ? -5.260  -15.432 -3.295  1.00 20.49 ? 82  GLY A N   1 
ATOM   433  C CA  . GLY A 1 60 ? -5.113  -16.862 -3.492  1.00 23.93 ? 82  GLY A CA  1 
ATOM   434  C C   . GLY A 1 60 ? -3.847  -17.221 -4.249  1.00 25.12 ? 82  GLY A C   1 
ATOM   435  O O   . GLY A 1 60 ? -3.140  -18.154 -3.884  1.00 19.82 ? 82  GLY A O   1 
ATOM   436  N N   . SER A 1 61 ? -3.559  -16.479 -5.310  1.00 21.60 ? 83  SER A N   1 
ATOM   437  C CA  . SER A 1 61 ? -2.348  -16.706 -6.089  1.00 21.91 ? 83  SER A CA  1 
ATOM   438  C C   . SER A 1 61 ? -1.795  -15.391 -6.630  1.00 18.87 ? 83  SER A C   1 
ATOM   439  O O   . SER A 1 61 ? -2.447  -14.347 -6.553  1.00 14.68 ? 83  SER A O   1 
ATOM   440  C CB  . SER A 1 61 ? -2.618  -17.674 -7.242  1.00 25.19 ? 83  SER A CB  1 
ATOM   441  O OG  . SER A 1 61 ? -3.729  -17.241 -8.007  1.00 22.79 ? 83  SER A OG  1 
ATOM   442  N N   . GLY A 1 62 ? -0.584  -15.459 -7.165  1.00 17.70 ? 84  GLY A N   1 
ATOM   443  C CA  . GLY A 1 62 ? 0.081   -14.301 -7.723  1.00 16.33 ? 84  GLY A CA  1 
ATOM   444  C C   . GLY A 1 62 ? 0.423   -13.285 -6.652  1.00 16.36 ? 84  GLY A C   1 
ATOM   445  O O   . GLY A 1 62 ? 0.230   -13.526 -5.469  1.00 13.11 ? 84  GLY A O   1 
ATOM   446  N N   . ALA A 1 63 ? 0.944   -12.140 -7.068  1.00 13.55 ? 85  ALA A N   1 
ATOM   447  C CA  . ALA A 1 63 ? 1.254   -11.083 -6.133  1.00 12.29 ? 85  ALA A CA  1 
ATOM   448  C C   . ALA A 1 63 ? 0.325   -9.943  -6.448  1.00 12.05 ? 85  ALA A C   1 
ATOM   449  O O   . ALA A 1 63 ? 0.424   -9.327  -7.510  1.00 7.05  ? 85  ALA A O   1 
ATOM   450  C CB  . ALA A 1 63 ? 2.701   -10.663 -6.262  1.00 12.69 ? 85  ALA A CB  1 
ATOM   451  N N   . LYS A 1 64 ? -0.595  -9.693  -5.523  1.00 9.81  ? 86  LYS A N   1 
ATOM   452  C CA  . LYS A 1 64 ? -1.620  -8.671  -5.674  1.00 8.99  ? 86  LYS A CA  1 
ATOM   453  C C   . LYS A 1 64 ? -1.285  -7.429  -4.847  1.00 6.88  ? 86  LYS A C   1 
ATOM   454  O O   . LYS A 1 64 ? -0.862  -7.530  -3.688  1.00 6.39  ? 86  LYS A O   1 
ATOM   455  C CB  . LYS A 1 64 ? -2.973  -9.238  -5.252  1.00 10.23 ? 86  LYS A CB  1 
ATOM   456  C CG  . LYS A 1 64 ? -4.106  -8.238  -5.251  1.00 12.90 ? 86  LYS A CG  1 
ATOM   457  C CD  . LYS A 1 64 ? -5.409  -8.956  -4.938  1.00 16.30 ? 86  LYS A CD  1 
ATOM   458  C CE  . LYS A 1 64 ? -6.487  -7.994  -4.504  1.00 24.62 ? 86  LYS A CE  1 
ATOM   459  N NZ  . LYS A 1 64 ? -7.815  -8.655  -4.432  1.00 27.17 ? 86  LYS A NZ  1 
ATOM   460  N N   . TYR A 1 65 ? -1.460  -6.263  -5.467  1.00 8.38  ? 87  TYR A N   1 
ATOM   461  C CA  . TYR A 1 65 ? -1.139  -4.982  -4.856  1.00 5.94  ? 87  TYR A CA  1 
ATOM   462  C C   . TYR A 1 65 ? -2.341  -4.039  -4.965  1.00 10.02 ? 87  TYR A C   1 
ATOM   463  O O   . TYR A 1 65 ? -3.020  -3.998  -6.005  1.00 8.08  ? 87  TYR A O   1 
ATOM   464  C CB  . TYR A 1 65 ? 0.055   -4.341  -5.552  1.00 5.76  ? 87  TYR A CB  1 
ATOM   465  C CG  . TYR A 1 65 ? 1.366   -5.087  -5.461  1.00 6.68  ? 87  TYR A CG  1 
ATOM   466  C CD1 . TYR A 1 65 ? 1.614   -6.212  -6.258  1.00 8.13  ? 87  TYR A CD1 1 
ATOM   467  C CD2 . TYR A 1 65 ? 2.374   -4.646  -4.613  1.00 4.76  ? 87  TYR A CD2 1 
ATOM   468  C CE1 . TYR A 1 65 ? 2.832   -6.900  -6.188  1.00 7.58  ? 87  TYR A CE1 1 
ATOM   469  C CE2 . TYR A 1 65 ? 3.587   -5.318  -4.538  1.00 7.18  ? 87  TYR A CE2 1 
ATOM   470  C CZ  . TYR A 1 65 ? 3.808   -6.442  -5.324  1.00 10.44 ? 87  TYR A CZ  1 
ATOM   471  O OH  . TYR A 1 65 ? 5.010   -7.099  -5.244  1.00 12.43 ? 87  TYR A OH  1 
ATOM   472  N N   . ALA A 1 66 ? -2.601  -3.281  -3.899  1.00 7.85  ? 88  ALA A N   1 
ATOM   473  C CA  . ALA A 1 66 ? -3.707  -2.329  -3.891  1.00 6.82  ? 88  ALA A CA  1 
ATOM   474  C C   . ALA A 1 66 ? -3.179  -0.968  -3.515  1.00 10.31 ? 88  ALA A C   1 
ATOM   475  O O   . ALA A 1 66 ? -2.336  -0.851  -2.619  1.00 7.04  ? 88  ALA A O   1 
ATOM   476  C CB  . ALA A 1 66 ? -4.799  -2.765  -2.912  1.00 7.66  ? 88  ALA A CB  1 
ATOM   477  N N   . GLY A 1 67 ? -3.661  0.052   -4.221  1.00 7.15  ? 89  GLY A N   1 
ATOM   478  C CA  . GLY A 1 67 ? -3.255  1.416   -3.979  1.00 7.79  ? 89  GLY A CA  1 
ATOM   479  C C   . GLY A 1 67 ? -4.209  2.342   -4.699  1.00 9.59  ? 89  GLY A C   1 
ATOM   480  O O   . GLY A 1 67 ? -4.550  2.104   -5.854  1.00 7.41  ? 89  GLY A O   1 
ATOM   481  N N   . SER A 1 68 ? -4.641  3.402   -4.022  1.00 6.31  ? 90  SER A N   1 
ATOM   482  C CA  . SER A 1 68 ? -5.586  4.337   -4.620  1.00 8.18  ? 90  SER A CA  1 
ATOM   483  C C   . SER A 1 68 ? -6.781  3.580   -5.183  1.00 11.08 ? 90  SER A C   1 
ATOM   484  O O   . SER A 1 68 ? -7.353  2.723   -4.509  1.00 6.60  ? 90  SER A O   1 
ATOM   485  C CB  . SER A 1 68 ? -4.915  5.160   -5.722  1.00 8.65  ? 90  SER A CB  1 
ATOM   486  O OG  . SER A 1 68 ? -5.883  5.867   -6.469  1.00 12.70 ? 90  SER A OG  1 
ATOM   487  N N   . VAL A 1 69 ? -7.118  3.862   -6.441  1.00 7.13  ? 91  VAL A N   1 
ATOM   488  C CA  . VAL A 1 69 ? -8.259  3.220   -7.081  1.00 9.05  ? 91  VAL A CA  1 
ATOM   489  C C   . VAL A 1 69 ? -7.835  1.964   -7.879  1.00 13.90 ? 91  VAL A C   1 
ATOM   490  O O   . VAL A 1 69 ? -8.633  1.366   -8.624  1.00 12.57 ? 91  VAL A O   1 
ATOM   491  C CB  . VAL A 1 69 ? -9.017  4.220   -8.002  1.00 12.85 ? 91  VAL A CB  1 
ATOM   492  C CG1 . VAL A 1 69 ? -9.394  5.501   -7.237  1.00 11.16 ? 91  VAL A CG1 1 
ATOM   493  C CG2 . VAL A 1 69 ? -8.163  4.574   -9.218  1.00 11.77 ? 91  VAL A CG2 1 
ATOM   494  N N   . TYR A 1 70 ? -6.583  1.546   -7.708  1.00 9.45  ? 92  TYR A N   1 
ATOM   495  C CA  . TYR A 1 70 ? -6.034  0.472   -8.540  1.00 10.02 ? 92  TYR A CA  1 
ATOM   496  C C   . TYR A 1 70 ? -5.734  -0.847  -7.822  1.00 11.33 ? 92  TYR A C   1 
ATOM   497  O O   . TYR A 1 70 ? -5.345  -0.868  -6.644  1.00 10.84 ? 92  TYR A O   1 
ATOM   498  C CB  . TYR A 1 70 ? -4.765  0.953   -9.247  1.00 10.15 ? 92  TYR A CB  1 
ATOM   499  C CG  . TYR A 1 70 ? -5.009  2.113   -10.170 1.00 9.85  ? 92  TYR A CG  1 
ATOM   500  C CD1 . TYR A 1 70 ? -5.458  1.902   -11.462 1.00 14.39 ? 92  TYR A CD1 1 
ATOM   501  C CD2 . TYR A 1 70 ? -4.802  3.422   -9.749  1.00 12.20 ? 92  TYR A CD2 1 
ATOM   502  C CE1 . TYR A 1 70 ? -5.687  2.951   -12.320 1.00 13.87 ? 92  TYR A CE1 1 
ATOM   503  C CE2 . TYR A 1 70 ? -5.032  4.483   -10.604 1.00 17.77 ? 92  TYR A CE2 1 
ATOM   504  C CZ  . TYR A 1 70 ? -5.481  4.235   -11.889 1.00 20.23 ? 92  TYR A CZ  1 
ATOM   505  O OH  . TYR A 1 70 ? -5.721  5.268   -12.758 1.00 25.61 ? 92  TYR A OH  1 
ATOM   506  N N   . ILE A 1 71 ? -5.933  -1.940  -8.551  1.00 9.33  ? 93  ILE A N   1 
ATOM   507  C CA  . ILE A 1 71 ? -5.347  -3.226  -8.199  1.00 8.96  ? 93  ILE A CA  1 
ATOM   508  C C   . ILE A 1 71 ? -4.319  -3.562  -9.278  1.00 10.50 ? 93  ILE A C   1 
ATOM   509  O O   . ILE A 1 71 ? -4.593  -3.453  -10.476 1.00 10.41 ? 93  ILE A O   1 
ATOM   510  C CB  . ILE A 1 71 ? -6.382  -4.358  -8.176  1.00 11.05 ? 93  ILE A CB  1 
ATOM   511  C CG1 . ILE A 1 71 ? -7.566  -4.023  -7.266  1.00 15.29 ? 93  ILE A CG1 1 
ATOM   512  C CG2 . ILE A 1 71 ? -5.712  -5.703  -7.792  1.00 11.34 ? 93  ILE A CG2 1 
ATOM   513  C CD1 . ILE A 1 71 ? -7.287  -4.169  -5.803  1.00 12.24 ? 93  ILE A CD1 1 
ATOM   514  N N   . TRP A 1 72 ? -3.132  -3.963  -8.843  1.00 10.34 ? 94  TRP A N   1 
ATOM   515  C CA  . TRP A 1 72 ? -2.088  -4.430  -9.739  1.00 9.21  ? 94  TRP A CA  1 
ATOM   516  C C   . TRP A 1 72 ? -1.781  -5.862  -9.306  1.00 9.81  ? 94  TRP A C   1 
ATOM   517  O O   . TRP A 1 72 ? -1.443  -6.115  -8.144  1.00 8.04  ? 94  TRP A O   1 
ATOM   518  C CB  . TRP A 1 72 ? -0.867  -3.520  -9.628  1.00 7.24  ? 94  TRP A CB  1 
ATOM   519  C CG  . TRP A 1 72 ? 0.355   -3.978  -10.369 1.00 8.69  ? 94  TRP A CG  1 
ATOM   520  C CD1 . TRP A 1 72 ? 1.496   -4.484  -9.825  1.00 8.77  ? 94  TRP A CD1 1 
ATOM   521  C CD2 . TRP A 1 72 ? 0.571   -3.939  -11.788 1.00 8.79  ? 94  TRP A CD2 1 
ATOM   522  N NE1 . TRP A 1 72 ? 2.411   -4.769  -10.815 1.00 9.00  ? 94  TRP A NE1 1 
ATOM   523  C CE2 . TRP A 1 72 ? 1.865   -4.445  -12.029 1.00 9.00  ? 94  TRP A CE2 1 
ATOM   524  C CE3 . TRP A 1 72 ? -0.202  -3.519  -12.874 1.00 10.28 ? 94  TRP A CE3 1 
ATOM   525  C CZ2 . TRP A 1 72 ? 2.403   -4.544  -13.311 1.00 11.14 ? 94  TRP A CZ2 1 
ATOM   526  C CZ3 . TRP A 1 72 ? 0.336   -3.624  -14.161 1.00 10.40 ? 94  TRP A CZ3 1 
ATOM   527  C CH2 . TRP A 1 72 ? 1.624   -4.128  -14.363 1.00 9.71  ? 94  TRP A CH2 1 
ATOM   528  N N   . TRP A 1 73 ? -1.914  -6.804  -10.235 1.00 8.09  ? 95  TRP A N   1 
ATOM   529  C CA  . TRP A 1 73 ? -1.869  -8.213  -9.876  1.00 8.85  ? 95  TRP A CA  1 
ATOM   530  C C   . TRP A 1 73 ? -0.989  -9.003  -10.837 1.00 11.91 ? 95  TRP A C   1 
ATOM   531  O O   . TRP A 1 73 ? -1.336  -9.181  -12.005 1.00 11.66 ? 95  TRP A O   1 
ATOM   532  C CB  . TRP A 1 73 ? -3.297  -8.754  -9.894  1.00 10.77 ? 95  TRP A CB  1 
ATOM   533  C CG  . TRP A 1 73 ? -3.505  -10.015 -9.128  1.00 11.88 ? 95  TRP A CG  1 
ATOM   534  C CD1 . TRP A 1 73 ? -2.573  -10.960 -8.816  1.00 13.15 ? 95  TRP A CD1 1 
ATOM   535  C CD2 . TRP A 1 73 ? -4.742  -10.466 -8.575  1.00 18.50 ? 95  TRP A CD2 1 
ATOM   536  N NE1 . TRP A 1 73 ? -3.160  -11.987 -8.103  1.00 17.64 ? 95  TRP A NE1 1 
ATOM   537  C CE2 . TRP A 1 73 ? -4.488  -11.703 -7.939  1.00 18.41 ? 95  TRP A CE2 1 
ATOM   538  C CE3 . TRP A 1 73 ? -6.041  -9.940  -8.550  1.00 18.35 ? 95  TRP A CE3 1 
ATOM   539  C CZ2 . TRP A 1 73 ? -5.488  -12.421 -7.291  1.00 16.63 ? 95  TRP A CZ2 1 
ATOM   540  C CZ3 . TRP A 1 73 ? -7.030  -10.653 -7.902  1.00 19.46 ? 95  TRP A CZ3 1 
ATOM   541  C CH2 . TRP A 1 73 ? -6.748  -11.880 -7.279  1.00 24.00 ? 95  TRP A CH2 1 
ATOM   542  N N   . THR A 1 74 ? 0.148   -9.481  -10.335 1.00 9.21  ? 96  THR A N   1 
ATOM   543  C CA  . THR A 1 74 ? 1.105   -10.191 -11.163 1.00 11.09 ? 96  THR A CA  1 
ATOM   544  C C   . THR A 1 74 ? 1.059   -11.691 -10.941 1.00 14.90 ? 96  THR A C   1 
ATOM   545  O O   . THR A 1 74 ? 0.784   -12.157 -9.838  1.00 10.69 ? 96  THR A O   1 
ATOM   546  C CB  . THR A 1 74 ? 2.547   -9.746  -10.886 1.00 11.75 ? 96  THR A CB  1 
ATOM   547  O OG1 . THR A 1 74 ? 2.944   -10.195 -9.582  1.00 14.34 ? 96  THR A OG1 1 
ATOM   548  C CG2 . THR A 1 74 ? 2.665   -8.226  -10.984 1.00 12.52 ? 96  THR A CG2 1 
ATOM   549  N N   . LYS A 1 75 ? 1.334   -12.429 -12.013 1.00 14.65 ? 97  LYS A N   1 
ATOM   550  C CA  . LYS A 1 75 ? 1.602   -13.863 -11.939 1.00 13.71 ? 97  LYS A CA  1 
ATOM   551  C C   . LYS A 1 75 ? 2.507   -14.273 -13.081 1.00 14.51 ? 97  LYS A C   1 
ATOM   552  O O   . LYS A 1 75 ? 2.181   -14.091 -14.261 1.00 15.20 ? 97  LYS A O   1 
ATOM   553  C CB  . LYS A 1 75 ? 0.319   -14.676 -11.952 1.00 17.67 ? 97  LYS A CB  1 
ATOM   554  C CG  . LYS A 1 75 ? -0.685  -14.239 -12.967 1.00 20.77 ? 97  LYS A CG  1 
ATOM   555  C CD  . LYS A 1 75 ? -2.081  -14.652 -12.524 1.00 23.03 ? 97  LYS A CD  1 
ATOM   556  C CE  . LYS A 1 75 ? -2.438  -14.038 -11.184 1.00 24.37 ? 97  LYS A CE  1 
ATOM   557  N NZ  . LYS A 1 75 ? -3.567  -14.768 -10.545 1.00 31.83 ? 97  LYS A NZ  1 
ATOM   558  N N   . GLY A 1 76 ? 3.666   -14.799 -12.719 1.00 13.89 ? 98  GLY A N   1 
ATOM   559  C CA  . GLY A 1 76 ? 4.666   -15.149 -13.702 1.00 19.79 ? 98  GLY A CA  1 
ATOM   560  C C   . GLY A 1 76 ? 5.182   -13.892 -14.362 1.00 16.78 ? 98  GLY A C   1 
ATOM   561  O O   . GLY A 1 76 ? 5.598   -12.957 -13.687 1.00 21.17 ? 98  GLY A O   1 
ATOM   562  N N   . LYS A 1 77 ? 5.155   -13.875 -15.688 1.00 21.53 ? 99  LYS A N   1 
ATOM   563  C CA  . LYS A 1 77 ? 5.645   -12.734 -16.444 1.00 20.09 ? 99  LYS A CA  1 
ATOM   564  C C   . LYS A 1 77 ? 4.486   -11.851 -16.890 1.00 16.13 ? 99  LYS A C   1 
ATOM   565  O O   . LYS A 1 77 ? 4.657   -10.965 -17.711 1.00 17.70 ? 99  LYS A O   1 
ATOM   566  C CB  . LYS A 1 77 ? 6.454   -13.212 -17.658 1.00 22.14 ? 99  LYS A CB  1 
ATOM   567  C CG  . LYS A 1 77 ? 7.718   -13.979 -17.282 1.00 24.97 ? 99  LYS A CG  1 
ATOM   568  C CD  . LYS A 1 77 ? 8.528   -13.209 -16.234 1.00 32.98 ? 99  LYS A CD  1 
ATOM   569  C CE  . LYS A 1 77 ? 9.789   -13.954 -15.791 1.00 36.21 ? 99  LYS A CE  1 
ATOM   570  N NZ  . LYS A 1 77 ? 10.856  -13.957 -16.833 1.00 39.52 ? 99  LYS A NZ  1 
ATOM   571  N N   . THR A 1 78 ? 3.302   -12.099 -16.347 1.00 13.09 ? 100 THR A N   1 
ATOM   572  C CA  . THR A 1 78 ? 2.127   -11.320 -16.721 1.00 14.14 ? 100 THR A CA  1 
ATOM   573  C C   . THR A 1 78 ? 1.597   -10.490 -15.547 1.00 11.66 ? 100 THR A C   1 
ATOM   574  O O   . THR A 1 78 ? 1.911   -10.758 -14.376 1.00 9.70  ? 100 THR A O   1 
ATOM   575  C CB  . THR A 1 78 ? 1.012   -12.220 -17.239 1.00 10.18 ? 100 THR A CB  1 
ATOM   576  O OG1 . THR A 1 78 ? 0.407   -12.912 -16.140 1.00 16.73 ? 100 THR A OG1 1 
ATOM   577  C CG2 . THR A 1 78 ? 1.575   -13.235 -18.226 1.00 18.34 ? 100 THR A CG2 1 
ATOM   578  N N   . ALA A 1 79 ? 0.794   -9.481  -15.869 1.00 12.75 ? 101 ALA A N   1 
ATOM   579  C CA  . ALA A 1 79 ? 0.189   -8.628  -14.853 1.00 11.09 ? 101 ALA A CA  1 
ATOM   580  C C   . ALA A 1 79 ? -1.141  -8.089  -15.343 1.00 9.79  ? 101 ALA A C   1 
ATOM   581  O O   . ALA A 1 79 ? -1.358  -7.955  -16.549 1.00 10.75 ? 101 ALA A O   1 
ATOM   582  C CB  . ALA A 1 79 ? 1.115   -7.510  -14.514 1.00 8.15  ? 101 ALA A CB  1 
ATOM   583  N N   . SER A 1 80 ? -2.026  -7.783  -14.405 1.00 11.86 ? 102 SER A N   1 
ATOM   584  C CA  . SER A 1 80 ? -3.314  -7.168  -14.718 1.00 10.59 ? 102 SER A CA  1 
ATOM   585  C C   . SER A 1 80 ? -3.485  -5.875  -13.930 1.00 14.23 ? 102 SER A C   1 
ATOM   586  O O   . SER A 1 80 ? -3.269  -5.857  -12.723 1.00 8.57  ? 102 SER A O   1 
ATOM   587  C CB  . SER A 1 80 ? -4.455  -8.112  -14.348 1.00 13.87 ? 102 SER A CB  1 
ATOM   588  O OG  . SER A 1 80 ? -4.329  -9.357  -15.004 1.00 19.93 ? 102 SER A OG  1 
ATOM   589  N N   . LEU A 1 81 ? -3.880  -4.800  -14.607 1.00 11.22 ? 103 LEU A N   1 
ATOM   590  C CA  . LEU A 1 81 ? -4.165  -3.541  -13.923 1.00 14.10 ? 103 LEU A CA  1 
ATOM   591  C C   . LEU A 1 81 ? -5.668  -3.295  -13.914 1.00 13.64 ? 103 LEU A C   1 
ATOM   592  O O   . LEU A 1 81 ? -6.281  -3.157  -14.964 1.00 12.86 ? 103 LEU A O   1 
ATOM   593  C CB  . LEU A 1 81 ? -3.447  -2.373  -14.603 1.00 12.78 ? 103 LEU A CB  1 
ATOM   594  C CG  . LEU A 1 81 ? -3.707  -0.985  -13.998 1.00 15.67 ? 103 LEU A CG  1 
ATOM   595  C CD1 . LEU A 1 81 ? -3.019  -0.839  -12.639 1.00 11.48 ? 103 LEU A CD1 1 
ATOM   596  C CD2 . LEU A 1 81 ? -3.300  0.142   -14.976 1.00 12.28 ? 103 LEU A CD2 1 
ATOM   597  N N   . TYR A 1 82 ? -6.262  -3.265  -12.728 1.00 10.52 ? 104 TYR A N   1 
ATOM   598  C CA  . TYR A 1 82 ? -7.686  -2.982  -12.608 1.00 13.31 ? 104 TYR A CA  1 
ATOM   599  C C   . TYR A 1 82 ? -7.876  -1.540  -12.140 1.00 16.17 ? 104 TYR A C   1 
ATOM   600  O O   . TYR A 1 82 ? -7.112  -1.058  -11.301 1.00 14.34 ? 104 TYR A O   1 
ATOM   601  C CB  . TYR A 1 82 ? -8.338  -3.925  -11.591 1.00 17.07 ? 104 TYR A CB  1 
ATOM   602  C CG  . TYR A 1 82 ? -8.316  -5.400  -11.954 1.00 22.15 ? 104 TYR A CG  1 
ATOM   603  C CD1 . TYR A 1 82 ? -7.213  -6.196  -11.662 1.00 17.71 ? 104 TYR A CD1 1 
ATOM   604  C CD2 . TYR A 1 82 ? -9.409  -5.999  -12.562 1.00 29.96 ? 104 TYR A CD2 1 
ATOM   605  C CE1 . TYR A 1 82 ? -7.197  -7.549  -11.978 1.00 17.86 ? 104 TYR A CE1 1 
ATOM   606  C CE2 . TYR A 1 82 ? -9.401  -7.352  -12.880 1.00 28.99 ? 104 TYR A CE2 1 
ATOM   607  C CZ  . TYR A 1 82 ? -8.293  -8.117  -12.592 1.00 25.16 ? 104 TYR A CZ  1 
ATOM   608  O OH  . TYR A 1 82 ? -8.291  -9.458  -12.920 1.00 34.71 ? 104 TYR A OH  1 
ATOM   609  N N   . ASN A 1 83 ? -8.890  -0.866  -12.681 1.00 16.30 ? 105 ASN A N   1 
ATOM   610  C CA  . ASN A 1 83 ? -9.286  0.480   -12.258 1.00 13.55 ? 105 ASN A CA  1 
ATOM   611  C C   . ASN A 1 83 ? -10.667 0.407   -11.638 1.00 19.06 ? 105 ASN A C   1 
ATOM   612  O O   . ASN A 1 83 ? -11.661 0.214   -12.343 1.00 20.05 ? 105 ASN A O   1 
ATOM   613  C CB  . ASN A 1 83 ? -9.307  1.442   -13.465 1.00 20.81 ? 105 ASN A CB  1 
ATOM   614  C CG  . ASN A 1 83 ? -9.678  2.881   -13.082 1.00 22.42 ? 105 ASN A CG  1 
ATOM   615  O OD1 . ASN A 1 83 ? -10.685 3.122   -12.417 1.00 23.49 ? 105 ASN A OD1 1 
ATOM   616  N ND2 . ASN A 1 83 ? -8.858  3.840   -13.511 1.00 20.54 ? 105 ASN A ND2 1 
ATOM   617  N N   . LEU A 1 84 ? -10.735 0.571   -10.319 1.00 19.15 ? 106 LEU A N   1 
ATOM   618  C CA  . LEU A 1 84 ? -11.985 0.355   -9.590  1.00 21.83 ? 106 LEU A CA  1 
ATOM   619  C C   . LEU A 1 84 ? -13.017 1.470   -9.792  1.00 28.95 ? 106 LEU A C   1 
ATOM   620  O O   . LEU A 1 84 ? -14.191 1.308   -9.449  1.00 32.54 ? 106 LEU A O   1 
ATOM   621  C CB  . LEU A 1 84 ? -11.706 0.144   -8.101  1.00 19.82 ? 106 LEU A CB  1 
ATOM   622  C CG  . LEU A 1 84 ? -11.509 -1.294  -7.621  1.00 23.06 ? 106 LEU A CG  1 
ATOM   623  C CD1 . LEU A 1 84 ? -10.758 -2.104  -8.633  1.00 24.54 ? 106 LEU A CD1 1 
ATOM   624  C CD2 . LEU A 1 84 ? -10.766 -1.309  -6.281  1.00 20.61 ? 106 LEU A CD2 1 
ATOM   625  N N   . ILE A 1 85 ? -12.581 2.595   -10.347 1.00 21.06 ? 107 ILE A N   1 
ATOM   626  C CA  . ILE A 1 85 ? -13.510 3.659   -10.712 1.00 30.25 ? 107 ILE A CA  1 
ATOM   627  C C   . ILE A 1 85 ? -14.241 3.300   -12.000 1.00 31.64 ? 107 ILE A C   1 
ATOM   628  O O   . ILE A 1 85 ? -15.467 3.240   -12.028 1.00 33.93 ? 107 ILE A O   1 
ATOM   629  C CB  . ILE A 1 85 ? -12.795 5.005   -10.904 1.00 27.15 ? 107 ILE A CB  1 
ATOM   630  C CG1 . ILE A 1 85 ? -12.298 5.546   -9.564  1.00 25.54 ? 107 ILE A CG1 1 
ATOM   631  C CG2 . ILE A 1 85 ? -13.727 6.016   -11.541 1.00 36.59 ? 107 ILE A CG2 1 
ATOM   632  C CD1 . ILE A 1 85 ? -13.392 5.705   -8.553  1.00 31.95 ? 107 ILE A CD1 1 
ATOM   633  N N   . ASP A 1 86 ? -13.479 3.054   -13.062 1.00 28.17 ? 108 ASP A N   1 
ATOM   634  C CA  . ASP A 1 86 ? -14.054 2.761   -14.374 1.00 33.12 ? 108 ASP A CA  1 
ATOM   635  C C   . ASP A 1 86 ? -14.616 1.344   -14.454 1.00 37.58 ? 108 ASP A C   1 
ATOM   636  O O   . ASP A 1 86 ? -15.577 1.090   -15.180 1.00 35.60 ? 108 ASP A O   1 
ATOM   637  C CB  . ASP A 1 86 ? -13.009 2.960   -15.476 1.00 31.84 ? 108 ASP A CB  1 
ATOM   638  C CG  . ASP A 1 86 ? -12.191 4.227   -15.293 1.00 38.52 ? 108 ASP A CG  1 
ATOM   639  O OD1 . ASP A 1 86 ? -12.722 5.235   -14.766 1.00 40.79 ? 108 ASP A OD1 1 
ATOM   640  O OD2 . ASP A 1 86 ? -11.004 4.214   -15.684 1.00 43.57 ? 108 ASP A OD2 1 
ATOM   641  N N   . ASN A 1 87 ? -14.016 0.429   -13.697 1.00 32.31 ? 109 ASN A N   1 
ATOM   642  C CA  . ASN A 1 87 ? -14.409 -0.968  -13.742 1.00 34.49 ? 109 ASN A CA  1 
ATOM   643  C C   . ASN A 1 87 ? -14.522 -1.580  -12.342 1.00 41.03 ? 109 ASN A C   1 
ATOM   644  O O   . ASN A 1 87 ? -13.724 -2.443  -11.962 1.00 37.61 ? 109 ASN A O   1 
ATOM   645  C CB  . ASN A 1 87 ? -13.411 -1.749  -14.611 1.00 36.47 ? 109 ASN A CB  1 
ATOM   646  C CG  . ASN A 1 87 ? -13.808 -3.198  -14.811 1.00 38.58 ? 109 ASN A CG  1 
ATOM   647  O OD1 . ASN A 1 87 ? -13.013 -4.111  -14.574 1.00 37.18 ? 109 ASN A OD1 1 
ATOM   648  N ND2 . ASN A 1 87 ? -15.040 -3.418  -15.247 1.00 40.22 ? 109 ASN A ND2 1 
ATOM   649  N N   . PRO A 1 88 ? -15.529 -1.135  -11.567 1.00 40.11 ? 110 PRO A N   1 
ATOM   650  C CA  . PRO A 1 88 ? -15.719 -1.635  -10.199 1.00 41.16 ? 110 PRO A CA  1 
ATOM   651  C C   . PRO A 1 88 ? -16.049 -3.123  -10.188 1.00 44.41 ? 110 PRO A C   1 
ATOM   652  O O   . PRO A 1 88 ? -15.871 -3.797  -9.173  1.00 37.78 ? 110 PRO A O   1 
ATOM   653  C CB  . PRO A 1 88 ? -16.909 -0.816  -9.687  1.00 38.12 ? 110 PRO A CB  1 
ATOM   654  C CG  . PRO A 1 88 ? -17.628 -0.374  -10.924 1.00 43.52 ? 110 PRO A CG  1 
ATOM   655  C CD  . PRO A 1 88 ? -16.567 -0.164  -11.951 1.00 40.87 ? 110 PRO A CD  1 
ATOM   656  N N   . GLU A 1 89 ? -16.515 -3.625  -11.327 1.00 44.27 ? 111 GLU A N   1 
ATOM   657  C CA  . GLU A 1 89 ? -16.814 -5.043  -11.485 1.00 46.95 ? 111 GLU A CA  1 
ATOM   658  C C   . GLU A 1 89 ? -15.538 -5.880  -11.423 1.00 44.08 ? 111 GLU A C   1 
ATOM   659  O O   . GLU A 1 89 ? -15.590 -7.083  -11.177 1.00 44.82 ? 111 GLU A O   1 
ATOM   660  C CB  . GLU A 1 89 ? -17.537 -5.290  -12.812 1.00 49.47 ? 111 GLU A CB  1 
ATOM   661  C CG  . GLU A 1 89 ? -18.706 -4.338  -13.088 1.00 57.68 ? 111 GLU A CG  1 
ATOM   662  C CD  . GLU A 1 89 ? -18.270 -3.000  -13.686 1.00 56.87 ? 111 GLU A CD  1 
ATOM   663  O OE1 . GLU A 1 89 ? -17.080 -2.862  -14.043 1.00 55.53 ? 111 GLU A OE1 1 
ATOM   664  O OE2 . GLU A 1 89 ? -19.117 -2.086  -13.800 1.00 56.52 ? 111 GLU A OE2 1 
ATOM   665  N N   . GLU A 1 90 ? -14.399 -5.229  -11.652 1.00 42.91 ? 112 GLU A N   1 
ATOM   666  C CA  . GLU A 1 90 ? -13.091 -5.882  -11.640 1.00 42.50 ? 112 GLU A CA  1 
ATOM   667  C C   . GLU A 1 90 ? -13.019 -7.072  -12.595 1.00 46.07 ? 112 GLU A C   1 
ATOM   668  O O   . GLU A 1 90 ? -12.382 -8.080  -12.288 1.00 44.92 ? 112 GLU A O   1 
ATOM   669  C CB  . GLU A 1 90 ? -12.713 -6.336  -10.230 1.00 37.01 ? 112 GLU A CB  1 
ATOM   670  C CG  . GLU A 1 90 ? -12.654 -5.232  -9.193  1.00 42.51 ? 112 GLU A CG  1 
ATOM   671  C CD  . GLU A 1 90 ? -12.162 -5.734  -7.839  1.00 42.51 ? 112 GLU A CD  1 
ATOM   672  O OE1 . GLU A 1 90 ? -12.332 -5.015  -6.826  1.00 34.02 ? 112 GLU A OE1 1 
ATOM   673  O OE2 . GLU A 1 90 ? -11.599 -6.850  -7.791  1.00 56.10 ? 112 GLU A OE2 1 
ATOM   674  N N   . ASP A 1 91 ? -13.671 -6.953  -13.746 1.00 39.58 ? 113 ASP A N   1 
ATOM   675  C CA  . ASP A 1 91 ? -13.704 -8.048  -14.706 1.00 39.71 ? 113 ASP A CA  1 
ATOM   676  C C   . ASP A 1 91 ? -13.046 -7.697  -16.039 1.00 38.86 ? 113 ASP A C   1 
ATOM   677  O O   . ASP A 1 91 ? -12.762 -8.587  -16.841 1.00 46.23 ? 113 ASP A O   1 
ATOM   678  C CB  . ASP A 1 91 ? -15.140 -8.536  -14.931 1.00 37.31 ? 113 ASP A CB  1 
ATOM   679  C CG  . ASP A 1 91 ? -16.103 -7.407  -15.264 1.00 50.08 ? 113 ASP A CG  1 
ATOM   680  O OD1 . ASP A 1 91 ? -15.651 -6.293  -15.616 1.00 52.12 ? 113 ASP A OD1 1 
ATOM   681  O OD2 . ASP A 1 91 ? -17.328 -7.638  -15.178 1.00 57.89 ? 113 ASP A OD2 1 
ATOM   682  N N   . LYS A 1 92 ? -12.799 -6.408  -16.271 1.00 40.94 ? 114 LYS A N   1 
ATOM   683  C CA  . LYS A 1 92 ? -12.203 -5.958  -17.531 1.00 37.22 ? 114 LYS A CA  1 
ATOM   684  C C   . LYS A 1 92 ? -10.863 -5.248  -17.363 1.00 31.17 ? 114 LYS A C   1 
ATOM   685  O O   . LYS A 1 92 ? -10.739 -4.065  -17.673 1.00 27.05 ? 114 LYS A O   1 
ATOM   686  C CB  . LYS A 1 92 ? -13.181 -5.081  -18.323 1.00 34.11 ? 114 LYS A CB  1 
ATOM   687  C CG  . LYS A 1 92 ? -14.213 -5.886  -19.100 1.00 47.72 ? 114 LYS A CG  1 
ATOM   688  C CD  . LYS A 1 92 ? -15.037 -5.020  -20.035 1.00 50.70 ? 114 LYS A CD  1 
ATOM   689  C CE  . LYS A 1 92 ? -16.143 -4.306  -19.292 1.00 56.39 ? 114 LYS A CE  1 
ATOM   690  N NZ  . LYS A 1 92 ? -17.039 -3.573  -20.226 1.00 63.09 ? 114 LYS A NZ  1 
ATOM   691  N N   . PRO A 1 93 ? -9.838  -5.987  -16.909 1.00 35.46 ? 115 PRO A N   1 
ATOM   692  C CA  . PRO A 1 93 ? -8.546  -5.379  -16.597 1.00 30.45 ? 115 PRO A CA  1 
ATOM   693  C C   . PRO A 1 93 ? -7.704  -5.133  -17.836 1.00 25.61 ? 115 PRO A C   1 
ATOM   694  O O   . PRO A 1 93 ? -8.050  -5.562  -18.932 1.00 29.69 ? 115 PRO A O   1 
ATOM   695  C CB  . PRO A 1 93 ? -7.872  -6.460  -15.769 1.00 24.39 ? 115 PRO A CB  1 
ATOM   696  C CG  . PRO A 1 93 ? -8.339  -7.712  -16.424 1.00 26.66 ? 115 PRO A CG  1 
ATOM   697  C CD  . PRO A 1 93 ? -9.783  -7.452  -16.769 1.00 29.65 ? 115 PRO A CD  1 
ATOM   698  N N   . ILE A 1 94 ? -6.592  -4.440  -17.633 1.00 21.66 ? 116 ILE A N   1 
ATOM   699  C CA  . ILE A 1 94 ? -5.607  -4.196  -18.671 1.00 19.13 ? 116 ILE A CA  1 
ATOM   700  C C   . ILE A 1 94 ? -4.459  -5.188  -18.461 1.00 20.83 ? 116 ILE A C   1 
ATOM   701  O O   . ILE A 1 94 ? -3.903  -5.283  -17.366 1.00 13.35 ? 116 ILE A O   1 
ATOM   702  C CB  . ILE A 1 94 ? -5.107  -2.738  -18.594 1.00 17.57 ? 116 ILE A CB  1 
ATOM   703  C CG1 . ILE A 1 94 ? -6.262  -1.780  -18.905 1.00 20.45 ? 116 ILE A CG1 1 
ATOM   704  C CG2 . ILE A 1 94 ? -3.940  -2.496  -19.541 1.00 16.89 ? 116 ILE A CG2 1 
ATOM   705  C CD1 . ILE A 1 94 ? -5.930  -0.323  -18.684 1.00 19.04 ? 116 ILE A CD1 1 
ATOM   706  N N   . SER A 1 95 ? -4.123  -5.936  -19.509 1.00 17.30 ? 117 SER A N   1 
ATOM   707  C CA  . SER A 1 95 ? -3.120  -6.991  -19.423 1.00 14.80 ? 117 SER A CA  1 
ATOM   708  C C   . SER A 1 95 ? -1.750  -6.487  -19.843 1.00 15.50 ? 117 SER A C   1 
ATOM   709  O O   . SER A 1 95 ? -1.630  -5.697  -20.777 1.00 20.47 ? 117 SER A O   1 
ATOM   710  C CB  . SER A 1 95 ? -3.535  -8.170  -20.295 1.00 18.57 ? 117 SER A CB  1 
ATOM   711  O OG  . SER A 1 95 ? -4.720  -8.769  -19.791 1.00 19.48 ? 117 SER A OG  1 
ATOM   712  N N   . CYS A 1 96 ? -0.718  -6.933  -19.141 1.00 9.74  ? 118 CYS A N   1 
ATOM   713  C CA  . CYS A 1 96 ? 0.639   -6.473  -19.397 1.00 10.61 ? 118 CYS A CA  1 
ATOM   714  C C   . CYS A 1 96 ? 1.582   -7.649  -19.319 1.00 12.43 ? 118 CYS A C   1 
ATOM   715  O O   . CYS A 1 96 ? 1.306   -8.627  -18.622 1.00 13.73 ? 118 CYS A O   1 
ATOM   716  C CB  . CYS A 1 96 ? 1.082   -5.444  -18.350 1.00 15.46 ? 118 CYS A CB  1 
ATOM   717  S SG  . CYS A 1 96 ? 0.037   -3.996  -18.182 1.00 22.84 ? 118 CYS A SG  1 
ATOM   718  N N   . VAL A 1 97 ? 2.709   -7.530  -20.011 1.00 11.49 ? 119 VAL A N   1 
ATOM   719  C CA  . VAL A 1 97 ? 3.725   -8.573  -20.049 1.00 17.56 ? 119 VAL A CA  1 
ATOM   720  C C   . VAL A 1 97 ? 5.048   -8.008  -19.561 1.00 14.04 ? 119 VAL A C   1 
ATOM   721  O O   . VAL A 1 97 ? 5.467   -6.932  -19.968 1.00 12.57 ? 119 VAL A O   1 
ATOM   722  C CB  . VAL A 1 97 ? 3.912   -9.151  -21.490 1.00 16.77 ? 119 VAL A CB  1 
ATOM   723  C CG1 . VAL A 1 97 ? 5.071   -10.162 -21.527 1.00 15.21 ? 119 VAL A CG1 1 
ATOM   724  C CG2 . VAL A 1 97 ? 2.632   -9.806  -21.965 1.00 12.48 ? 119 VAL A CG2 1 
ATOM   725  N N   . GLU A 1 98 ? 5.715   -8.741  -18.685 1.00 14.52 ? 120 GLU A N   1 
ATOM   726  C CA  . GLU A 1 98 ? 7.018   -8.314  -18.215 1.00 15.53 ? 120 GLU A CA  1 
ATOM   727  C C   . GLU A 1 98 ? 8.057   -8.351  -19.325 1.00 21.54 ? 120 GLU A C   1 
ATOM   728  O O   . GLU A 1 98 ? 8.166   -9.336  -20.076 1.00 17.66 ? 120 GLU A O   1 
ATOM   729  C CB  . GLU A 1 98 ? 7.460   -9.192  -17.055 1.00 16.76 ? 120 GLU A CB  1 
ATOM   730  C CG  . GLU A 1 98 ? 8.823   -8.847  -16.520 1.00 16.70 ? 120 GLU A CG  1 
ATOM   731  C CD  . GLU A 1 98 ? 9.195   -9.712  -15.340 1.00 26.84 ? 120 GLU A CD  1 
ATOM   732  O OE1 . GLU A 1 98 ? 8.276   -10.108 -14.594 1.00 20.94 ? 120 GLU A OE1 1 
ATOM   733  O OE2 . GLU A 1 98 ? 10.398  -10.005 -15.166 1.00 35.91 ? 120 GLU A OE2 1 
ATOM   734  N N   . GLN A 1 99 ? 8.804   -7.263  -19.451 1.00 21.19 ? 121 GLN A N   1 
ATOM   735  C CA  . GLN A 1 99 ? 9.949   -7.235  -20.345 1.00 21.66 ? 121 GLN A CA  1 
ATOM   736  C C   . GLN A 1 99 ? 11.183  -7.579  -19.520 1.00 24.17 ? 121 GLN A C   1 
ATOM   737  O O   . GLN A 1 99 ? 12.137  -8.158  -20.032 1.00 36.55 ? 121 GLN A O   1 
ATOM   738  C CB  . GLN A 1 99 ? 10.121  -5.854  -20.980 1.00 18.58 ? 121 GLN A CB  1 
ATOM   739  C CG  . GLN A 1 99 ? 8.873   -5.285  -21.617 1.00 17.69 ? 121 GLN A CG  1 
ATOM   740  C CD  . GLN A 1 99 ? 8.346   -6.142  -22.750 1.00 24.40 ? 121 GLN A CD  1 
ATOM   741  O OE1 . GLN A 1 99 ? 8.867   -6.108  -23.866 1.00 30.68 ? 121 GLN A OE1 1 
ATOM   742  N NE2 . GLN A 1 99 ? 7.298   -6.910  -22.471 1.00 20.00 ? 121 GLN A NE2 1 
ATOM   743  N N   . MET B 1 3  ? 19.599  -2.668  5.940   1.00 35.60 ? 25  MET B N   1 
ATOM   744  C CA  . MET B 1 3  ? 19.500  -1.401  5.223   1.00 36.69 ? 25  MET B CA  1 
ATOM   745  C C   . MET B 1 3  ? 18.570  -0.434  5.969   1.00 38.79 ? 25  MET B C   1 
ATOM   746  O O   . MET B 1 3  ? 18.871  0.757   6.099   1.00 37.79 ? 25  MET B O   1 
ATOM   747  C CB  . MET B 1 3  ? 19.038  -1.637  3.780   1.00 37.39 ? 25  MET B CB  1 
ATOM   748  C CG  . MET B 1 3  ? 19.429  -0.532  2.816   1.00 39.60 ? 25  MET B CG  1 
ATOM   749  S SD  . MET B 1 3  ? 19.834  -1.170  1.177   1.00 63.84 ? 25  MET B SD  1 
ATOM   750  C CE  . MET B 1 3  ? 21.223  -2.243  1.558   1.00 54.62 ? 25  MET B CE  1 
ATOM   751  N N   . GLY B 1 4  ? 17.443  -0.959  6.450   1.00 30.03 ? 26  GLY B N   1 
ATOM   752  C CA  . GLY B 1 4  ? 16.611  -0.258  7.413   1.00 28.99 ? 26  GLY B CA  1 
ATOM   753  C C   . GLY B 1 4  ? 15.603  0.753   6.895   1.00 26.84 ? 26  GLY B C   1 
ATOM   754  O O   . GLY B 1 4  ? 14.794  1.269   7.669   1.00 26.38 ? 26  GLY B O   1 
ATOM   755  N N   . GLU B 1 5  ? 15.632  1.053   5.604   1.00 20.82 ? 27  GLU B N   1 
ATOM   756  C CA  . GLU B 1 5  ? 14.726  2.077   5.096   1.00 25.07 ? 27  GLU B CA  1 
ATOM   757  C C   . GLU B 1 5  ? 14.309  1.906   3.643   1.00 20.75 ? 27  GLU B C   1 
ATOM   758  O O   . GLU B 1 5  ? 15.117  1.616   2.772   1.00 24.97 ? 27  GLU B O   1 
ATOM   759  C CB  . GLU B 1 5  ? 15.301  3.478   5.329   1.00 23.83 ? 27  GLU B CB  1 
ATOM   760  C CG  . GLU B 1 5  ? 16.558  3.780   4.545   1.00 36.16 ? 27  GLU B CG  1 
ATOM   761  C CD  . GLU B 1 5  ? 16.992  5.228   4.687   1.00 44.40 ? 27  GLU B CD  1 
ATOM   762  O OE1 . GLU B 1 5  ? 16.580  5.884   5.666   1.00 44.91 ? 27  GLU B OE1 1 
ATOM   763  O OE2 . GLU B 1 5  ? 17.745  5.712   3.815   1.00 51.87 ? 27  GLU B OE2 1 
ATOM   764  N N   . ILE B 1 6  ? 13.017  2.085   3.406   1.00 18.66 ? 28  ILE B N   1 
ATOM   765  C CA  . ILE B 1 6  ? 12.479  2.111   2.066   1.00 15.45 ? 28  ILE B CA  1 
ATOM   766  C C   . ILE B 1 6  ? 12.486  3.554   1.570   1.00 19.86 ? 28  ILE B C   1 
ATOM   767  O O   . ILE B 1 6  ? 11.953  4.462   2.228   1.00 13.96 ? 28  ILE B O   1 
ATOM   768  C CB  . ILE B 1 6  ? 11.042  1.593   2.051   1.00 13.91 ? 28  ILE B CB  1 
ATOM   769  C CG1 . ILE B 1 6  ? 11.012  0.113   2.434   1.00 14.86 ? 28  ILE B CG1 1 
ATOM   770  C CG2 . ILE B 1 6  ? 10.431  1.800   0.675   1.00 10.40 ? 28  ILE B CG2 1 
ATOM   771  C CD1 . ILE B 1 6  ? 9.645   -0.378  2.878   1.00 14.57 ? 28  ILE B CD1 1 
ATOM   772  N N   . THR B 1 7  ? 13.109  3.768   0.419   1.00 15.43 ? 29  THR B N   1 
ATOM   773  C CA  . THR B 1 7  ? 13.109  5.076   -0.207  1.00 13.14 ? 29  THR B CA  1 
ATOM   774  C C   . THR B 1 7  ? 12.412  5.000   -1.547  1.00 13.22 ? 29  THR B C   1 
ATOM   775  O O   . THR B 1 7  ? 12.822  4.244   -2.426  1.00 10.38 ? 29  THR B O   1 
ATOM   776  C CB  . THR B 1 7  ? 14.522  5.601   -0.419  1.00 15.29 ? 29  THR B CB  1 
ATOM   777  O OG1 . THR B 1 7  ? 15.128  5.850   0.857   1.00 24.42 ? 29  THR B OG1 1 
ATOM   778  C CG2 . THR B 1 7  ? 14.457  6.902   -1.173  1.00 15.30 ? 29  THR B CG2 1 
ATOM   779  N N   . ILE B 1 8  ? 11.340  5.764   -1.694  1.00 7.53  ? 30  ILE B N   1 
ATOM   780  C CA  . ILE B 1 8  ? 10.611  5.798   -2.956  1.00 10.07 ? 30  ILE B CA  1 
ATOM   781  C C   . ILE B 1 8  ? 10.742  7.180   -3.590  1.00 10.63 ? 30  ILE B C   1 
ATOM   782  O O   . ILE B 1 8  ? 10.354  8.190   -2.986  1.00 11.27 ? 30  ILE B O   1 
ATOM   783  C CB  . ILE B 1 8  ? 9.124   5.460   -2.764  1.00 11.24 ? 30  ILE B CB  1 
ATOM   784  C CG1 . ILE B 1 8  ? 8.965   4.080   -2.121  1.00 8.84  ? 30  ILE B CG1 1 
ATOM   785  C CG2 . ILE B 1 8  ? 8.391   5.512   -4.097  1.00 7.65  ? 30  ILE B CG2 1 
ATOM   786  C CD1 . ILE B 1 8  ? 7.543   3.805   -1.614  1.00 8.65  ? 30  ILE B CD1 1 
ATOM   787  N N   . LYS B 1 9  ? 11.303  7.224   -4.796  1.00 8.91  ? 31  LYS B N   1 
ATOM   788  C CA  . LYS B 1 9  ? 11.548  8.489   -5.474  1.00 9.46  ? 31  LYS B CA  1 
ATOM   789  C C   . LYS B 1 9  ? 10.322  8.957   -6.247  1.00 13.06 ? 31  LYS B C   1 
ATOM   790  O O   . LYS B 1 9  ? 9.638   8.156   -6.890  1.00 12.23 ? 31  LYS B O   1 
ATOM   791  C CB  . LYS B 1 9  ? 12.749  8.408   -6.424  1.00 13.63 ? 31  LYS B CB  1 
ATOM   792  C CG  . LYS B 1 9  ? 13.239  9.805   -6.855  1.00 23.55 ? 31  LYS B CG  1 
ATOM   793  C CD  . LYS B 1 9  ? 14.262  9.793   -8.001  1.00 29.76 ? 31  LYS B CD  1 
ATOM   794  C CE  . LYS B 1 9  ? 13.605  9.817   -9.385  1.00 27.61 ? 31  LYS B CE  1 
ATOM   795  N NZ  . LYS B 1 9  ? 13.074  11.159  -9.765  1.00 35.60 ? 31  LYS B NZ  1 
ATOM   796  N N   . LEU B 1 10 ? 10.084  10.268  -6.193  1.00 11.18 ? 32  LEU B N   1 
ATOM   797  C CA  . LEU B 1 10 ? 8.930   10.915  -6.812  1.00 12.91 ? 32  LEU B CA  1 
ATOM   798  C C   . LEU B 1 10 ? 9.403   12.161  -7.566  1.00 8.84  ? 32  LEU B C   1 
ATOM   799  O O   . LEU B 1 10 ? 10.553  12.571  -7.407  1.00 8.23  ? 32  LEU B O   1 
ATOM   800  C CB  . LEU B 1 10 ? 7.927   11.303  -5.721  1.00 7.84  ? 32  LEU B CB  1 
ATOM   801  C CG  . LEU B 1 10 ? 7.365   10.101  -4.958  1.00 12.71 ? 32  LEU B CG  1 
ATOM   802  C CD1 . LEU B 1 10 ? 6.414   10.551  -3.835  1.00 7.60  ? 32  LEU B CD1 1 
ATOM   803  C CD2 . LEU B 1 10 ? 6.678   9.149   -5.923  1.00 7.09  ? 32  LEU B CD2 1 
ATOM   804  N N   . PRO B 1 11 ? 8.532   12.763  -8.396  1.00 9.83  ? 33  PRO B N   1 
ATOM   805  C CA  . PRO B 1 11 ? 8.935   14.048  -8.985  1.00 9.67  ? 33  PRO B CA  1 
ATOM   806  C C   . PRO B 1 11 ? 9.340   15.062  -7.910  1.00 9.59  ? 33  PRO B C   1 
ATOM   807  O O   . PRO B 1 11 ? 8.780   15.085  -6.804  1.00 7.88  ? 33  PRO B O   1 
ATOM   808  C CB  . PRO B 1 11 ? 7.678   14.498  -9.729  1.00 13.42 ? 33  PRO B CB  1 
ATOM   809  C CG  . PRO B 1 11 ? 6.963   13.205  -10.055 1.00 8.92  ? 33  PRO B CG  1 
ATOM   810  C CD  . PRO B 1 11 ? 7.197   12.339  -8.864  1.00 7.49  ? 33  PRO B CD  1 
ATOM   811  N N   . ASP B 1 12 ? 10.335  15.875  -8.242  1.00 7.41  ? 34  ASP B N   1 
ATOM   812  C CA  . ASP B 1 12 ? 11.035  16.704  -7.266  1.00 11.72 ? 34  ASP B CA  1 
ATOM   813  C C   . ASP B 1 12 ? 10.197  17.789  -6.566  1.00 11.74 ? 34  ASP B C   1 
ATOM   814  O O   . ASP B 1 12 ? 10.571  18.282  -5.504  1.00 8.32  ? 34  ASP B O   1 
ATOM   815  C CB  . ASP B 1 12 ? 12.248  17.349  -7.933  1.00 14.13 ? 34  ASP B CB  1 
ATOM   816  C CG  . ASP B 1 12 ? 13.354  16.359  -8.206  1.00 20.04 ? 34  ASP B CG  1 
ATOM   817  O OD1 . ASP B 1 12 ? 13.642  15.530  -7.311  1.00 20.93 ? 34  ASP B OD1 1 
ATOM   818  O OD2 . ASP B 1 12 ? 13.931  16.407  -9.316  1.00 22.00 ? 34  ASP B OD2 1 
ATOM   819  N N   . SER B 1 13 ? 9.074   18.162  -7.164  1.00 9.26  ? 35  SER B N   1 
ATOM   820  C CA  . SER B 1 13 ? 8.242   19.206  -6.583  1.00 11.10 ? 35  SER B CA  1 
ATOM   821  C C   . SER B 1 13 ? 7.165   18.598  -5.686  1.00 10.23 ? 35  SER B C   1 
ATOM   822  O O   . SER B 1 13 ? 6.316   19.298  -5.144  1.00 9.79  ? 35  SER B O   1 
ATOM   823  C CB  . SER B 1 13 ? 7.603   20.033  -7.693  1.00 10.50 ? 35  SER B CB  1 
ATOM   824  O OG  . SER B 1 13 ? 6.726   19.231  -8.457  1.00 11.49 ? 35  SER B OG  1 
ATOM   825  N N   . VAL B 1 14 ? 7.189   17.282  -5.533  1.00 7.82  ? 36  VAL B N   1 
ATOM   826  C CA  . VAL B 1 14 ? 6.195   16.632  -4.690  1.00 10.50 ? 36  VAL B CA  1 
ATOM   827  C C   . VAL B 1 14 ? 6.610   16.768  -3.223  1.00 12.31 ? 36  VAL B C   1 
ATOM   828  O O   . VAL B 1 14 ? 7.684   16.318  -2.843  1.00 13.55 ? 36  VAL B O   1 
ATOM   829  C CB  . VAL B 1 14 ? 6.053   15.146  -5.063  1.00 15.27 ? 36  VAL B CB  1 
ATOM   830  C CG1 . VAL B 1 14 ? 5.193   14.415  -4.039  1.00 10.70 ? 36  VAL B CG1 1 
ATOM   831  C CG2 . VAL B 1 14 ? 5.470   15.026  -6.452  1.00 10.42 ? 36  VAL B CG2 1 
ATOM   832  N N   . LYS B 1 15 ? 5.782   17.394  -2.397  1.00 7.93  ? 37  LYS B N   1 
ATOM   833  C CA  . LYS B 1 15 ? 6.138   17.530  -0.980  1.00 13.57 ? 37  LYS B CA  1 
ATOM   834  C C   . LYS B 1 15 ? 5.701   16.307  -0.213  1.00 10.16 ? 37  LYS B C   1 
ATOM   835  O O   . LYS B 1 15 ? 4.536   15.920  -0.270  1.00 8.80  ? 37  LYS B O   1 
ATOM   836  C CB  . LYS B 1 15 ? 5.500   18.766  -0.337  1.00 14.96 ? 37  LYS B CB  1 
ATOM   837  C CG  . LYS B 1 15 ? 5.727   18.834  1.183   1.00 13.82 ? 37  LYS B CG  1 
ATOM   838  C CD  . LYS B 1 15 ? 5.322   20.190  1.788   1.00 25.70 ? 37  LYS B CD  1 
ATOM   839  C CE  . LYS B 1 15 ? 3.810   20.286  1.970   1.00 32.70 ? 37  LYS B CE  1 
ATOM   840  N NZ  . LYS B 1 15 ? 3.398   21.486  2.753   1.00 38.04 ? 37  LYS B NZ  1 
ATOM   841  N N   . VAL B 1 16 ? 6.624   15.698  0.514   1.00 9.01  ? 38  VAL B N   1 
ATOM   842  C CA  . VAL B 1 16 ? 6.266   14.495  1.250   1.00 11.13 ? 38  VAL B CA  1 
ATOM   843  C C   . VAL B 1 16 ? 6.168   14.812  2.732   1.00 11.05 ? 38  VAL B C   1 
ATOM   844  O O   . VAL B 1 16 ? 7.153   15.209  3.352   1.00 12.37 ? 38  VAL B O   1 
ATOM   845  C CB  . VAL B 1 16 ? 7.263   13.348  1.001   1.00 11.21 ? 38  VAL B CB  1 
ATOM   846  C CG1 . VAL B 1 16 ? 6.895   12.116  1.843   1.00 10.74 ? 38  VAL B CG1 1 
ATOM   847  C CG2 . VAL B 1 16 ? 7.288   12.999  -0.467  1.00 9.35  ? 38  VAL B CG2 1 
ATOM   848  N N   . SER B 1 17 ? 4.978   14.657  3.299   1.00 8.77  ? 39  SER B N   1 
ATOM   849  C CA  . SER B 1 17 ? 4.842   14.853  4.743   1.00 11.35 ? 39  SER B CA  1 
ATOM   850  C C   . SER B 1 17 ? 4.737   13.521  5.512   1.00 14.28 ? 39  SER B C   1 
ATOM   851  O O   . SER B 1 17 ? 4.130   12.545  5.043   1.00 10.29 ? 39  SER B O   1 
ATOM   852  C CB  . SER B 1 17 ? 3.692   15.811  5.081   1.00 18.53 ? 39  SER B CB  1 
ATOM   853  O OG  . SER B 1 17 ? 2.452   15.135  5.080   1.00 24.30 ? 39  SER B OG  1 
ATOM   854  N N   . THR B 1 18 ? 5.372   13.488  6.680   1.00 11.22 ? 40  THR B N   1 
ATOM   855  C CA  . THR B 1 18 ? 5.427   12.299  7.516   1.00 12.30 ? 40  THR B CA  1 
ATOM   856  C C   . THR B 1 18 ? 4.975   12.694  8.908   1.00 17.78 ? 40  THR B C   1 
ATOM   857  O O   . THR B 1 18 ? 5.545   13.605  9.518   1.00 16.98 ? 40  THR B O   1 
ATOM   858  C CB  . THR B 1 18 ? 6.855   11.756  7.619   1.00 12.31 ? 40  THR B CB  1 
ATOM   859  O OG1 . THR B 1 18 ? 7.330   11.391  6.318   1.00 15.36 ? 40  THR B OG1 1 
ATOM   860  C CG2 . THR B 1 18 ? 6.906   10.532  8.518   1.00 20.39 ? 40  THR B CG2 1 
ATOM   861  N N   . ASN B 1 19 ? 3.931   12.038  9.398   1.00 12.02 ? 41  ASN B N   1 
ATOM   862  C CA  . ASN B 1 19 ? 3.491   12.263  10.762  1.00 15.69 ? 41  ASN B CA  1 
ATOM   863  C C   . ASN B 1 19 ? 3.070   10.969  11.442  1.00 19.60 ? 41  ASN B C   1 
ATOM   864  O O   . ASN B 1 19 ? 2.411   10.112  10.849  1.00 16.44 ? 41  ASN B O   1 
ATOM   865  C CB  . ASN B 1 19 ? 2.363   13.293  10.820  1.00 24.16 ? 41  ASN B CB  1 
ATOM   866  C CG  . ASN B 1 19 ? 1.068   12.763  10.261  1.00 24.30 ? 41  ASN B CG  1 
ATOM   867  O OD1 . ASN B 1 19 ? 1.032   12.253  9.146   1.00 27.41 ? 41  ASN B OD1 1 
ATOM   868  N ND2 . ASN B 1 19 ? -0.009  12.871  11.040  1.00 22.13 ? 41  ASN B ND2 1 
ATOM   869  N N   . SER B 1 20 ? 3.472   10.819  12.694  1.00 16.28 ? 42  SER B N   1 
ATOM   870  C CA  . SER B 1 20 ? 3.115   9.626   13.436  1.00 17.71 ? 42  SER B CA  1 
ATOM   871  C C   . SER B 1 20 ? 2.003   9.943   14.435  1.00 16.48 ? 42  SER B C   1 
ATOM   872  O O   . SER B 1 20 ? 1.945   11.028  15.001  1.00 17.84 ? 42  SER B O   1 
ATOM   873  C CB  . SER B 1 20 ? 4.328   9.081   14.163  1.00 19.91 ? 42  SER B CB  1 
ATOM   874  O OG  . SER B 1 20 ? 4.521   9.804   15.358  1.00 32.32 ? 42  SER B OG  1 
ATOM   875  N N   . ILE B 1 21 ? 1.111   8.990   14.626  1.00 12.04 ? 43  ILE B N   1 
ATOM   876  C CA  . ILE B 1 21 ? -0.022  9.161   15.505  1.00 12.68 ? 43  ILE B CA  1 
ATOM   877  C C   . ILE B 1 21 ? -0.137  7.909   16.362  1.00 18.03 ? 43  ILE B C   1 
ATOM   878  O O   . ILE B 1 21 ? -0.049  6.802   15.838  1.00 11.85 ? 43  ILE B O   1 
ATOM   879  C CB  . ILE B 1 21 ? -1.308  9.355   14.693  1.00 16.34 ? 43  ILE B CB  1 
ATOM   880  C CG1 . ILE B 1 21 ? -1.240  10.666  13.899  1.00 16.98 ? 43  ILE B CG1 1 
ATOM   881  C CG2 . ILE B 1 21 ? -2.524  9.349   15.610  1.00 17.14 ? 43  ILE B CG2 1 
ATOM   882  C CD1 . ILE B 1 21 ? -2.434  10.894  12.999  1.00 20.89 ? 43  ILE B CD1 1 
ATOM   883  N N   . LEU B 1 22 ? -0.301  8.095   17.675  1.00 12.00 ? 44  LEU B N   1 
ATOM   884  C CA  . LEU B 1 22 ? -0.411  6.993   18.632  1.00 15.08 ? 44  LEU B CA  1 
ATOM   885  C C   . LEU B 1 22 ? -1.875  6.633   18.784  1.00 14.71 ? 44  LEU B C   1 
ATOM   886  O O   . LEU B 1 22 ? -2.706  7.507   19.038  1.00 14.08 ? 44  LEU B O   1 
ATOM   887  C CB  . LEU B 1 22 ? 0.129   7.426   20.003  1.00 16.00 ? 44  LEU B CB  1 
ATOM   888  C CG  . LEU B 1 22 ? 0.779   6.412   20.961  1.00 20.11 ? 44  LEU B CG  1 
ATOM   889  C CD1 . LEU B 1 22 ? 0.542   6.804   22.414  1.00 23.97 ? 44  LEU B CD1 1 
ATOM   890  C CD2 . LEU B 1 22 ? 0.365   4.955   20.715  1.00 19.65 ? 44  LEU B CD2 1 
ATOM   891  N N   . TYR B 1 23 ? -2.198  5.355   18.630  1.00 10.72 ? 45  TYR B N   1 
ATOM   892  C CA  . TYR B 1 23 ? -3.557  4.889   18.873  1.00 11.78 ? 45  TYR B CA  1 
ATOM   893  C C   . TYR B 1 23 ? -3.587  3.993   20.110  1.00 14.23 ? 45  TYR B C   1 
ATOM   894  O O   . TYR B 1 23 ? -2.557  3.462   20.524  1.00 13.74 ? 45  TYR B O   1 
ATOM   895  C CB  . TYR B 1 23 ? -4.104  4.138   17.656  1.00 12.59 ? 45  TYR B CB  1 
ATOM   896  C CG  . TYR B 1 23 ? -4.300  5.016   16.443  1.00 12.16 ? 45  TYR B CG  1 
ATOM   897  C CD1 . TYR B 1 23 ? -3.220  5.398   15.661  1.00 11.26 ? 45  TYR B CD1 1 
ATOM   898  C CD2 . TYR B 1 23 ? -5.562  5.463   16.078  1.00 11.37 ? 45  TYR B CD2 1 
ATOM   899  C CE1 . TYR B 1 23 ? -3.388  6.210   14.545  1.00 13.03 ? 45  TYR B CE1 1 
ATOM   900  C CE2 . TYR B 1 23 ? -5.740  6.276   14.977  1.00 11.74 ? 45  TYR B CE2 1 
ATOM   901  C CZ  . TYR B 1 23 ? -4.649  6.636   14.205  1.00 13.82 ? 45  TYR B CZ  1 
ATOM   902  O OH  . TYR B 1 23 ? -4.811  7.441   13.100  1.00 16.35 ? 45  TYR B OH  1 
ATOM   903  N N   . LYS B 1 24 ? -4.761  3.835   20.713  1.00 11.52 ? 46  LYS B N   1 
ATOM   904  C CA  . LYS B 1 24 ? -4.912  2.846   21.770  1.00 15.08 ? 46  LYS B CA  1 
ATOM   905  C C   . LYS B 1 24 ? -6.088  1.964   21.415  1.00 14.43 ? 46  LYS B C   1 
ATOM   906  O O   . LYS B 1 24 ? -7.190  2.452   21.179  1.00 15.36 ? 46  LYS B O   1 
ATOM   907  C CB  . LYS B 1 24 ? -5.107  3.501   23.135  1.00 15.35 ? 46  LYS B CB  1 
ATOM   908  C CG  . LYS B 1 24 ? -4.622  2.655   24.310  1.00 28.03 ? 46  LYS B CG  1 
ATOM   909  C CD  . LYS B 1 24 ? -4.011  3.540   25.395  1.00 31.79 ? 46  LYS B CD  1 
ATOM   910  C CE  . LYS B 1 24 ? -3.199  2.724   26.403  1.00 34.15 ? 46  LYS B CE  1 
ATOM   911  N NZ  . LYS B 1 24 ? -4.037  2.052   27.443  1.00 36.20 ? 46  LYS B NZ  1 
ATOM   912  N N   . CYS B 1 25 ? -5.829  0.666   21.333  1.00 15.34 ? 47  CYS B N   1 
ATOM   913  C CA  . CYS B 1 25 ? -6.845  -0.312  20.979  1.00 15.63 ? 47  CYS B CA  1 
ATOM   914  C C   . CYS B 1 25 ? -7.192  -1.114  22.228  1.00 17.13 ? 47  CYS B C   1 
ATOM   915  O O   . CYS B 1 25 ? -6.546  -2.111  22.543  1.00 14.46 ? 47  CYS B O   1 
ATOM   916  C CB  . CYS B 1 25 ? -6.325  -1.222  19.867  1.00 11.19 ? 47  CYS B CB  1 
ATOM   917  S SG  . CYS B 1 25 ? -5.733  -0.286  18.405  1.00 26.37 ? 47  CYS B SG  1 
ATOM   918  N N   . GLY B 1 26 ? -8.219  -0.661  22.941  1.00 15.80 ? 48  GLY B N   1 
ATOM   919  C CA  . GLY B 1 26 ? -8.483  -1.153  24.278  1.00 14.67 ? 48  GLY B CA  1 
ATOM   920  C C   . GLY B 1 26 ? -7.307  -0.742  25.137  1.00 17.24 ? 48  GLY B C   1 
ATOM   921  O O   . GLY B 1 26 ? -7.059  0.447   25.343  1.00 13.55 ? 48  GLY B O   1 
ATOM   922  N N   . ALA B 1 27 ? -6.550  -1.727  25.603  1.00 17.40 ? 49  ALA B N   1 
ATOM   923  C CA  . ALA B 1 27 ? -5.426  -1.458  26.486  1.00 19.19 ? 49  ALA B CA  1 
ATOM   924  C C   . ALA B 1 27 ? -4.095  -1.486  25.749  1.00 21.08 ? 49  ALA B C   1 
ATOM   925  O O   . ALA B 1 27 ? -3.041  -1.293  26.357  1.00 22.37 ? 49  ALA B O   1 
ATOM   926  C CB  . ALA B 1 27 ? -5.411  -2.460  27.620  1.00 20.99 ? 49  ALA B CB  1 
ATOM   927  N N   . LYS B 1 28 ? -4.132  -1.718  24.441  1.00 20.54 ? 50  LYS B N   1 
ATOM   928  C CA  . LYS B 1 28 ? -2.891  -1.915  23.691  1.00 19.57 ? 50  LYS B CA  1 
ATOM   929  C C   . LYS B 1 28 ? -2.514  -0.693  22.869  1.00 21.51 ? 50  LYS B C   1 
ATOM   930  O O   . LYS B 1 28 ? -3.376  -0.046  22.281  1.00 22.15 ? 50  LYS B O   1 
ATOM   931  C CB  . LYS B 1 28 ? -2.994  -3.154  22.804  1.00 19.86 ? 50  LYS B CB  1 
ATOM   932  C CG  . LYS B 1 28 ? -3.128  -4.444  23.589  1.00 19.43 ? 50  LYS B CG  1 
ATOM   933  C CD  . LYS B 1 28 ? -3.343  -5.621  22.669  1.00 21.87 ? 50  LYS B CD  1 
ATOM   934  C CE  . LYS B 1 28 ? -3.553  -6.885  23.468  1.00 28.63 ? 50  LYS B CE  1 
ATOM   935  N NZ  . LYS B 1 28 ? -3.813  -8.049  22.589  1.00 38.71 ? 50  LYS B NZ  1 
ATOM   936  N N   . ASP B 1 29 ? -1.227  -0.368  22.852  1.00 17.10 ? 51  ASP B N   1 
ATOM   937  C CA  . ASP B 1 29 ? -0.749  0.767   22.075  1.00 21.67 ? 51  ASP B CA  1 
ATOM   938  C C   . ASP B 1 29 ? -0.475  0.357   20.639  1.00 17.57 ? 51  ASP B C   1 
ATOM   939  O O   . ASP B 1 29 ? -0.179  -0.802  20.360  1.00 15.66 ? 51  ASP B O   1 
ATOM   940  C CB  . ASP B 1 29 ? 0.507   1.370   22.701  1.00 24.32 ? 51  ASP B CB  1 
ATOM   941  C CG  . ASP B 1 29 ? 0.186   2.324   23.826  1.00 32.58 ? 51  ASP B CG  1 
ATOM   942  O OD1 . ASP B 1 29 ? -0.992  2.366   24.237  1.00 32.81 ? 51  ASP B OD1 1 
ATOM   943  O OD2 . ASP B 1 29 ? 1.101   3.029   24.302  1.00 34.66 ? 51  ASP B OD2 1 
ATOM   944  N N   . LEU B 1 30 ? -0.588  1.313   19.730  1.00 17.17 ? 52  LEU B N   1 
ATOM   945  C CA  . LEU B 1 30 ? -0.344  1.072   18.317  1.00 16.25 ? 52  LEU B CA  1 
ATOM   946  C C   . LEU B 1 30 ? 0.036   2.383   17.661  1.00 16.46 ? 52  LEU B C   1 
ATOM   947  O O   . LEU B 1 30 ? -0.761  3.326   17.627  1.00 18.52 ? 52  LEU B O   1 
ATOM   948  C CB  . LEU B 1 30 ? -1.585  0.486   17.641  1.00 14.01 ? 52  LEU B CB  1 
ATOM   949  C CG  . LEU B 1 30 ? -1.555  0.407   16.116  1.00 19.19 ? 52  LEU B CG  1 
ATOM   950  C CD1 . LEU B 1 30 ? -0.285  -0.296  15.677  1.00 22.72 ? 52  LEU B CD1 1 
ATOM   951  C CD2 . LEU B 1 30 ? -2.790  -0.314  15.580  1.00 16.09 ? 52  LEU B CD2 1 
ATOM   952  N N   . SER B 1 31 ? 1.262   2.433   17.151  1.00 18.43 ? 53  SER B N   1 
ATOM   953  C CA  . SER B 1 31 ? 1.776   3.608   16.467  1.00 16.51 ? 53  SER B CA  1 
ATOM   954  C C   . SER B 1 31 ? 1.626   3.448   14.969  1.00 15.33 ? 53  SER B C   1 
ATOM   955  O O   . SER B 1 31 ? 1.998   2.425   14.407  1.00 14.79 ? 53  SER B O   1 
ATOM   956  C CB  . SER B 1 31 ? 3.250   3.802   16.790  1.00 14.13 ? 53  SER B CB  1 
ATOM   957  O OG  . SER B 1 31 ? 3.456   3.769   18.185  1.00 27.26 ? 53  SER B OG  1 
ATOM   958  N N   . VAL B 1 32 ? 1.086   4.475   14.329  1.00 12.04 ? 54  VAL B N   1 
ATOM   959  C CA  . VAL B 1 32 ? 0.967   4.504   12.888  1.00 11.04 ? 54  VAL B CA  1 
ATOM   960  C C   . VAL B 1 32 ? 1.679   5.750   12.371  1.00 14.63 ? 54  VAL B C   1 
ATOM   961  O O   . VAL B 1 32 ? 1.424   6.860   12.850  1.00 13.10 ? 54  VAL B O   1 
ATOM   962  C CB  . VAL B 1 32 ? -0.503  4.586   12.470  1.00 11.43 ? 54  VAL B CB  1 
ATOM   963  C CG1 . VAL B 1 32 ? -0.635  4.510   10.955  1.00 7.47  ? 54  VAL B CG1 1 
ATOM   964  C CG2 . VAL B 1 32 ? -1.319  3.503   13.180  1.00 11.60 ? 54  VAL B CG2 1 
ATOM   965  N N   . THR B 1 33 ? 2.590   5.571   11.422  1.00 8.78  ? 55  THR B N   1 
ATOM   966  C CA  . THR B 1 33 ? 3.188   6.711   10.748  1.00 9.49  ? 55  THR B CA  1 
ATOM   967  C C   . THR B 1 33 ? 2.572   6.837   9.360   1.00 11.43 ? 55  THR B C   1 
ATOM   968  O O   . THR B 1 33 ? 2.522   5.867   8.608   1.00 8.62  ? 55  THR B O   1 
ATOM   969  C CB  . THR B 1 33 ? 4.691   6.546   10.608  1.00 9.73  ? 55  THR B CB  1 
ATOM   970  O OG1 . THR B 1 33 ? 5.258   6.297   11.895  1.00 8.78  ? 55  THR B OG1 1 
ATOM   971  C CG2 . THR B 1 33 ? 5.305   7.786   10.018  1.00 6.10  ? 55  THR B CG2 1 
ATOM   972  N N   . TYR B 1 34 ? 2.087   8.030   9.030   1.00 9.23  ? 56  TYR B N   1 
ATOM   973  C CA  . TYR B 1 34 ? 1.486   8.253   7.733   1.00 12.59 ? 56  TYR B CA  1 
ATOM   974  C C   . TYR B 1 34 ? 2.459   9.030   6.845   1.00 11.77 ? 56  TYR B C   1 
ATOM   975  O O   . TYR B 1 34 ? 3.159   9.923   7.308   1.00 9.68  ? 56  TYR B O   1 
ATOM   976  C CB  . TYR B 1 34 ? 0.169   9.004   7.865   1.00 11.07 ? 56  TYR B CB  1 
ATOM   977  C CG  . TYR B 1 34 ? -0.925  8.278   8.629   1.00 9.91  ? 56  TYR B CG  1 
ATOM   978  C CD1 . TYR B 1 34 ? -1.762  7.367   7.993   1.00 9.87  ? 56  TYR B CD1 1 
ATOM   979  C CD2 . TYR B 1 34 ? -1.149  8.539   9.979   1.00 13.40 ? 56  TYR B CD2 1 
ATOM   980  C CE1 . TYR B 1 34 ? -2.782  6.714   8.683   1.00 7.44  ? 56  TYR B CE1 1 
ATOM   981  C CE2 . TYR B 1 34 ? -2.167  7.886   10.686  1.00 8.05  ? 56  TYR B CE2 1 
ATOM   982  C CZ  . TYR B 1 34 ? -2.980  6.986   10.039  1.00 12.90 ? 56  TYR B CZ  1 
ATOM   983  O OH  . TYR B 1 34 ? -3.990  6.352   10.744  1.00 9.39  ? 56  TYR B OH  1 
ATOM   984  N N   . TYR B 1 35 ? 2.524   8.648   5.574   1.00 8.46  ? 57  TYR B N   1 
ATOM   985  C CA  . TYR B 1 35 ? 3.405   9.290   4.611   1.00 10.09 ? 57  TYR B CA  1 
ATOM   986  C C   . TYR B 1 35 ? 2.498   9.747   3.489   1.00 8.66  ? 57  TYR B C   1 
ATOM   987  O O   . TYR B 1 35 ? 1.858   8.924   2.835   1.00 11.07 ? 57  TYR B O   1 
ATOM   988  C CB  . TYR B 1 35 ? 4.465   8.297   4.092   1.00 10.61 ? 57  TYR B CB  1 
ATOM   989  C CG  . TYR B 1 35 ? 5.211   7.568   5.200   1.00 7.90  ? 57  TYR B CG  1 
ATOM   990  C CD1 . TYR B 1 35 ? 4.652   6.454   5.825   1.00 8.46  ? 57  TYR B CD1 1 
ATOM   991  C CD2 . TYR B 1 35 ? 6.467   7.992   5.626   1.00 9.52  ? 57  TYR B CD2 1 
ATOM   992  C CE1 . TYR B 1 35 ? 5.315   5.790   6.836   1.00 8.91  ? 57  TYR B CE1 1 
ATOM   993  C CE2 . TYR B 1 35 ? 7.143   7.323   6.659   1.00 9.90  ? 57  TYR B CE2 1 
ATOM   994  C CZ  . TYR B 1 35 ? 6.559   6.221   7.250   1.00 9.85  ? 57  TYR B CZ  1 
ATOM   995  O OH  . TYR B 1 35 ? 7.194   5.547   8.281   1.00 8.71  ? 57  TYR B OH  1 
ATOM   996  N N   . ASN B 1 36 ? 2.399   11.060  3.301   1.00 10.97 ? 58  ASN B N   1 
ATOM   997  C CA  . ASN B 1 36 ? 1.548   11.616  2.259   1.00 10.32 ? 58  ASN B CA  1 
ATOM   998  C C   . ASN B 1 36 ? 2.352   12.402  1.237   1.00 10.31 ? 58  ASN B C   1 
ATOM   999  O O   . ASN B 1 36 ? 3.212   13.214  1.584   1.00 9.25  ? 58  ASN B O   1 
ATOM   1000 C CB  . ASN B 1 36 ? 0.469   12.523  2.857   1.00 13.95 ? 58  ASN B CB  1 
ATOM   1001 C CG  . ASN B 1 36 ? -0.427  11.798  3.836   1.00 16.63 ? 58  ASN B CG  1 
ATOM   1002 O OD1 . ASN B 1 36 ? -1.369  11.119  3.441   1.00 16.13 ? 58  ASN B OD1 1 
ATOM   1003 N ND2 . ASN B 1 36 ? -0.154  11.967  5.131   1.00 20.07 ? 58  ASN B ND2 1 
ATOM   1004 N N   . ALA B 1 37 ? 2.048   12.161  -0.030  1.00 9.19  ? 59  ALA B N   1 
ATOM   1005 C CA  . ALA B 1 37 ? 2.729   12.825  -1.127  1.00 9.12  ? 59  ALA B CA  1 
ATOM   1006 C C   . ALA B 1 37 ? 1.786   12.834  -2.312  1.00 11.86 ? 59  ALA B C   1 
ATOM   1007 O O   . ALA B 1 37 ? 1.557   11.801  -2.940  1.00 10.46 ? 59  ALA B O   1 
ATOM   1008 C CB  . ALA B 1 37 ? 4.007   12.089  -1.469  1.00 9.12  ? 59  ALA B CB  1 
ATOM   1009 N N   . GLY B 1 38 ? 1.234   13.996  -2.622  1.00 10.73 ? 60  GLY B N   1 
ATOM   1010 C CA  . GLY B 1 38 ? 0.199   14.056  -3.633  1.00 12.29 ? 60  GLY B CA  1 
ATOM   1011 C C   . GLY B 1 38 ? -0.961  13.186  -3.196  1.00 13.90 ? 60  GLY B C   1 
ATOM   1012 O O   . GLY B 1 38 ? -1.397  13.258  -2.049  1.00 13.61 ? 60  GLY B O   1 
ATOM   1013 N N   . ASP B 1 39 ? -1.446  12.339  -4.098  1.00 12.14 ? 61  ASP B N   1 
ATOM   1014 C CA  . ASP B 1 39 ? -2.579  11.481  -3.778  1.00 14.56 ? 61  ASP B CA  1 
ATOM   1015 C C   . ASP B 1 39 ? -2.146  10.184  -3.090  1.00 12.10 ? 61  ASP B C   1 
ATOM   1016 O O   . ASP B 1 39 ? -2.989  9.390   -2.662  1.00 10.98 ? 61  ASP B O   1 
ATOM   1017 C CB  . ASP B 1 39 ? -3.428  11.211  -5.024  1.00 15.10 ? 61  ASP B CB  1 
ATOM   1018 C CG  . ASP B 1 39 ? -4.177  12.460  -5.490  1.00 25.09 ? 61  ASP B CG  1 
ATOM   1019 O OD1 . ASP B 1 39 ? -4.765  13.168  -4.634  1.00 25.40 ? 61  ASP B OD1 1 
ATOM   1020 O OD2 . ASP B 1 39 ? -4.160  12.752  -6.702  1.00 22.38 ? 61  ASP B OD2 1 
ATOM   1021 N N   . ILE B 1 40 ? -0.838  9.990   -2.972  1.00 9.19  ? 62  ILE B N   1 
ATOM   1022 C CA  . ILE B 1 40 ? -0.302  8.804   -2.312  1.00 8.85  ? 62  ILE B CA  1 
ATOM   1023 C C   . ILE B 1 40 ? -0.398  8.956   -0.793  1.00 8.82  ? 62  ILE B C   1 
ATOM   1024 O O   . ILE B 1 40 ? 0.032   9.961   -0.228  1.00 8.40  ? 62  ILE B O   1 
ATOM   1025 C CB  . ILE B 1 40 ? 1.170   8.574   -2.690  1.00 7.67  ? 62  ILE B CB  1 
ATOM   1026 C CG1 . ILE B 1 40 ? 1.336   8.511   -4.216  1.00 7.81  ? 62  ILE B CG1 1 
ATOM   1027 C CG2 . ILE B 1 40 ? 1.703   7.312   -2.022  1.00 7.27  ? 62  ILE B CG2 1 
ATOM   1028 C CD1 . ILE B 1 40 ? 2.737   8.839   -4.660  1.00 5.39  ? 62  ILE B CD1 1 
ATOM   1029 N N   . SER B 1 41 ? -0.972  7.957   -0.133  1.00 7.40  ? 63  SER B N   1 
ATOM   1030 C CA  . SER B 1 41 ? -1.030  7.949   1.320   1.00 8.96  ? 63  SER B CA  1 
ATOM   1031 C C   . SER B 1 41 ? -0.686  6.546   1.801   1.00 7.26  ? 63  SER B C   1 
ATOM   1032 O O   . SER B 1 41 ? -1.419  5.585   1.525   1.00 5.87  ? 63  SER B O   1 
ATOM   1033 C CB  . SER B 1 41 ? -2.406  8.405   1.818   1.00 8.89  ? 63  SER B CB  1 
ATOM   1034 O OG  . SER B 1 41 ? -2.427  8.527   3.224   1.00 14.80 ? 63  SER B OG  1 
ATOM   1035 N N   . LEU B 1 42 ? 0.442   6.435   2.495   1.00 3.78  ? 64  LEU B N   1 
ATOM   1036 C CA  . LEU B 1 42 ? 0.874   5.152   3.036   1.00 6.26  ? 64  LEU B CA  1 
ATOM   1037 C C   . LEU B 1 42 ? 0.793   5.184   4.562   1.00 10.75 ? 64  LEU B C   1 
ATOM   1038 O O   . LEU B 1 42 ? 0.890   6.256   5.174   1.00 9.99  ? 64  LEU B O   1 
ATOM   1039 C CB  . LEU B 1 42 ? 2.296   4.824   2.572   1.00 5.85  ? 64  LEU B CB  1 
ATOM   1040 C CG  . LEU B 1 42 ? 2.514   4.851   1.051   1.00 4.84  ? 64  LEU B CG  1 
ATOM   1041 C CD1 . LEU B 1 42 ? 3.975   4.583   0.702   1.00 4.96  ? 64  LEU B CD1 1 
ATOM   1042 C CD2 . LEU B 1 42 ? 1.579   3.883   0.332   1.00 2.77  ? 64  LEU B CD2 1 
ATOM   1043 N N   . ALA B 1 43 ? 0.608   4.013   5.173   1.00 7.49  ? 65  ALA B N   1 
ATOM   1044 C CA  . ALA B 1 43 ? 0.530   3.902   6.628   1.00 9.39  ? 65  ALA B CA  1 
ATOM   1045 C C   . ALA B 1 43 ? 1.408   2.773   7.160   1.00 6.35  ? 65  ALA B C   1 
ATOM   1046 O O   . ALA B 1 43 ? 1.158   1.606   6.894   1.00 5.80  ? 65  ALA B O   1 
ATOM   1047 C CB  . ALA B 1 43 ? -0.904  3.698   7.059   1.00 7.00  ? 65  ALA B CB  1 
ATOM   1048 N N   . LYS B 1 44 ? 2.456   3.113   7.894   1.00 6.30  ? 66  LYS B N   1 
ATOM   1049 C CA  . LYS B 1 44 ? 3.197   2.060   8.562   1.00 6.75  ? 66  LYS B CA  1 
ATOM   1050 C C   . LYS B 1 44 ? 2.538   1.754   9.906   1.00 9.23  ? 66  LYS B C   1 
ATOM   1051 O O   . LYS B 1 44 ? 2.444   2.626   10.767  1.00 10.62 ? 66  LYS B O   1 
ATOM   1052 C CB  . LYS B 1 44 ? 4.657   2.426   8.770   1.00 8.41  ? 66  LYS B CB  1 
ATOM   1053 C CG  . LYS B 1 44 ? 5.379   1.395   9.619   1.00 12.05 ? 66  LYS B CG  1 
ATOM   1054 C CD  . LYS B 1 44 ? 6.820   1.773   9.872   1.00 11.84 ? 66  LYS B CD  1 
ATOM   1055 C CE  . LYS B 1 44 ? 6.955   3.019   10.728  1.00 17.40 ? 66  LYS B CE  1 
ATOM   1056 N NZ  . LYS B 1 44 ? 8.393   3.364   10.941  1.00 19.60 ? 66  LYS B NZ  1 
ATOM   1057 N N   . LEU B 1 45 ? 2.074   0.516   10.071  1.00 8.64  ? 67  LEU B N   1 
ATOM   1058 C CA  . LEU B 1 45 ? 1.437   0.100   11.313  1.00 11.68 ? 67  LEU B CA  1 
ATOM   1059 C C   . LEU B 1 45 ? 2.408   -0.749  12.101  1.00 10.42 ? 67  LEU B C   1 
ATOM   1060 O O   . LEU B 1 45 ? 2.758   -1.857  11.675  1.00 9.54  ? 67  LEU B O   1 
ATOM   1061 C CB  . LEU B 1 45 ? 0.183   -0.719  11.026  1.00 10.03 ? 67  LEU B CB  1 
ATOM   1062 C CG  . LEU B 1 45 ? -0.654  -0.212  9.857   1.00 12.95 ? 67  LEU B CG  1 
ATOM   1063 C CD1 . LEU B 1 45 ? -1.783  -1.168  9.556   1.00 20.27 ? 67  LEU B CD1 1 
ATOM   1064 C CD2 . LEU B 1 45 ? -1.208  1.117   10.211  1.00 13.36 ? 67  LEU B CD2 1 
ATOM   1065 N N   . GLU B 1 46 ? 2.854   -0.227  13.237  1.00 11.80 ? 68  GLU B N   1 
ATOM   1066 C CA  . GLU B 1 46 ? 3.716   -0.985  14.125  1.00 14.41 ? 68  GLU B CA  1 
ATOM   1067 C C   . GLU B 1 46 ? 2.859   -1.732  15.124  1.00 15.80 ? 68  GLU B C   1 
ATOM   1068 O O   . GLU B 1 46 ? 2.652   -1.252  16.230  1.00 17.12 ? 68  GLU B O   1 
ATOM   1069 C CB  . GLU B 1 46 ? 4.680   -0.070  14.876  1.00 15.83 ? 68  GLU B CB  1 
ATOM   1070 C CG  . GLU B 1 46 ? 5.701   0.629   13.985  1.00 21.31 ? 68  GLU B CG  1 
ATOM   1071 C CD  . GLU B 1 46 ? 6.549   1.637   14.748  1.00 34.91 ? 68  GLU B CD  1 
ATOM   1072 O OE1 . GLU B 1 46 ? 6.792   1.429   15.958  1.00 41.23 ? 68  GLU B OE1 1 
ATOM   1073 O OE2 . GLU B 1 46 ? 6.964   2.646   14.142  1.00 39.01 ? 68  GLU B OE2 1 
ATOM   1074 N N   . LEU B 1 47 ? 2.359   -2.899  14.731  1.00 12.01 ? 69  LEU B N   1 
ATOM   1075 C CA  . LEU B 1 47 ? 1.520   -3.707  15.609  1.00 14.82 ? 69  LEU B CA  1 
ATOM   1076 C C   . LEU B 1 47 ? 2.378   -4.449  16.633  1.00 14.95 ? 69  LEU B C   1 
ATOM   1077 O O   . LEU B 1 47 ? 3.611   -4.452  16.542  1.00 13.20 ? 69  LEU B O   1 
ATOM   1078 C CB  . LEU B 1 47 ? 0.713   -4.707  14.784  1.00 14.82 ? 69  LEU B CB  1 
ATOM   1079 C CG  . LEU B 1 47 ? 0.040   -4.122  13.537  1.00 15.73 ? 69  LEU B CG  1 
ATOM   1080 C CD1 . LEU B 1 47 ? -0.464  -5.215  12.635  1.00 14.38 ? 69  LEU B CD1 1 
ATOM   1081 C CD2 . LEU B 1 47 ? -1.104  -3.235  13.936  1.00 21.16 ? 69  LEU B CD2 1 
ATOM   1082 N N   . GLU B 1 48 ? 1.716   -5.078  17.598  1.00 19.26 ? 70  GLU B N   1 
ATOM   1083 C CA  . GLU B 1 48 ? 2.397   -5.786  18.684  1.00 20.11 ? 70  GLU B CA  1 
ATOM   1084 C C   . GLU B 1 48 ? 3.554   -6.652  18.237  1.00 19.68 ? 70  GLU B C   1 
ATOM   1085 O O   . GLU B 1 48 ? 4.664   -6.526  18.751  1.00 21.04 ? 70  GLU B O   1 
ATOM   1086 C CB  . GLU B 1 48 ? 1.412   -6.666  19.451  1.00 26.66 ? 70  GLU B CB  1 
ATOM   1087 C CG  . GLU B 1 48 ? 0.712   -5.960  20.569  1.00 34.67 ? 70  GLU B CG  1 
ATOM   1088 C CD  . GLU B 1 48 ? 0.321   -6.913  21.669  1.00 43.75 ? 70  GLU B CD  1 
ATOM   1089 O OE1 . GLU B 1 48 ? 1.003   -6.920  22.720  1.00 44.46 ? 70  GLU B OE1 1 
ATOM   1090 O OE2 . GLU B 1 48 ? -0.660  -7.660  21.472  1.00 43.82 ? 70  GLU B OE2 1 
ATOM   1091 N N   . ASP B 1 49 ? 3.292   -7.521  17.267  1.00 16.16 ? 71  ASP B N   1 
ATOM   1092 C CA  . ASP B 1 49 ? 4.254   -8.543  16.887  1.00 18.59 ? 71  ASP B CA  1 
ATOM   1093 C C   . ASP B 1 49 ? 4.794   -8.403  15.481  1.00 15.34 ? 71  ASP B C   1 
ATOM   1094 O O   . ASP B 1 49 ? 5.508   -9.278  15.019  1.00 14.09 ? 71  ASP B O   1 
ATOM   1095 C CB  . ASP B 1 49 ? 3.629   -9.929  17.030  1.00 16.41 ? 71  ASP B CB  1 
ATOM   1096 C CG  . ASP B 1 49 ? 3.324   -10.268 18.463  1.00 26.51 ? 71  ASP B CG  1 
ATOM   1097 O OD1 . ASP B 1 49 ? 4.224   -10.064 19.312  1.00 21.92 ? 71  ASP B OD1 1 
ATOM   1098 O OD2 . ASP B 1 49 ? 2.184   -10.709 18.740  1.00 25.96 ? 71  ASP B OD2 1 
ATOM   1099 N N   . GLU B 1 50 ? 4.458   -7.313  14.801  1.00 12.77 ? 72  GLU B N   1 
ATOM   1100 C CA  . GLU B 1 50 ? 4.796   -7.185  13.394  1.00 13.32 ? 72  GLU B CA  1 
ATOM   1101 C C   . GLU B 1 50 ? 4.624   -5.749  12.920  1.00 14.22 ? 72  GLU B C   1 
ATOM   1102 O O   . GLU B 1 50 ? 3.858   -4.975  13.508  1.00 13.51 ? 72  GLU B O   1 
ATOM   1103 C CB  . GLU B 1 50 ? 3.892   -8.111  12.580  1.00 14.50 ? 72  GLU B CB  1 
ATOM   1104 C CG  . GLU B 1 50 ? 2.424   -7.861  12.872  1.00 14.05 ? 72  GLU B CG  1 
ATOM   1105 C CD  . GLU B 1 50 ? 1.549   -9.065  12.610  1.00 10.95 ? 72  GLU B CD  1 
ATOM   1106 O OE1 . GLU B 1 50 ? 1.804   -9.791  11.641  1.00 16.09 ? 72  GLU B OE1 1 
ATOM   1107 O OE2 . GLU B 1 50 ? 0.605   -9.299  13.387  1.00 20.33 ? 72  GLU B OE2 1 
ATOM   1108 N N   . THR B 1 51 ? 5.357   -5.404  11.864  1.00 12.23 ? 73  THR B N   1 
ATOM   1109 C CA  . THR B 1 51 ? 5.242   -4.105  11.207  1.00 10.96 ? 73  THR B CA  1 
ATOM   1110 C C   . THR B 1 51 ? 4.834   -4.292  9.761   1.00 9.31  ? 73  THR B C   1 
ATOM   1111 O O   . THR B 1 51 ? 5.429   -5.084  9.027   1.00 8.02  ? 73  THR B O   1 
ATOM   1112 C CB  . THR B 1 51 ? 6.561   -3.331  11.236  1.00 14.31 ? 73  THR B CB  1 
ATOM   1113 O OG1 . THR B 1 51 ? 6.974   -3.157  12.592  1.00 14.92 ? 73  THR B OG1 1 
ATOM   1114 C CG2 . THR B 1 51 ? 6.398   -1.953  10.582  1.00 5.76  ? 73  THR B CG2 1 
ATOM   1115 N N   . VAL B 1 52 ? 3.800   -3.566  9.358   1.00 10.21 ? 74  VAL B N   1 
ATOM   1116 C CA  . VAL B 1 52 ? 3.300   -3.644  7.995   1.00 8.07  ? 74  VAL B CA  1 
ATOM   1117 C C   . VAL B 1 52 ? 3.101   -2.255  7.402   1.00 6.87  ? 74  VAL B C   1 
ATOM   1118 O O   . VAL B 1 52 ? 2.967   -1.267  8.130   1.00 6.07  ? 74  VAL B O   1 
ATOM   1119 C CB  . VAL B 1 52 ? 1.964   -4.389  7.933   1.00 8.87  ? 74  VAL B CB  1 
ATOM   1120 C CG1 . VAL B 1 52 ? 2.118   -5.791  8.506   1.00 9.60  ? 74  VAL B CG1 1 
ATOM   1121 C CG2 . VAL B 1 52 ? 0.918   -3.622  8.709   1.00 10.59 ? 74  VAL B CG2 1 
ATOM   1122 N N   . VAL B 1 53 ? 3.099   -2.183  6.075   1.00 3.66  ? 75  VAL B N   1 
ATOM   1123 C CA  . VAL B 1 53 ? 2.840   -0.929  5.390   1.00 4.29  ? 75  VAL B CA  1 
ATOM   1124 C C   . VAL B 1 53 ? 1.661   -1.104  4.467   1.00 5.83  ? 75  VAL B C   1 
ATOM   1125 O O   . VAL B 1 53 ? 1.650   -1.989  3.594   1.00 4.64  ? 75  VAL B O   1 
ATOM   1126 C CB  . VAL B 1 53 ? 4.046   -0.442  4.592   1.00 5.52  ? 75  VAL B CB  1 
ATOM   1127 C CG1 . VAL B 1 53 ? 3.728   0.907   3.935   1.00 5.63  ? 75  VAL B CG1 1 
ATOM   1128 C CG2 . VAL B 1 53 ? 5.254   -0.323  5.513   1.00 7.80  ? 75  VAL B CG2 1 
ATOM   1129 N N   . ALA B 1 54 ? 0.660   -0.263  4.677   1.00 4.27  ? 76  ALA B N   1 
ATOM   1130 C CA  . ALA B 1 54 ? -0.560  -0.333  3.908   1.00 4.83  ? 76  ALA B CA  1 
ATOM   1131 C C   . ALA B 1 54 ? -0.645  0.902   3.043   1.00 5.57  ? 76  ALA B C   1 
ATOM   1132 O O   . ALA B 1 54 ? -0.050  1.926   3.368   1.00 4.58  ? 76  ALA B O   1 
ATOM   1133 C CB  . ALA B 1 54 ? -1.742  -0.399  4.834   1.00 4.68  ? 76  ALA B CB  1 
ATOM   1134 N N   . SER B 1 55 ? -1.388  0.813   1.948   1.00 3.85  ? 77  SER B N   1 
ATOM   1135 C CA  . SER B 1 55 ? -1.613  1.979   1.107   1.00 4.50  ? 77  SER B CA  1 
ATOM   1136 C C   . SER B 1 55 ? -3.075  2.388   1.134   1.00 5.63  ? 77  SER B C   1 
ATOM   1137 O O   . SER B 1 55 ? -3.975  1.537   1.171   1.00 5.25  ? 77  SER B O   1 
ATOM   1138 C CB  . SER B 1 55 ? -1.202  1.688   -0.338  1.00 7.02  ? 77  SER B CB  1 
ATOM   1139 O OG  . SER B 1 55 ? -1.281  2.868   -1.121  1.00 7.19  ? 77  SER B OG  1 
ATOM   1140 N N   . ASN B 1 56 ? -3.310  3.692   1.098   1.00 3.96  ? 78  ASN B N   1 
ATOM   1141 C CA  . ASN B 1 56 ? -4.665  4.210   1.020   1.00 7.32  ? 78  ASN B CA  1 
ATOM   1142 C C   . ASN B 1 56 ? -5.345  3.719   -0.246  1.00 7.11  ? 78  ASN B C   1 
ATOM   1143 O O   . ASN B 1 56 ? -4.761  3.776   -1.332  1.00 7.93  ? 78  ASN B O   1 
ATOM   1144 C CB  . ASN B 1 56 ? -4.646  5.748   1.088   1.00 8.22  ? 78  ASN B CB  1 
ATOM   1145 C CG  . ASN B 1 56 ? -6.030  6.375   0.902   1.00 8.08  ? 78  ASN B CG  1 
ATOM   1146 O OD1 . ASN B 1 56 ? -6.280  7.052   -0.087  1.00 15.62 ? 78  ASN B OD1 1 
ATOM   1147 N ND2 . ASN B 1 56 ? -6.924  6.151   1.855   1.00 9.21  ? 78  ASN B ND2 1 
ATOM   1148 N N   . VAL B 1 57 ? -6.563  3.213   -0.095  1.00 7.09  ? 79  VAL B N   1 
ATOM   1149 C CA  . VAL B 1 57 ? -7.321  2.643   -1.208  1.00 6.64  ? 79  VAL B CA  1 
ATOM   1150 C C   . VAL B 1 57 ? -8.745  3.183   -1.196  1.00 10.31 ? 79  VAL B C   1 
ATOM   1151 O O   . VAL B 1 57 ? -9.219  3.656   -0.176  1.00 10.88 ? 79  VAL B O   1 
ATOM   1152 C CB  . VAL B 1 57 ? -7.361  1.083   -1.162  1.00 8.41  ? 79  VAL B CB  1 
ATOM   1153 C CG1 . VAL B 1 57 ? -5.961  0.488   -1.413  1.00 6.85  ? 79  VAL B CG1 1 
ATOM   1154 C CG2 . VAL B 1 57 ? -7.945  0.590   0.154   1.00 8.90  ? 79  VAL B CG2 1 
ATOM   1155 N N   . ILE B 1 58 ? -9.428  3.108   -2.330  1.00 9.50  ? 80  ILE B N   1 
ATOM   1156 C CA  . ILE B 1 58 ? -10.746 3.720   -2.478  1.00 13.07 ? 80  ILE B CA  1 
ATOM   1157 C C   . ILE B 1 58 ? -11.778 3.201   -1.469  1.00 15.10 ? 80  ILE B C   1 
ATOM   1158 O O   . ILE B 1 58 ? -11.823 2.009   -1.181  1.00 18.52 ? 80  ILE B O   1 
ATOM   1159 C CB  . ILE B 1 58 ? -11.273 3.541   -3.924  1.00 15.98 ? 80  ILE B CB  1 
ATOM   1160 C CG1 . ILE B 1 58 ? -12.636 4.209   -4.100  1.00 20.76 ? 80  ILE B CG1 1 
ATOM   1161 C CG2 . ILE B 1 58 ? -11.376 2.081   -4.284  1.00 14.82 ? 80  ILE B CG2 1 
ATOM   1162 C CD1 . ILE B 1 58 ? -13.232 3.967   -5.468  1.00 26.03 ? 80  ILE B CD1 1 
ATOM   1163 N N   . SER B 1 59 ? -12.580 4.109   -0.911  1.00 16.56 ? 81  SER B N   1 
ATOM   1164 C CA  . SER B 1 59 ? -13.699 3.744   -0.042  1.00 16.61 ? 81  SER B CA  1 
ATOM   1165 C C   . SER B 1 59 ? -14.795 4.796   -0.115  1.00 23.44 ? 81  SER B C   1 
ATOM   1166 O O   . SER B 1 59 ? -14.565 5.916   -0.574  1.00 19.62 ? 81  SER B O   1 
ATOM   1167 C CB  . SER B 1 59 ? -13.237 3.618   1.406   1.00 17.59 ? 81  SER B CB  1 
ATOM   1168 O OG  . SER B 1 59 ? -12.572 4.805   1.803   1.00 18.04 ? 81  SER B OG  1 
ATOM   1169 N N   . GLY B 1 60 ? -15.985 4.433   0.348   1.00 22.48 ? 82  GLY B N   1 
ATOM   1170 C CA  . GLY B 1 60 ? -17.093 5.372   0.419   1.00 25.37 ? 82  GLY B CA  1 
ATOM   1171 C C   . GLY B 1 60 ? -16.914 6.421   1.505   1.00 26.55 ? 82  GLY B C   1 
ATOM   1172 O O   . GLY B 1 60 ? -17.239 7.599   1.311   1.00 28.29 ? 82  GLY B O   1 
ATOM   1173 N N   . SER B 1 61 ? -16.389 6.005   2.653   1.00 24.83 ? 83  SER B N   1 
ATOM   1174 C CA  . SER B 1 61 ? -16.195 6.931   3.765   1.00 21.04 ? 83  SER B CA  1 
ATOM   1175 C C   . SER B 1 61 ? -14.864 6.710   4.464   1.00 21.63 ? 83  SER B C   1 
ATOM   1176 O O   . SER B 1 61 ? -14.241 5.660   4.313   1.00 22.58 ? 83  SER B O   1 
ATOM   1177 C CB  . SER B 1 61 ? -17.330 6.778   4.766   1.00 20.77 ? 83  SER B CB  1 
ATOM   1178 O OG  . SER B 1 61 ? -17.577 5.404   5.013   1.00 34.10 ? 83  SER B OG  1 
ATOM   1179 N N   . GLY B 1 62 ? -14.438 7.709   5.229   1.00 18.09 ? 84  GLY B N   1 
ATOM   1180 C CA  . GLY B 1 62 ? -13.206 7.632   5.991   1.00 22.04 ? 84  GLY B CA  1 
ATOM   1181 C C   . GLY B 1 62 ? -11.985 7.369   5.134   1.00 20.25 ? 84  GLY B C   1 
ATOM   1182 O O   . GLY B 1 62 ? -12.046 7.472   3.907   1.00 16.04 ? 84  GLY B O   1 
ATOM   1183 N N   . ALA B 1 63 ? -10.874 7.036   5.786   1.00 11.75 ? 85  ALA B N   1 
ATOM   1184 C CA  . ALA B 1 63 ? -9.636  6.727   5.088   1.00 10.33 ? 85  ALA B CA  1 
ATOM   1185 C C   . ALA B 1 63 ? -9.257  5.257   5.279   1.00 12.79 ? 85  ALA B C   1 
ATOM   1186 O O   . ALA B 1 63 ? -8.828  4.857   6.355   1.00 9.21  ? 85  ALA B O   1 
ATOM   1187 C CB  . ALA B 1 63 ? -8.515  7.631   5.565   1.00 9.29  ? 85  ALA B CB  1 
ATOM   1188 N N   . LYS B 1 64 ? -9.408  4.471   4.215   1.00 9.53  ? 86  LYS B N   1 
ATOM   1189 C CA  . LYS B 1 64 ? -9.125  3.040   4.227   1.00 9.78  ? 86  LYS B CA  1 
ATOM   1190 C C   . LYS B 1 64 ? -7.745  2.728   3.647   1.00 7.70  ? 86  LYS B C   1 
ATOM   1191 O O   . LYS B 1 64 ? -7.366  3.254   2.592   1.00 9.29  ? 86  LYS B O   1 
ATOM   1192 C CB  . LYS B 1 64 ? -10.201 2.317   3.424   1.00 9.33  ? 86  LYS B CB  1 
ATOM   1193 C CG  . LYS B 1 64 ? -10.051 0.822   3.339   1.00 12.80 ? 86  LYS B CG  1 
ATOM   1194 C CD  . LYS B 1 64 ? -11.228 0.247   2.572   1.00 15.55 ? 86  LYS B CD  1 
ATOM   1195 C CE  . LYS B 1 64 ? -10.923 -1.147  2.063   1.00 19.72 ? 86  LYS B CE  1 
ATOM   1196 N NZ  . LYS B 1 64 ? -12.027 -1.670  1.206   1.00 27.60 ? 86  LYS B NZ  1 
ATOM   1197 N N   . TYR B 1 65 ? -7.002  1.871   4.340   1.00 7.05  ? 87  TYR B N   1 
ATOM   1198 C CA  . TYR B 1 65 ? -5.657  1.458   3.934   1.00 7.01  ? 87  TYR B CA  1 
ATOM   1199 C C   . TYR B 1 65 ? -5.557  -0.058  3.963   1.00 6.28  ? 87  TYR B C   1 
ATOM   1200 O O   . TYR B 1 65 ? -6.079  -0.681  4.874   1.00 5.77  ? 87  TYR B O   1 
ATOM   1201 C CB  . TYR B 1 65 ? -4.621  1.985   4.904   1.00 6.04  ? 87  TYR B CB  1 
ATOM   1202 C CG  . TYR B 1 65 ? -4.570  3.477   5.040   1.00 10.12 ? 87  TYR B CG  1 
ATOM   1203 C CD1 . TYR B 1 65 ? -5.480  4.147   5.849   1.00 10.36 ? 87  TYR B CD1 1 
ATOM   1204 C CD2 . TYR B 1 65 ? -3.583  4.223   4.395   1.00 8.56  ? 87  TYR B CD2 1 
ATOM   1205 C CE1 . TYR B 1 65 ? -5.433  5.498   5.988   1.00 11.56 ? 87  TYR B CE1 1 
ATOM   1206 C CE2 . TYR B 1 65 ? -3.525  5.590   4.546   1.00 8.15  ? 87  TYR B CE2 1 
ATOM   1207 C CZ  . TYR B 1 65 ? -4.457  6.218   5.342   1.00 10.21 ? 87  TYR B CZ  1 
ATOM   1208 O OH  . TYR B 1 65 ? -4.426  7.582   5.507   1.00 14.15 ? 87  TYR B OH  1 
ATOM   1209 N N   . ALA B 1 66 ? -4.861  -0.634  2.988   1.00 2.76  ? 88  ALA B N   1 
ATOM   1210 C CA  . ALA B 1 66 ? -4.745  -2.082  2.861   1.00 4.74  ? 88  ALA B CA  1 
ATOM   1211 C C   . ALA B 1 66 ? -3.294  -2.433  2.648   1.00 4.39  ? 88  ALA B C   1 
ATOM   1212 O O   . ALA B 1 66 ? -2.585  -1.755  1.902   1.00 5.30  ? 88  ALA B O   1 
ATOM   1213 C CB  . ALA B 1 66 ? -5.568  -2.576  1.693   1.00 4.42  ? 88  ALA B CB  1 
ATOM   1214 N N   . GLY B 1 67 ? -2.853  -3.489  3.306   1.00 4.90  ? 89  GLY B N   1 
ATOM   1215 C CA  . GLY B 1 67 ? -1.466  -3.895  3.274   1.00 4.30  ? 89  GLY B CA  1 
ATOM   1216 C C   . GLY B 1 67 ? -1.398  -5.261  3.913   1.00 6.35  ? 89  GLY B C   1 
ATOM   1217 O O   . GLY B 1 67 ? -1.964  -5.471  4.992   1.00 8.51  ? 89  GLY B O   1 
ATOM   1218 N N   . SER B 1 68 ? -0.754  -6.209  3.238   1.00 5.50  ? 90  SER B N   1 
ATOM   1219 C CA  . SER B 1 68 ? -0.557  -7.534  3.816   1.00 5.15  ? 90  SER B CA  1 
ATOM   1220 C C   . SER B 1 68 ? -1.914  -8.177  4.086   1.00 5.98  ? 90  SER B C   1 
ATOM   1221 O O   . SER B 1 68 ? -2.796  -8.157  3.229   1.00 7.53  ? 90  SER B O   1 
ATOM   1222 C CB  . SER B 1 68 ? 0.287   -7.423  5.096   1.00 7.07  ? 90  SER B CB  1 
ATOM   1223 O OG  . SER B 1 68 ? 0.352   -8.651  5.809   1.00 10.49 ? 90  SER B OG  1 
ATOM   1224 N N   . VAL B 1 69 ? -2.098  -8.719  5.280   1.00 6.28  ? 91  VAL B N   1 
ATOM   1225 C CA  . VAL B 1 69 ? -3.359  -9.365  5.625   1.00 10.11 ? 91  VAL B CA  1 
ATOM   1226 C C   . VAL B 1 69 ? -4.312  -8.425  6.385   1.00 7.12  ? 91  VAL B C   1 
ATOM   1227 O O   . VAL B 1 69 ? -5.318  -8.871  6.931   1.00 10.56 ? 91  VAL B O   1 
ATOM   1228 C CB  . VAL B 1 69 ? -3.115  -10.641 6.467   1.00 9.49  ? 91  VAL B CB  1 
ATOM   1229 C CG1 . VAL B 1 69 ? -2.112  -11.535 5.775   1.00 8.27  ? 91  VAL B CG1 1 
ATOM   1230 C CG2 . VAL B 1 69 ? -2.601  -10.261 7.858   1.00 8.08  ? 91  VAL B CG2 1 
ATOM   1231 N N   . TYR B 1 70 ? -4.011  -7.130  6.385   1.00 6.77  ? 92  TYR B N   1 
ATOM   1232 C CA  . TYR B 1 70 ? -4.763  -6.150  7.177   1.00 8.82  ? 92  TYR B CA  1 
ATOM   1233 C C   . TYR B 1 70 ? -5.542  -5.093  6.387   1.00 11.82 ? 92  TYR B C   1 
ATOM   1234 O O   . TYR B 1 70 ? -5.169  -4.718  5.270   1.00 7.58  ? 92  TYR B O   1 
ATOM   1235 C CB  . TYR B 1 70 ? -3.811  -5.431  8.123   1.00 8.45  ? 92  TYR B CB  1 
ATOM   1236 C CG  . TYR B 1 70 ? -3.207  -6.362  9.136   1.00 10.49 ? 92  TYR B CG  1 
ATOM   1237 C CD1 . TYR B 1 70 ? -3.968  -6.844  10.190  1.00 11.75 ? 92  TYR B CD1 1 
ATOM   1238 C CD2 . TYR B 1 70 ? -1.886  -6.775  9.039   1.00 10.66 ? 92  TYR B CD2 1 
ATOM   1239 C CE1 . TYR B 1 70 ? -3.433  -7.719  11.132  1.00 11.75 ? 92  TYR B CE1 1 
ATOM   1240 C CE2 . TYR B 1 70 ? -1.340  -7.657  9.983   1.00 8.84  ? 92  TYR B CE2 1 
ATOM   1241 C CZ  . TYR B 1 70 ? -2.125  -8.116  11.025  1.00 11.23 ? 92  TYR B CZ  1 
ATOM   1242 O OH  . TYR B 1 70 ? -1.603  -8.977  11.972  1.00 17.48 ? 92  TYR B OH  1 
ATOM   1243 N N   . ILE B 1 71 ? -6.630  -4.621  6.985   1.00 10.49 ? 93  ILE B N   1 
ATOM   1244 C CA  . ILE B 1 71 ? -7.249  -3.376  6.551   1.00 8.64  ? 93  ILE B CA  1 
ATOM   1245 C C   . ILE B 1 71 ? -7.281  -2.430  7.749   1.00 10.98 ? 93  ILE B C   1 
ATOM   1246 O O   . ILE B 1 71 ? -7.677  -2.815  8.860   1.00 10.30 ? 93  ILE B O   1 
ATOM   1247 C CB  . ILE B 1 71 ? -8.664  -3.571  6.000   1.00 8.10  ? 93  ILE B CB  1 
ATOM   1248 C CG1 . ILE B 1 71 ? -8.610  -4.388  4.712   1.00 13.29 ? 93  ILE B CG1 1 
ATOM   1249 C CG2 . ILE B 1 71 ? -9.314  -2.205  5.718   1.00 10.48 ? 93  ILE B CG2 1 
ATOM   1250 C CD1 . ILE B 1 71 ? -9.957  -4.899  4.243   1.00 17.51 ? 93  ILE B CD1 1 
ATOM   1251 N N   . TRP B 1 72 ? -6.825  -1.204  7.520   1.00 8.13  ? 94  TRP B N   1 
ATOM   1252 C CA  . TRP B 1 72 ? -6.786  -0.187  8.551   1.00 8.52  ? 94  TRP B CA  1 
ATOM   1253 C C   . TRP B 1 72 ? -7.667  0.939   8.078   1.00 11.11 ? 94  TRP B C   1 
ATOM   1254 O O   . TRP B 1 72 ? -7.401  1.546   7.052   1.00 11.18 ? 94  TRP B O   1 
ATOM   1255 C CB  . TRP B 1 72 ? -5.358  0.290   8.743   1.00 8.60  ? 94  TRP B CB  1 
ATOM   1256 C CG  . TRP B 1 72 ? -5.173  1.446   9.688   1.00 13.04 ? 94  TRP B CG  1 
ATOM   1257 C CD1 . TRP B 1 72 ? -4.752  2.704   9.365   1.00 12.79 ? 94  TRP B CD1 1 
ATOM   1258 C CD2 . TRP B 1 72 ? -5.357  1.440   11.119  1.00 12.06 ? 94  TRP B CD2 1 
ATOM   1259 N NE1 . TRP B 1 72 ? -4.666  3.482   10.496  1.00 12.59 ? 94  TRP B NE1 1 
ATOM   1260 C CE2 . TRP B 1 72 ? -5.029  2.728   11.588  1.00 10.31 ? 94  TRP B CE2 1 
ATOM   1261 C CE3 . TRP B 1 72 ? -5.764  0.470   12.042  1.00 9.18  ? 94  TRP B CE3 1 
ATOM   1262 C CZ2 . TRP B 1 72 ? -5.106  3.079   12.938  1.00 13.74 ? 94  TRP B CZ2 1 
ATOM   1263 C CZ3 . TRP B 1 72 ? -5.835  0.818   13.400  1.00 13.04 ? 94  TRP B CZ3 1 
ATOM   1264 C CH2 . TRP B 1 72 ? -5.505  2.111   13.827  1.00 13.69 ? 94  TRP B CH2 1 
ATOM   1265 N N   . TRP B 1 73 ? -8.726  1.215   8.826   1.00 11.76 ? 95  TRP B N   1 
ATOM   1266 C CA  . TRP B 1 73 ? -9.748  2.129   8.359   1.00 10.58 ? 95  TRP B CA  1 
ATOM   1267 C C   . TRP B 1 73 ? -10.054 3.173   9.421   1.00 13.19 ? 95  TRP B C   1 
ATOM   1268 O O   . TRP B 1 73 ? -10.648 2.866   10.444  1.00 10.51 ? 95  TRP B O   1 
ATOM   1269 C CB  . TRP B 1 73 ? -11.004 1.328   8.022   1.00 9.87  ? 95  TRP B CB  1 
ATOM   1270 C CG  . TRP B 1 73 ? -11.939 2.043   7.130   1.00 12.43 ? 95  TRP B CG  1 
ATOM   1271 C CD1 . TRP B 1 73 ? -12.062 3.396   6.984   1.00 14.98 ? 95  TRP B CD1 1 
ATOM   1272 C CD2 . TRP B 1 73 ? -12.873 1.457   6.219   1.00 19.05 ? 95  TRP B CD2 1 
ATOM   1273 N NE1 . TRP B 1 73 ? -13.027 3.684   6.052   1.00 12.78 ? 95  TRP B NE1 1 
ATOM   1274 C CE2 . TRP B 1 73 ? -13.541 2.509   5.562   1.00 14.92 ? 95  TRP B CE2 1 
ATOM   1275 C CE3 . TRP B 1 73 ? -13.212 0.139   5.887   1.00 23.91 ? 95  TRP B CE3 1 
ATOM   1276 C CZ2 . TRP B 1 73 ? -14.526 2.292   4.601   1.00 20.38 ? 95  TRP B CZ2 1 
ATOM   1277 C CZ3 . TRP B 1 73 ? -14.195 -0.077  4.929   1.00 25.39 ? 95  TRP B CZ3 1 
ATOM   1278 C CH2 . TRP B 1 73 ? -14.839 0.994   4.302   1.00 21.89 ? 95  TRP B CH2 1 
ATOM   1279 N N   . THR B 1 74 ? -9.646  4.410   9.167   1.00 11.37 ? 96  THR B N   1 
ATOM   1280 C CA  . THR B 1 74 ? -9.876  5.485   10.108  1.00 13.49 ? 96  THR B CA  1 
ATOM   1281 C C   . THR B 1 74 ? -11.111 6.285   9.730   1.00 16.95 ? 96  THR B C   1 
ATOM   1282 O O   . THR B 1 74 ? -11.423 6.450   8.553   1.00 10.78 ? 96  THR B O   1 
ATOM   1283 C CB  . THR B 1 74 ? -8.700  6.468   10.139  1.00 13.09 ? 96  THR B CB  1 
ATOM   1284 O OG1 . THR B 1 74 ? -8.681  7.216   8.914   1.00 11.86 ? 96  THR B OG1 1 
ATOM   1285 C CG2 . THR B 1 74 ? -7.377  5.733   10.337  1.00 11.42 ? 96  THR B CG2 1 
ATOM   1286 N N   . LYS B 1 75 ? -11.802 6.791   10.750  1.00 16.50 ? 97  LYS B N   1 
ATOM   1287 C CA  . LYS B 1 75 ? -12.845 7.789   10.563  1.00 15.81 ? 97  LYS B CA  1 
ATOM   1288 C C   . LYS B 1 75 ? -12.843 8.705   11.778  1.00 19.41 ? 97  LYS B C   1 
ATOM   1289 O O   . LYS B 1 75 ? -13.015 8.251   12.896  1.00 13.60 ? 97  LYS B O   1 
ATOM   1290 C CB  . LYS B 1 75 ? -14.221 7.148   10.392  1.00 18.15 ? 97  LYS B CB  1 
ATOM   1291 C CG  . LYS B 1 75 ? -15.338 8.180   10.241  1.00 34.81 ? 97  LYS B CG  1 
ATOM   1292 C CD  . LYS B 1 75 ? -15.859 8.247   8.806   1.00 34.22 ? 97  LYS B CD  1 
ATOM   1293 C CE  . LYS B 1 75 ? -16.366 9.639   8.448   1.00 38.27 ? 97  LYS B CE  1 
ATOM   1294 N NZ  . LYS B 1 75 ? -15.290 10.529  7.901   1.00 40.87 ? 97  LYS B NZ  1 
ATOM   1295 N N   . GLY B 1 76 ? -12.627 9.992   11.552  1.00 19.46 ? 98  GLY B N   1 
ATOM   1296 C CA  . GLY B 1 76 ? -12.512 10.932  12.647  1.00 16.22 ? 98  GLY B CA  1 
ATOM   1297 C C   . GLY B 1 76 ? -11.416 10.504  13.605  1.00 21.70 ? 98  GLY B C   1 
ATOM   1298 O O   . GLY B 1 76 ? -10.291 10.214  13.192  1.00 19.08 ? 98  GLY B O   1 
ATOM   1299 N N   . LYS B 1 77 ? -11.754 10.446  14.889  1.00 16.85 ? 99  LYS B N   1 
ATOM   1300 C CA  . LYS B 1 77 ? -10.786 10.094  15.919  1.00 20.40 ? 99  LYS B CA  1 
ATOM   1301 C C   . LYS B 1 77 ? -10.674 8.576   16.171  1.00 16.84 ? 99  LYS B C   1 
ATOM   1302 O O   . LYS B 1 77 ? -9.937  8.126   17.060  1.00 15.76 ? 99  LYS B O   1 
ATOM   1303 C CB  . LYS B 1 77 ? -11.128 10.839  17.211  1.00 18.95 ? 99  LYS B CB  1 
ATOM   1304 C CG  . LYS B 1 77 ? -10.625 12.280  17.234  1.00 22.57 ? 99  LYS B CG  1 
ATOM   1305 C CD  . LYS B 1 77 ? -9.098  12.295  17.213  1.00 29.76 ? 99  LYS B CD  1 
ATOM   1306 C CE  . LYS B 1 77 ? -8.519  13.530  17.899  1.00 32.41 ? 99  LYS B CE  1 
ATOM   1307 N NZ  . LYS B 1 77 ? -8.422  14.685  16.959  1.00 31.70 ? 99  LYS B NZ  1 
ATOM   1308 N N   . THR B 1 78 ? -11.413 7.785   15.402  1.00 11.05 ? 100 THR B N   1 
ATOM   1309 C CA  . THR B 1 78 ? -11.436 6.351   15.640  1.00 10.01 ? 100 THR B CA  1 
ATOM   1310 C C   . THR B 1 78 ? -10.814 5.547   14.486  1.00 13.18 ? 100 THR B C   1 
ATOM   1311 O O   . THR B 1 78 ? -10.522 6.091   13.421  1.00 13.54 ? 100 THR B O   1 
ATOM   1312 C CB  . THR B 1 78 ? -12.861 5.864   15.938  1.00 11.21 ? 100 THR B CB  1 
ATOM   1313 O OG1 . THR B 1 78 ? -13.691 6.055   14.793  1.00 16.34 ? 100 THR B OG1 1 
ATOM   1314 C CG2 . THR B 1 78 ? -13.450 6.653   17.083  1.00 12.51 ? 100 THR B CG2 1 
ATOM   1315 N N   . ALA B 1 79 ? -10.606 4.252   14.706  1.00 12.61 ? 101 ALA B N   1 
ATOM   1316 C CA  . ALA B 1 79 ? -10.074 3.395   13.664  1.00 12.18 ? 101 ALA B CA  1 
ATOM   1317 C C   . ALA B 1 79 ? -10.444 1.954   13.924  1.00 15.66 ? 101 ALA B C   1 
ATOM   1318 O O   . ALA B 1 79 ? -10.688 1.552   15.073  1.00 11.69 ? 101 ALA B O   1 
ATOM   1319 C CB  . ALA B 1 79 ? -8.577  3.540   13.571  1.00 12.49 ? 101 ALA B CB  1 
ATOM   1320 N N   . SER B 1 80 ? -10.483 1.182   12.847  1.00 11.08 ? 102 SER B N   1 
ATOM   1321 C CA  . SER B 1 80 ? -10.670 -0.254  12.932  1.00 12.37 ? 102 SER B CA  1 
ATOM   1322 C C   . SER B 1 80 ? -9.524  -0.953  12.216  1.00 14.36 ? 102 SER B C   1 
ATOM   1323 O O   . SER B 1 80 ? -9.052  -0.496  11.166  1.00 11.53 ? 102 SER B O   1 
ATOM   1324 C CB  . SER B 1 80 ? -11.993 -0.642  12.281  1.00 11.72 ? 102 SER B CB  1 
ATOM   1325 O OG  . SER B 1 80 ? -13.004 0.260   12.665  1.00 13.56 ? 102 SER B OG  1 
ATOM   1326 N N   . LEU B 1 81 ? -9.079  -2.056  12.796  1.00 9.66  ? 103 LEU B N   1 
ATOM   1327 C CA  . LEU B 1 81 ? -8.059  -2.895  12.205  1.00 12.79 ? 103 LEU B CA  1 
ATOM   1328 C C   . LEU B 1 81 ? -8.706  -4.225  11.894  1.00 14.82 ? 103 LEU B C   1 
ATOM   1329 O O   . LEU B 1 81 ? -9.230  -4.888  12.791  1.00 13.09 ? 103 LEU B O   1 
ATOM   1330 C CB  . LEU B 1 81 ? -6.904  -3.117  13.178  1.00 9.10  ? 103 LEU B CB  1 
ATOM   1331 C CG  . LEU B 1 81 ? -5.799  -4.031  12.640  1.00 13.96 ? 103 LEU B CG  1 
ATOM   1332 C CD1 . LEU B 1 81 ? -5.177  -3.412  11.390  1.00 9.36  ? 103 LEU B CD1 1 
ATOM   1333 C CD2 . LEU B 1 81 ? -4.744  -4.289  13.717  1.00 10.73 ? 103 LEU B CD2 1 
ATOM   1334 N N   . TYR B 1 82 ? -8.692  -4.601  10.620  1.00 9.21  ? 104 TYR B N   1 
ATOM   1335 C CA  . TYR B 1 82 ? -9.262  -5.863  10.204  1.00 9.49  ? 104 TYR B CA  1 
ATOM   1336 C C   . TYR B 1 82 ? -8.143  -6.820  9.884   1.00 11.53 ? 104 TYR B C   1 
ATOM   1337 O O   . TYR B 1 82 ? -7.157  -6.447  9.248   1.00 10.13 ? 104 TYR B O   1 
ATOM   1338 C CB  . TYR B 1 82 ? -10.112 -5.698  8.954   1.00 10.99 ? 104 TYR B CB  1 
ATOM   1339 C CG  . TYR B 1 82 ? -11.317 -4.823  9.123   1.00 14.53 ? 104 TYR B CG  1 
ATOM   1340 C CD1 . TYR B 1 82 ? -11.195 -3.439  9.121   1.00 11.52 ? 104 TYR B CD1 1 
ATOM   1341 C CD2 . TYR B 1 82 ? -12.582 -5.374  9.256   1.00 16.15 ? 104 TYR B CD2 1 
ATOM   1342 C CE1 . TYR B 1 82 ? -12.297 -2.628  9.264   1.00 13.27 ? 104 TYR B CE1 1 
ATOM   1343 C CE2 . TYR B 1 82 ? -13.698 -4.563  9.406   1.00 15.85 ? 104 TYR B CE2 1 
ATOM   1344 C CZ  . TYR B 1 82 ? -13.545 -3.194  9.406   1.00 14.85 ? 104 TYR B CZ  1 
ATOM   1345 O OH  . TYR B 1 82 ? -14.641 -2.381  9.550   1.00 22.59 ? 104 TYR B OH  1 
ATOM   1346 N N   . ASN B 1 83 ? -8.319  -8.062  10.320  1.00 12.59 ? 105 ASN B N   1 
ATOM   1347 C CA  . ASN B 1 83 ? -7.379  -9.134  10.054  1.00 11.48 ? 105 ASN B CA  1 
ATOM   1348 C C   . ASN B 1 83 ? -8.082  -10.142 9.175   1.00 15.49 ? 105 ASN B C   1 
ATOM   1349 O O   . ASN B 1 83 ? -8.981  -10.848 9.632   1.00 16.24 ? 105 ASN B O   1 
ATOM   1350 C CB  . ASN B 1 83 ? -6.964  -9.779  11.369  1.00 13.42 ? 105 ASN B CB  1 
ATOM   1351 C CG  . ASN B 1 83 ? -5.914  -10.863 11.194  1.00 16.63 ? 105 ASN B CG  1 
ATOM   1352 O OD1 . ASN B 1 83 ? -5.932  -11.613 10.225  1.00 11.56 ? 105 ASN B OD1 1 
ATOM   1353 N ND2 . ASN B 1 83 ? -5.001  -10.956 12.155  1.00 11.85 ? 105 ASN B ND2 1 
ATOM   1354 N N   . LEU B 1 84 ? -7.661  -10.224 7.918   1.00 11.29 ? 106 LEU B N   1 
ATOM   1355 C CA  . LEU B 1 84 ? -8.345  -11.070 6.944   1.00 16.91 ? 106 LEU B CA  1 
ATOM   1356 C C   . LEU B 1 84 ? -7.955  -12.551 7.034   1.00 18.44 ? 106 LEU B C   1 
ATOM   1357 O O   . LEU B 1 84 ? -8.557  -13.391 6.365   1.00 18.54 ? 106 LEU B O   1 
ATOM   1358 C CB  . LEU B 1 84 ? -8.143  -10.542 5.521   1.00 14.34 ? 106 LEU B CB  1 
ATOM   1359 C CG  . LEU B 1 84 ? -8.488  -9.069  5.299   1.00 14.80 ? 106 LEU B CG  1 
ATOM   1360 C CD1 . LEU B 1 84 ? -8.541  -8.733  3.815   1.00 14.84 ? 106 LEU B CD1 1 
ATOM   1361 C CD2 . LEU B 1 84 ? -9.792  -8.702  5.976   1.00 19.40 ? 106 LEU B CD2 1 
ATOM   1362 N N   . ILE B 1 85 ? -6.957  -12.863 7.857   1.00 16.45 ? 107 ILE B N   1 
ATOM   1363 C CA  . ILE B 1 85 ? -6.647  -14.263 8.202   1.00 19.87 ? 107 ILE B CA  1 
ATOM   1364 C C   . ILE B 1 85 ? -7.438  -14.746 9.427   1.00 22.38 ? 107 ILE B C   1 
ATOM   1365 O O   . ILE B 1 85 ? -8.148  -15.749 9.359   1.00 24.53 ? 107 ILE B O   1 
ATOM   1366 C CB  . ILE B 1 85 ? -5.143  -14.471 8.480   1.00 17.64 ? 107 ILE B CB  1 
ATOM   1367 C CG1 . ILE B 1 85 ? -4.346  -14.438 7.172   1.00 18.92 ? 107 ILE B CG1 1 
ATOM   1368 C CG2 . ILE B 1 85 ? -4.912  -15.790 9.198   1.00 23.54 ? 107 ILE B CG2 1 
ATOM   1369 C CD1 . ILE B 1 85 ? -4.914  -15.351 6.083   1.00 16.85 ? 107 ILE B CD1 1 
ATOM   1370 N N   . ASP B 1 86 ? -7.308  -14.026 10.539  1.00 20.72 ? 108 ASP B N   1 
ATOM   1371 C CA  . ASP B 1 86 ? -8.014  -14.350 11.781  1.00 21.94 ? 108 ASP B CA  1 
ATOM   1372 C C   . ASP B 1 86 ? -9.520  -14.179 11.613  1.00 26.06 ? 108 ASP B C   1 
ATOM   1373 O O   . ASP B 1 86 ? -10.309 -14.894 12.214  1.00 27.47 ? 108 ASP B O   1 
ATOM   1374 C CB  . ASP B 1 86 ? -7.530  -13.432 12.902  1.00 30.34 ? 108 ASP B CB  1 
ATOM   1375 C CG  . ASP B 1 86 ? -7.209  -14.177 14.181  1.00 42.81 ? 108 ASP B CG  1 
ATOM   1376 O OD1 . ASP B 1 86 ? -8.152  -14.508 14.930  1.00 50.43 ? 108 ASP B OD1 1 
ATOM   1377 O OD2 . ASP B 1 86 ? -6.009  -14.411 14.448  1.00 49.20 ? 108 ASP B OD2 1 
ATOM   1378 N N   . ASN B 1 87 ? -9.912  -13.215 10.792  1.00 27.96 ? 109 ASN B N   1 
ATOM   1379 C CA  . ASN B 1 87 ? -11.320 -12.887 10.614  1.00 30.57 ? 109 ASN B CA  1 
ATOM   1380 C C   . ASN B 1 87 ? -11.619 -12.551 9.151   1.00 29.58 ? 109 ASN B C   1 
ATOM   1381 O O   . ASN B 1 87 ? -11.885 -11.398 8.815   1.00 29.87 ? 109 ASN B O   1 
ATOM   1382 C CB  . ASN B 1 87 ? -11.700 -11.730 11.553  1.00 32.16 ? 109 ASN B CB  1 
ATOM   1383 C CG  . ASN B 1 87 ? -13.148 -11.287 11.396  1.00 37.00 ? 109 ASN B CG  1 
ATOM   1384 O OD1 . ASN B 1 87 ? -13.425 -10.156 10.988  1.00 32.47 ? 109 ASN B OD1 1 
ATOM   1385 N ND2 . ASN B 1 87 ? -14.075 -12.180 11.718  1.00 42.82 ? 109 ASN B ND2 1 
ATOM   1386 N N   . PRO B 1 88 ? -11.564 -13.567 8.270   1.00 32.42 ? 110 PRO B N   1 
ATOM   1387 C CA  . PRO B 1 88 ? -11.782 -13.338 6.833   1.00 37.43 ? 110 PRO B CA  1 
ATOM   1388 C C   . PRO B 1 88 ? -13.191 -12.827 6.556   1.00 40.76 ? 110 PRO B C   1 
ATOM   1389 O O   . PRO B 1 88 ? -13.434 -12.157 5.547   1.00 38.86 ? 110 PRO B O   1 
ATOM   1390 C CB  . PRO B 1 88 ? -11.576 -14.728 6.217   1.00 33.12 ? 110 PRO B CB  1 
ATOM   1391 C CG  . PRO B 1 88 ? -11.785 -15.687 7.338   1.00 32.46 ? 110 PRO B CG  1 
ATOM   1392 C CD  . PRO B 1 88 ? -11.306 -14.987 8.570   1.00 33.01 ? 110 PRO B CD  1 
ATOM   1393 N N   . GLU B 1 89 ? -14.099 -13.129 7.478   1.00 42.09 ? 111 GLU B N   1 
ATOM   1394 C CA  . GLU B 1 89 ? -15.486 -12.698 7.399   1.00 38.78 ? 111 GLU B CA  1 
ATOM   1395 C C   . GLU B 1 89 ? -15.572 -11.172 7.488   1.00 44.82 ? 111 GLU B C   1 
ATOM   1396 O O   . GLU B 1 89 ? -16.562 -10.576 7.065   1.00 48.50 ? 111 GLU B O   1 
ATOM   1397 C CB  . GLU B 1 89 ? -16.288 -13.351 8.531   1.00 41.93 ? 111 GLU B CB  1 
ATOM   1398 C CG  . GLU B 1 89 ? -15.949 -14.830 8.762   1.00 46.20 ? 111 GLU B CG  1 
ATOM   1399 C CD  . GLU B 1 89 ? -15.395 -15.117 10.158  1.00 55.56 ? 111 GLU B CD  1 
ATOM   1400 O OE1 . GLU B 1 89 ? -14.348 -15.794 10.259  1.00 53.37 ? 111 GLU B OE1 1 
ATOM   1401 O OE2 . GLU B 1 89 ? -16.014 -14.680 11.158  1.00 62.36 ? 111 GLU B OE2 1 
ATOM   1402 N N   . GLU B 1 90 ? -14.521 -10.557 8.034   1.00 43.20 ? 112 GLU B N   1 
ATOM   1403 C CA  . GLU B 1 90 ? -14.399 -9.100  8.143   1.00 40.18 ? 112 GLU B CA  1 
ATOM   1404 C C   . GLU B 1 90 ? -15.478 -8.489  9.027   1.00 43.63 ? 112 GLU B C   1 
ATOM   1405 O O   . GLU B 1 90 ? -15.951 -7.383  8.760   1.00 38.00 ? 112 GLU B O   1 
ATOM   1406 C CB  . GLU B 1 90 ? -14.424 -8.430  6.766   1.00 35.62 ? 112 GLU B CB  1 
ATOM   1407 C CG  . GLU B 1 90 ? -13.388 -8.935  5.788   1.00 42.27 ? 112 GLU B CG  1 
ATOM   1408 C CD  . GLU B 1 90 ? -13.352 -8.114  4.503   1.00 47.39 ? 112 GLU B CD  1 
ATOM   1409 O OE1 . GLU B 1 90 ? -13.672 -8.664  3.427   1.00 51.23 ? 112 GLU B OE1 1 
ATOM   1410 O OE2 . GLU B 1 90 ? -13.000 -6.916  4.567   1.00 40.64 ? 112 GLU B OE2 1 
ATOM   1411 N N   . ASP B 1 91 ? -15.863 -9.200  10.082  1.00 40.25 ? 113 ASP B N   1 
ATOM   1412 C CA  . ASP B 1 91 ? -16.973 -8.750  10.912  1.00 37.41 ? 113 ASP B CA  1 
ATOM   1413 C C   . ASP B 1 91 ? -16.582 -8.467  12.361  1.00 40.05 ? 113 ASP B C   1 
ATOM   1414 O O   . ASP B 1 91 ? -17.403 -7.992  13.139  1.00 46.16 ? 113 ASP B O   1 
ATOM   1415 C CB  . ASP B 1 91 ? -18.125 -9.760  10.865  1.00 36.66 ? 113 ASP B CB  1 
ATOM   1416 C CG  . ASP B 1 91 ? -17.794 -11.057 11.574  1.00 43.46 ? 113 ASP B CG  1 
ATOM   1417 O OD1 . ASP B 1 91 ? -16.598 -11.412 11.642  1.00 48.44 ? 113 ASP B OD1 1 
ATOM   1418 O OD2 . ASP B 1 91 ? -18.726 -11.725 12.069  1.00 46.54 ? 113 ASP B OD2 1 
ATOM   1419 N N   . LYS B 1 92 ? -15.340 -8.763  12.731  1.00 33.87 ? 114 LYS B N   1 
ATOM   1420 C CA  . LYS B 1 92 ? -14.881 -8.478  14.085  1.00 26.96 ? 114 LYS B CA  1 
ATOM   1421 C C   . LYS B 1 92 ? -13.577 -7.683  14.109  1.00 24.17 ? 114 LYS B C   1 
ATOM   1422 O O   . LYS B 1 92 ? -12.556 -8.198  14.555  1.00 24.20 ? 114 LYS B O   1 
ATOM   1423 C CB  . LYS B 1 92 ? -14.694 -9.777  14.869  1.00 32.20 ? 114 LYS B CB  1 
ATOM   1424 C CG  . LYS B 1 92 ? -15.909 -10.698 14.877  1.00 41.92 ? 114 LYS B CG  1 
ATOM   1425 C CD  . LYS B 1 92 ? -15.680 -11.904 15.786  1.00 52.43 ? 114 LYS B CD  1 
ATOM   1426 C CE  . LYS B 1 92 ? -16.817 -12.918 15.688  1.00 53.55 ? 114 LYS B CE  1 
ATOM   1427 N NZ  . LYS B 1 92 ? -16.690 -13.997 16.719  1.00 53.86 ? 114 LYS B NZ  1 
ATOM   1428 N N   . PRO B 1 93 ? -13.603 -6.424  13.636  1.00 22.04 ? 115 PRO B N   1 
ATOM   1429 C CA  . PRO B 1 93 ? -12.371 -5.628  13.654  1.00 16.28 ? 115 PRO B CA  1 
ATOM   1430 C C   . PRO B 1 93 ? -12.014 -5.191  15.070  1.00 21.25 ? 115 PRO B C   1 
ATOM   1431 O O   . PRO B 1 93 ? -12.874 -5.164  15.945  1.00 19.47 ? 115 PRO B O   1 
ATOM   1432 C CB  . PRO B 1 93 ? -12.735 -4.405  12.810  1.00 21.13 ? 115 PRO B CB  1 
ATOM   1433 C CG  . PRO B 1 93 ? -14.212 -4.257  13.001  1.00 20.55 ? 115 PRO B CG  1 
ATOM   1434 C CD  . PRO B 1 93 ? -14.736 -5.667  13.072  1.00 24.62 ? 115 PRO B CD  1 
ATOM   1435 N N   . ILE B 1 94 ? -10.743 -4.883  15.288  1.00 17.25 ? 116 ILE B N   1 
ATOM   1436 C CA  . ILE B 1 94 ? -10.289 -4.317  16.548  1.00 14.89 ? 116 ILE B CA  1 
ATOM   1437 C C   . ILE B 1 94 ? -10.498 -2.803  16.475  1.00 16.90 ? 116 ILE B C   1 
ATOM   1438 O O   . ILE B 1 94 ? -10.164 -2.200  15.464  1.00 12.90 ? 116 ILE B O   1 
ATOM   1439 C CB  . ILE B 1 94 ? -8.807  -4.639  16.752  1.00 12.10 ? 116 ILE B CB  1 
ATOM   1440 C CG1 . ILE B 1 94 ? -8.648  -6.128  17.077  1.00 14.20 ? 116 ILE B CG1 1 
ATOM   1441 C CG2 . ILE B 1 94 ? -8.205  -3.785  17.842  1.00 13.09 ? 116 ILE B CG2 1 
ATOM   1442 C CD1 . ILE B 1 94 ? -7.222  -6.549  17.264  1.00 17.17 ? 116 ILE B CD1 1 
ATOM   1443 N N   . SER B 1 95 ? -11.066 -2.201  17.520  1.00 14.29 ? 117 SER B N   1 
ATOM   1444 C CA  . SER B 1 95 ? -11.343 -0.750  17.524  1.00 13.75 ? 117 SER B CA  1 
ATOM   1445 C C   . SER B 1 95 ? -10.264 0.020   18.271  1.00 12.61 ? 117 SER B C   1 
ATOM   1446 O O   . SER B 1 95 ? -9.760  -0.432  19.300  1.00 16.62 ? 117 SER B O   1 
ATOM   1447 C CB  . SER B 1 95 ? -12.702 -0.443  18.154  1.00 15.35 ? 117 SER B CB  1 
ATOM   1448 O OG  . SER B 1 95 ? -13.752 -1.110  17.473  1.00 23.75 ? 117 SER B OG  1 
ATOM   1449 N N   . CYS B 1 96 ? -9.924  1.191   17.753  1.00 11.04 ? 118 CYS B N   1 
ATOM   1450 C CA  . CYS B 1 96 ? -8.843  2.002   18.289  1.00 12.86 ? 118 CYS B CA  1 
ATOM   1451 C C   . CYS B 1 96 ? -9.262  3.451   18.278  1.00 13.22 ? 118 CYS B C   1 
ATOM   1452 O O   . CYS B 1 96 ? -10.088 3.854   17.453  1.00 10.14 ? 118 CYS B O   1 
ATOM   1453 C CB  . CYS B 1 96 ? -7.601  1.874   17.404  1.00 17.41 ? 118 CYS B CB  1 
ATOM   1454 S SG  . CYS B 1 96 ? -7.156  0.180   17.003  1.00 20.89 ? 118 CYS B SG  1 
ATOM   1455 N N   . VAL B 1 97 ? -8.695  4.235   19.194  1.00 14.01 ? 119 VAL B N   1 
ATOM   1456 C CA  . VAL B 1 97 ? -8.928  5.674   19.207  1.00 12.15 ? 119 VAL B CA  1 
ATOM   1457 C C   . VAL B 1 97 ? -7.610  6.457   19.186  1.00 12.80 ? 119 VAL B C   1 
ATOM   1458 O O   . VAL B 1 97 ? -6.640  6.116   19.872  1.00 12.48 ? 119 VAL B O   1 
ATOM   1459 C CB  . VAL B 1 97 ? -9.877  6.137   20.370  1.00 16.46 ? 119 VAL B CB  1 
ATOM   1460 C CG1 . VAL B 1 97 ? -10.528 4.965   21.040  1.00 13.20 ? 119 VAL B CG1 1 
ATOM   1461 C CG2 . VAL B 1 97 ? -9.146  7.005   21.388  1.00 17.11 ? 119 VAL B CG2 1 
ATOM   1462 N N   . GLU B 1 98 ? -7.577  7.485   18.351  1.00 11.62 ? 120 GLU B N   1 
ATOM   1463 C CA  . GLU B 1 98 ? -6.428  8.365   18.258  1.00 17.93 ? 120 GLU B CA  1 
ATOM   1464 C C   . GLU B 1 98 ? -6.183  9.052   19.600  1.00 20.77 ? 120 GLU B C   1 
ATOM   1465 O O   . GLU B 1 98 ? -7.122  9.520   20.238  1.00 16.55 ? 120 GLU B O   1 
ATOM   1466 C CB  . GLU B 1 98 ? -6.680  9.412   17.169  1.00 16.95 ? 120 GLU B CB  1 
ATOM   1467 C CG  . GLU B 1 98 ? -5.601  10.460  17.058  1.00 20.16 ? 120 GLU B CG  1 
ATOM   1468 C CD  . GLU B 1 98 ? -5.920  11.493  15.997  1.00 24.54 ? 120 GLU B CD  1 
ATOM   1469 O OE1 . GLU B 1 98 ? -6.688  11.172  15.064  1.00 19.05 ? 120 GLU B OE1 1 
ATOM   1470 O OE2 . GLU B 1 98 ? -5.409  12.627  16.102  1.00 31.24 ? 120 GLU B OE2 1 
ATOM   1471 N N   . GLN B 1 99 ? -4.927  9.096   20.032  1.00 21.23 ? 121 GLN B N   1 
ATOM   1472 C CA  . GLN B 1 99 ? -4.576  9.723   21.305  1.00 23.02 ? 121 GLN B CA  1 
ATOM   1473 C C   . GLN B 1 99 ? -4.246  11.203  21.127  1.00 23.00 ? 121 GLN B C   1 
ATOM   1474 O O   . GLN B 1 99 ? -3.470  11.566  20.238  1.00 33.07 ? 121 GLN B O   1 
ATOM   1475 C CB  . GLN B 1 99 ? -3.398  8.997   21.960  1.00 20.82 ? 121 GLN B CB  1 
ATOM   1476 C CG  . GLN B 1 99 ? -3.707  7.555   22.360  1.00 20.80 ? 121 GLN B CG  1 
ATOM   1477 C CD  . GLN B 1 99 ? -4.930  7.455   23.253  1.00 26.80 ? 121 GLN B CD  1 
ATOM   1478 O OE1 . GLN B 1 99 ? -4.859  7.712   24.455  1.00 36.76 ? 121 GLN B OE1 1 
ATOM   1479 N NE2 . GLN B 1 99 ? -6.063  7.080   22.667  1.00 24.99 ? 121 GLN B NE2 1 
HETATM 1480 O O   . HOH C 2 .  ? -0.954  5.639   -4.301  1.00 5.56  ? 201 HOH A O   1 
HETATM 1481 O O   . HOH C 2 .  ? 8.211   2.771   -11.217 1.00 16.03 ? 202 HOH A O   1 
HETATM 1482 O O   . HOH C 2 .  ? -1.074  -11.472 -3.125  1.00 11.85 ? 203 HOH A O   1 
HETATM 1483 O O   . HOH C 2 .  ? 3.064   -8.026  2.073   1.00 12.60 ? 204 HOH A O   1 
HETATM 1484 O O   . HOH C 2 .  ? 3.071   -5.028  1.873   1.00 6.38  ? 205 HOH A O   1 
HETATM 1485 O O   . HOH C 2 .  ? 5.502   4.183   -16.985 1.00 16.51 ? 206 HOH A O   1 
HETATM 1486 O O   . HOH C 2 .  ? 9.037   -7.546  7.482   1.00 13.41 ? 207 HOH A O   1 
HETATM 1487 O O   . HOH C 2 .  ? 8.384   -14.486 5.624   1.00 11.03 ? 208 HOH A O   1 
HETATM 1488 O O   . HOH C 2 .  ? 4.394   -10.373 -14.052 1.00 20.03 ? 209 HOH A O   1 
HETATM 1489 O O   . HOH C 2 .  ? 12.617  4.757   -6.269  1.00 11.79 ? 210 HOH A O   1 
HETATM 1490 O O   . HOH C 2 .  ? 4.026   -7.238  5.395   1.00 7.17  ? 211 HOH A O   1 
HETATM 1491 O O   . HOH C 2 .  ? -7.436  -0.098  -4.825  1.00 10.29 ? 212 HOH A O   1 
HETATM 1492 O O   . HOH C 2 .  ? 5.627   -9.280  -8.641  1.00 18.91 ? 213 HOH A O   1 
HETATM 1493 O O   . HOH C 2 .  ? 11.867  5.035   -9.229  1.00 18.52 ? 214 HOH A O   1 
HETATM 1494 O O   . HOH C 2 .  ? 3.598   8.219   -14.294 1.00 23.00 ? 215 HOH A O   1 
HETATM 1495 O O   . HOH C 2 .  ? 16.360  -1.665  -10.595 1.00 28.03 ? 216 HOH A O   1 
HETATM 1496 O O   . HOH C 2 .  ? -2.857  -11.111 -13.196 1.00 19.80 ? 217 HOH A O   1 
HETATM 1497 O O   . HOH C 2 .  ? 9.278   -6.342  9.453   1.00 22.96 ? 218 HOH A O   1 
HETATM 1498 O O   . HOH C 2 .  ? -1.411  -13.573 -0.003  1.00 23.02 ? 219 HOH A O   1 
HETATM 1499 O O   . HOH C 2 .  ? 6.861   -9.030  -24.560 1.00 23.59 ? 220 HOH A O   1 
HETATM 1500 O O   . HOH C 2 .  ? 6.683   -9.317  -13.117 1.00 20.03 ? 221 HOH A O   1 
HETATM 1501 O O   . HOH C 2 .  ? 7.358   -8.617  -6.728  1.00 17.05 ? 222 HOH A O   1 
HETATM 1502 O O   . HOH C 2 .  ? -8.143  -14.256 -4.601  1.00 22.09 ? 223 HOH A O   1 
HETATM 1503 O O   . HOH C 2 .  ? 3.366   -15.820 -9.844  1.00 29.96 ? 224 HOH A O   1 
HETATM 1504 O O   . HOH C 2 .  ? -1.783  7.600   -5.425  1.00 15.32 ? 225 HOH A O   1 
HETATM 1505 O O   . HOH C 2 .  ? 12.601  11.336  2.660   1.00 25.58 ? 226 HOH A O   1 
HETATM 1506 O O   . HOH C 2 .  ? -7.282  -15.558 -5.944  1.00 28.76 ? 227 HOH A O   1 
HETATM 1507 O O   . HOH C 2 .  ? 12.990  -9.362  0.660   1.00 28.12 ? 228 HOH A O   1 
HETATM 1508 O O   . HOH C 2 .  ? 0.964   -11.840 0.484   1.00 17.19 ? 229 HOH A O   1 
HETATM 1509 O O   . HOH C 2 .  ? 9.769   -8.027  -6.482  1.00 27.02 ? 230 HOH A O   1 
HETATM 1510 O O   . HOH C 2 .  ? -2.099  4.883   -17.105 1.00 23.83 ? 231 HOH A O   1 
HETATM 1511 O O   . HOH C 2 .  ? 10.734  8.817   8.756   1.00 23.93 ? 232 HOH A O   1 
HETATM 1512 O O   . HOH C 2 .  ? 10.138  11.432  3.258   1.00 20.81 ? 233 HOH A O   1 
HETATM 1513 O O   . HOH C 2 .  ? 0.900   -18.086 -7.188  1.00 22.92 ? 234 HOH A O   1 
HETATM 1514 O O   . HOH C 2 .  ? 12.486  -4.711  -17.248 1.00 23.76 ? 235 HOH A O   1 
HETATM 1515 O O   . HOH C 2 .  ? 16.759  -8.864  6.114   1.00 35.61 ? 236 HOH A O   1 
HETATM 1516 O O   . HOH C 2 .  ? -1.913  -0.859  -26.678 1.00 22.60 ? 237 HOH A O   1 
HETATM 1517 O O   . HOH C 2 .  ? -10.094 1.699   -17.099 1.00 29.63 ? 238 HOH A O   1 
HETATM 1518 O O   . HOH C 2 .  ? -1.785  2.745   -18.325 1.00 29.98 ? 239 HOH A O   1 
HETATM 1519 O O   . HOH C 2 .  ? -4.683  4.334   -15.784 1.00 34.37 ? 240 HOH A O   1 
HETATM 1520 O O   . HOH C 2 .  ? 15.218  -8.327  0.517   1.00 29.48 ? 241 HOH A O   1 
HETATM 1521 O O   . HOH C 2 .  ? 14.189  -8.340  2.574   1.00 28.56 ? 242 HOH A O   1 
HETATM 1522 O O   . HOH C 2 .  ? 10.140  9.892   6.505   1.00 24.34 ? 243 HOH A O   1 
HETATM 1523 O O   . HOH C 2 .  ? 9.372   2.223   8.579   1.00 29.13 ? 244 HOH A O   1 
HETATM 1524 O O   . HOH C 2 .  ? 7.851   3.758   -18.657 1.00 27.77 ? 245 HOH A O   1 
HETATM 1525 O O   . HOH C 2 .  ? -11.547 -4.848  -3.859  1.00 38.04 ? 246 HOH A O   1 
HETATM 1526 O O   . HOH C 2 .  ? 5.962   4.687   -19.084 1.00 30.23 ? 247 HOH A O   1 
HETATM 1527 O O   . HOH C 2 .  ? 0.374   3.486   -17.984 1.00 28.36 ? 248 HOH A O   1 
HETATM 1528 O O   . HOH C 2 .  ? 3.748   -3.258  -27.210 1.00 37.37 ? 249 HOH A O   1 
HETATM 1529 O O   . HOH C 2 .  ? 1.436   -11.910 -2.784  1.00 22.25 ? 250 HOH A O   1 
HETATM 1530 O O   . HOH C 2 .  ? 3.940   -13.170 -9.131  1.00 22.91 ? 251 HOH A O   1 
HETATM 1531 O O   . HOH C 2 .  ? -5.319  -15.685 -6.851  1.00 33.88 ? 252 HOH A O   1 
HETATM 1532 O O   . HOH C 2 .  ? 3.302   -17.348 -8.476  1.00 35.84 ? 253 HOH A O   1 
HETATM 1533 O O   . HOH C 2 .  ? -8.190  -0.944  -15.636 1.00 22.49 ? 254 HOH A O   1 
HETATM 1534 O O   . HOH C 2 .  ? 13.851  -1.211  15.211  1.00 55.44 ? 255 HOH A O   1 
HETATM 1535 O O   . HOH C 2 .  ? 14.248  17.607  0.726   1.00 25.12 ? 256 HOH A O   1 
HETATM 1536 O O   . HOH D 2 .  ? 3.186   -4.702  4.630   1.00 6.24  ? 201 HOH B O   1 
HETATM 1537 O O   . HOH D 2 .  ? -10.014 5.560   1.575   1.00 8.96  ? 202 HOH B O   1 
HETATM 1538 O O   . HOH D 2 .  ? 11.271  15.971  -11.018 1.00 9.48  ? 203 HOH B O   1 
HETATM 1539 O O   . HOH D 2 .  ? -10.683 -0.475  -1.601  1.00 9.74  ? 204 HOH B O   1 
HETATM 1540 O O   . HOH D 2 .  ? -1.999  5.611   -1.638  1.00 7.75  ? 205 HOH B O   1 
HETATM 1541 O O   . HOH D 2 .  ? -4.311  7.012   -2.414  1.00 11.21 ? 206 HOH B O   1 
HETATM 1542 O O   . HOH D 2 .  ? 2.635   -9.820  5.030   1.00 5.59  ? 207 HOH B O   1 
HETATM 1543 O O   . HOH D 2 .  ? -4.719  -8.354  14.714  1.00 13.88 ? 208 HOH B O   1 
HETATM 1544 O O   . HOH D 2 .  ? 2.018   12.661  6.670   1.00 15.44 ? 209 HOH B O   1 
HETATM 1545 O O   . HOH D 2 .  ? -2.491  11.979  0.344   1.00 12.49 ? 210 HOH B O   1 
HETATM 1546 O O   . HOH D 2 .  ? -6.887  -6.471  1.066   1.00 13.07 ? 211 HOH B O   1 
HETATM 1547 O O   . HOH D 2 .  ? -4.973  -6.363  3.069   1.00 7.23  ? 212 HOH B O   1 
HETATM 1548 O O   . HOH D 2 .  ? 7.135   -7.466  11.000  1.00 14.85 ? 213 HOH B O   1 
HETATM 1549 O O   . HOH D 2 .  ? -8.959  -1.601  -3.066  1.00 12.28 ? 214 HOH B O   1 
HETATM 1550 O O   . HOH D 2 .  ? 9.448   6.512   8.996   1.00 16.21 ? 215 HOH B O   1 
HETATM 1551 O O   . HOH D 2 .  ? -1.395  12.555  8.112   1.00 28.91 ? 216 HOH B O   1 
HETATM 1552 O O   . HOH D 2 .  ? 1.766   16.169  1.469   1.00 20.59 ? 217 HOH B O   1 
HETATM 1553 O O   . HOH D 2 .  ? -10.240 9.630   8.540   1.00 20.17 ? 218 HOH B O   1 
HETATM 1554 O O   . HOH D 2 .  ? -0.965  10.533  18.754  1.00 15.35 ? 219 HOH B O   1 
HETATM 1555 O O   . HOH D 2 .  ? -0.523  15.624  4.617   1.00 27.81 ? 220 HOH B O   1 
HETATM 1556 O O   . HOH D 2 .  ? -0.395  15.240  0.239   1.00 18.30 ? 221 HOH B O   1 
HETATM 1557 O O   . HOH D 2 .  ? -9.212  8.405   1.473   1.00 22.98 ? 222 HOH B O   1 
HETATM 1558 O O   . HOH D 2 .  ? 5.623   19.005  6.752   1.00 29.48 ? 223 HOH B O   1 
HETATM 1559 O O   . HOH D 2 .  ? -14.469 10.776  16.061  1.00 19.10 ? 224 HOH B O   1 
HETATM 1560 O O   . HOH D 2 .  ? 6.990   -7.262  7.585   1.00 22.42 ? 225 HOH B O   1 
HETATM 1561 O O   . HOH D 2 .  ? -13.448 3.087   11.104  1.00 18.90 ? 226 HOH B O   1 
HETATM 1562 O O   . HOH D 2 .  ? 21.169  -4.218  5.874   1.00 31.77 ? 227 HOH B O   1 
HETATM 1563 O O   . HOH D 2 .  ? 8.792   13.146  4.721   1.00 21.10 ? 228 HOH B O   1 
HETATM 1564 O O   . HOH D 2 .  ? -15.350 11.081  18.346  1.00 22.04 ? 229 HOH B O   1 
HETATM 1565 O O   . HOH D 2 .  ? 12.807  12.805  -6.823  1.00 12.70 ? 230 HOH B O   1 
HETATM 1566 O O   . HOH D 2 .  ? -7.135  6.285   -2.436  1.00 17.31 ? 231 HOH B O   1 
HETATM 1567 O O   . HOH D 2 .  ? 2.209   -11.285 2.192   1.00 16.21 ? 232 HOH B O   1 
HETATM 1568 O O   . HOH D 2 .  ? 4.440   18.539  -8.126  1.00 20.33 ? 233 HOH B O   1 
HETATM 1569 O O   . HOH D 2 .  ? -8.598  8.323   13.414  1.00 17.94 ? 234 HOH B O   1 
HETATM 1570 O O   . HOH D 2 .  ? -0.932  15.860  2.360   1.00 23.21 ? 235 HOH B O   1 
HETATM 1571 O O   . HOH D 2 .  ? 10.505  9.727   -10.458 1.00 31.33 ? 236 HOH B O   1 
HETATM 1572 O O   . HOH D 2 .  ? -8.673  7.046   -3.966  1.00 18.07 ? 237 HOH B O   1 
HETATM 1573 O O   . HOH D 2 .  ? 0.903   -8.082  16.209  1.00 16.09 ? 238 HOH B O   1 
HETATM 1574 O O   . HOH D 2 .  ? -13.281 8.157   1.769   1.00 23.98 ? 239 HOH B O   1 
HETATM 1575 O O   . HOH D 2 .  ? 4.780   13.567  13.973  1.00 19.83 ? 240 HOH B O   1 
HETATM 1576 O O   . HOH D 2 .  ? -18.042 2.890   3.523   1.00 40.38 ? 241 HOH B O   1 
HETATM 1577 O O   . HOH D 2 .  ? 0.246   14.089  13.675  1.00 32.34 ? 242 HOH B O   1 
HETATM 1578 O O   . HOH D 2 .  ? -7.916  -4.287  -1.275  1.00 25.93 ? 243 HOH B O   1 
HETATM 1579 O O   . HOH D 2 .  ? -12.922 11.292  8.100   1.00 39.83 ? 244 HOH B O   1 
HETATM 1580 O O   . HOH D 2 .  ? -6.234  8.789   8.411   1.00 15.30 ? 245 HOH B O   1 
HETATM 1581 O O   . HOH D 2 .  ? 2.401   13.934  14.318  1.00 35.20 ? 246 HOH B O   1 
HETATM 1582 O O   . HOH D 2 .  ? 4.331   3.750   13.109  1.00 17.86 ? 247 HOH B O   1 
HETATM 1583 O O   . HOH D 2 .  ? -2.353  -7.926  15.932  1.00 25.09 ? 248 HOH B O   1 
HETATM 1584 O O   . HOH D 2 .  ? -3.936  13.372  1.723   1.00 33.30 ? 249 HOH B O   1 
HETATM 1585 O O   . HOH D 2 .  ? -8.932  7.373   -1.532  1.00 24.86 ? 250 HOH B O   1 
HETATM 1586 O O   . HOH D 2 .  ? -13.346 11.589  20.143  1.00 25.96 ? 251 HOH B O   1 
HETATM 1587 O O   . HOH D 2 .  ? 10.728  14.332  6.490   1.00 29.06 ? 252 HOH B O   1 
HETATM 1588 O O   . HOH D 2 .  ? -3.704  10.805  7.399   1.00 27.60 ? 253 HOH B O   1 
HETATM 1589 O O   . HOH D 2 .  ? 9.211   -1.152  12.804  1.00 39.20 ? 254 HOH B O   1 
HETATM 1590 O O   . HOH D 2 .  ? 4.925   -7.464  7.424   1.00 17.60 ? 255 HOH B O   1 
# 
